data_3ABO
#
_entry.id   3ABO
#
_cell.length_a   242.760
_cell.length_b   242.760
_cell.length_c   76.460
_cell.angle_alpha   90.00
_cell.angle_beta   90.00
_cell.angle_gamma   120.00
#
_symmetry.space_group_name_H-M   'P 63'
#
loop_
_entity.id
_entity.type
_entity.pdbx_description
1 polymer 'Ethanolamine ammonia-lyase heavy chain'
2 polymer 'Ethanolamine ammonia-lyase light chain'
3 non-polymer ETHANOLAMINE
4 non-polymer GLYCEROL
5 non-polymer COBALAMIN
6 non-polymer 'SODIUM ION'
7 water water
#
loop_
_entity_poly.entity_id
_entity_poly.type
_entity_poly.pdbx_seq_one_letter_code
_entity_poly.pdbx_strand_id
1 'polypeptide(L)'
;MKLKTTLFGNVYQFKDVKEVLAKANELRSGDVLAGVAAASSQERVAAKQVLSEMTVADIRNNPVIAYEDDCVTRLIQDDV
NETAYNQIKNWSISELREYVLSDETSVDDIAFTRKGLTSEVVAAVAKICSNADLIYGAKKMPVIKKANTTIGIPGTFSAR
LQPNDTRDDVQSIAAQIYEGLSFGVGDAVIGVNPVTDDVENLSRVLDTIYGVIDKFNIPTQGCVLAHVTTQIEAIRRGAP
GGLIFQSICGSEKGLKEFGVELAMLDEARAVGAEFNRIAGENCLYFETGQGSALSAGANFGADQVTMEARNYGLARHYDP
FIVNTVVGFIGPEYLYNDRQIIRAGLEDHFMGKLSGISMGCDCCYTNHADADQNLNENLMILLATAGCNYIMGMPLGDDI
MLNYQTTAFHDTATVRQLLNLRPSPEFERWLESMGIMANGRLTKRAGDPSLFF
;
A,C
2 'polypeptide(L)'
;MDQSSHHHHHHMDQKQIEEIVRSVMASMGQAAPAPSEAKCATTNCAAPVTSESCALDLGSAEAKAWIGVENPHRADVLTE
LRRSTVARVCTGRAGPRPRTQALLRFLADHSRSKDTVLKEVPEEWVKAQGLLEVRSEISDKNLYLTRPDMGRRLCAEAVE
ALKAQCVANPDVQVVISDGLSTDAITVNYEEILPPLMAGLKQAGLKVGTPFFVRYGRVKIEDQIGEILGAKVVILLVGER
PGLGQSESLSCYAVYSPRMATTVEADRTCISNIHQGGTPPVEAAAVIVDLAKRMLEQKASGINMTR
;
B,D
#
# COMPACT_ATOMS: atom_id res chain seq x y z
N MET A 1 4.23 28.64 23.80
CA MET A 1 4.27 27.20 23.40
C MET A 1 5.67 26.61 23.54
N LYS A 2 5.75 25.28 23.57
CA LYS A 2 7.02 24.58 23.46
C LYS A 2 7.35 24.24 22.01
N LEU A 3 8.57 24.59 21.60
CA LEU A 3 9.09 24.19 20.28
C LEU A 3 10.08 23.03 20.41
N LYS A 4 9.94 22.25 21.47
CA LYS A 4 11.04 21.49 22.02
C LYS A 4 10.52 20.26 22.75
N THR A 5 11.14 19.11 22.49
CA THR A 5 10.98 17.94 23.35
C THR A 5 12.30 17.18 23.51
N THR A 6 12.37 16.34 24.54
CA THR A 6 13.48 15.40 24.72
C THR A 6 13.02 13.97 24.40
N LEU A 7 13.75 13.30 23.50
CA LEU A 7 13.43 11.92 23.10
C LEU A 7 14.66 11.00 23.20
N PHE A 8 14.52 9.93 24.00
CA PHE A 8 15.68 9.06 24.40
C PHE A 8 16.92 9.86 24.87
N GLY A 9 16.68 10.91 25.68
CA GLY A 9 17.77 11.65 26.32
C GLY A 9 18.32 12.78 25.45
N ASN A 10 17.88 12.81 24.18
CA ASN A 10 18.35 13.82 23.23
C ASN A 10 17.31 14.91 22.99
N VAL A 11 17.74 16.15 23.05
CA VAL A 11 16.85 17.29 22.89
C VAL A 11 16.61 17.59 21.40
N TYR A 12 15.34 17.65 21.01
CA TYR A 12 14.96 18.02 19.65
C TYR A 12 14.31 19.39 19.61
N GLN A 13 15.02 20.36 19.03
CA GLN A 13 14.54 21.74 18.96
C GLN A 13 14.13 22.10 17.53
N PHE A 14 12.99 22.79 17.40
CA PHE A 14 12.56 23.31 16.11
C PHE A 14 12.37 24.84 16.17
N LYS A 15 12.48 25.49 15.01
CA LYS A 15 12.53 26.96 14.95
C LYS A 15 11.15 27.58 15.14
N ASP A 16 10.15 27.00 14.46
CA ASP A 16 8.80 27.56 14.44
C ASP A 16 7.74 26.49 14.24
N VAL A 17 6.46 26.90 14.30
CA VAL A 17 5.32 26.01 13.99
C VAL A 17 5.45 25.40 12.58
N LYS A 18 5.83 26.24 11.61
CA LYS A 18 5.97 25.80 10.21
C LYS A 18 6.92 24.59 10.05
N GLU A 19 8.05 24.63 10.75
CA GLU A 19 9.02 23.51 10.76
C GLU A 19 8.44 22.26 11.46
N VAL A 20 7.78 22.48 12.60
CA VAL A 20 7.14 21.39 13.34
C VAL A 20 6.07 20.67 12.50
N LEU A 21 5.22 21.46 11.82
CA LEU A 21 4.20 20.93 10.89
C LEU A 21 4.81 20.12 9.75
N ALA A 22 5.94 20.62 9.21
CA ALA A 22 6.59 19.99 8.07
C ALA A 22 7.23 18.65 8.43
N LYS A 23 7.93 18.63 9.56
CA LYS A 23 8.76 17.47 9.92
C LYS A 23 7.92 16.36 10.58
N ALA A 24 6.70 16.72 10.99
CA ALA A 24 5.75 15.72 11.54
C ALA A 24 5.16 14.82 10.46
N ASN A 25 5.14 15.32 9.21
CA ASN A 25 4.75 14.51 8.04
C ASN A 25 5.45 13.16 7.99
N GLU A 26 4.70 12.11 7.70
CA GLU A 26 5.26 10.90 7.09
C GLU A 26 6.16 11.23 5.89
N LEU A 27 7.26 10.49 5.77
CA LEU A 27 8.26 10.71 4.69
C LEU A 27 7.59 10.73 3.31
N ARG A 28 7.81 11.82 2.57
CA ARG A 28 7.51 11.86 1.15
C ARG A 28 8.57 12.63 0.37
N SER A 29 8.65 12.37 -0.93
CA SER A 29 9.72 12.91 -1.77
C SER A 29 9.56 14.44 -1.96
N GLY A 30 8.34 14.93 -1.78
CA GLY A 30 8.06 16.35 -1.93
C GLY A 30 8.61 17.20 -0.81
N ASP A 31 8.52 16.68 0.42
CA ASP A 31 9.06 17.37 1.60
C ASP A 31 10.58 17.42 1.60
N VAL A 32 11.20 16.34 1.11
CA VAL A 32 12.66 16.29 0.89
C VAL A 32 13.09 17.30 -0.19
N LEU A 33 12.35 17.33 -1.30
CA LEU A 33 12.58 18.31 -2.39
C LEU A 33 12.38 19.76 -1.90
N ALA A 34 11.38 19.97 -1.04
CA ALA A 34 11.12 21.31 -0.47
C ALA A 34 12.16 21.70 0.58
N GLY A 35 12.89 20.70 1.08
CA GLY A 35 13.97 20.94 2.04
C GLY A 35 13.48 21.00 3.49
N VAL A 36 12.25 20.50 3.70
CA VAL A 36 11.54 20.76 4.95
C VAL A 36 11.27 19.47 5.75
N ALA A 37 11.70 18.33 5.20
CA ALA A 37 11.42 17.02 5.81
C ALA A 37 12.25 16.81 7.07
N ALA A 38 11.81 15.88 7.91
CA ALA A 38 12.63 15.39 9.02
C ALA A 38 13.92 14.72 8.52
N ALA A 39 14.98 14.83 9.29
CA ALA A 39 16.27 14.22 8.95
C ALA A 39 16.30 12.73 9.28
N SER A 40 15.46 12.33 10.24
CA SER A 40 15.37 10.93 10.65
C SER A 40 13.96 10.59 11.12
N SER A 41 13.73 9.30 11.37
CA SER A 41 12.50 8.84 12.02
C SER A 41 12.34 9.41 13.42
N GLN A 42 13.46 9.54 14.14
CA GLN A 42 13.45 10.08 15.51
C GLN A 42 13.00 11.55 15.54
N GLU A 43 13.49 12.35 14.58
CA GLU A 43 13.11 13.77 14.49
C GLU A 43 11.68 13.94 13.98
N ARG A 44 11.22 12.98 13.18
CA ARG A 44 9.80 12.91 12.78
C ARG A 44 8.87 12.72 13.98
N VAL A 45 9.21 11.76 14.84
CA VAL A 45 8.40 11.47 16.04
C VAL A 45 8.46 12.61 17.06
N ALA A 46 9.66 13.18 17.24
CA ALA A 46 9.83 14.37 18.08
C ALA A 46 8.96 15.54 17.59
N ALA A 47 8.94 15.76 16.27
CA ALA A 47 8.06 16.78 15.66
C ALA A 47 6.60 16.48 15.90
N LYS A 48 6.22 15.19 15.75
CA LYS A 48 4.86 14.75 16.03
C LYS A 48 4.44 15.05 17.47
N GLN A 49 5.35 14.76 18.42
CA GLN A 49 5.08 14.97 19.85
C GLN A 49 4.99 16.46 20.21
N VAL A 50 5.93 17.26 19.69
CA VAL A 50 5.86 18.74 19.82
C VAL A 50 4.54 19.29 19.26
N LEU A 51 4.18 18.84 18.05
CA LEU A 51 2.90 19.23 17.42
C LEU A 51 1.70 18.84 18.27
N SER A 52 1.71 17.59 18.77
CA SER A 52 0.58 17.05 19.55
C SER A 52 0.34 17.84 20.85
N GLU A 53 1.40 18.45 21.37
CA GLU A 53 1.33 19.17 22.64
C GLU A 53 1.01 20.66 22.45
N MET A 54 1.22 21.16 21.23
CA MET A 54 0.80 22.51 20.87
C MET A 54 -0.72 22.63 20.84
N THR A 55 -1.23 23.80 21.20
CA THR A 55 -2.67 24.02 21.26
C THR A 55 -3.24 24.37 19.90
N VAL A 56 -4.57 24.31 19.79
CA VAL A 56 -5.29 24.84 18.62
C VAL A 56 -4.97 26.34 18.37
N ALA A 57 -4.89 27.12 19.46
CA ALA A 57 -4.49 28.54 19.38
C ALA A 57 -3.08 28.72 18.77
N ASP A 58 -2.15 27.86 19.16
CA ASP A 58 -0.75 27.94 18.67
C ASP A 58 -0.67 27.85 17.16
N ILE A 59 -1.45 26.95 16.58
CA ILE A 59 -1.39 26.68 15.16
C ILE A 59 -2.33 27.61 14.35
N ARG A 60 -3.50 27.96 14.93
CA ARG A 60 -4.39 28.98 14.35
C ARG A 60 -3.68 30.33 14.18
N ASN A 61 -2.92 30.74 15.19
CA ASN A 61 -2.31 32.07 15.22
C ASN A 61 -0.95 32.12 14.52
N ASN A 62 -0.52 30.97 13.98
CA ASN A 62 0.66 30.93 13.11
C ASN A 62 0.39 30.22 11.77
N PRO A 63 -0.42 30.86 10.87
CA PRO A 63 -0.58 30.34 9.52
C PRO A 63 0.69 30.52 8.70
N VAL A 64 0.88 29.65 7.71
CA VAL A 64 2.20 29.46 7.11
C VAL A 64 2.53 30.59 6.11
N ILE A 65 1.48 31.24 5.58
CA ILE A 65 1.60 32.60 5.03
C ILE A 65 0.68 33.57 5.77
N ALA A 66 1.22 34.76 6.09
CA ALA A 66 0.59 35.65 7.08
C ALA A 66 -0.68 36.31 6.54
N TYR A 67 -1.55 36.77 7.47
CA TYR A 67 -2.85 37.34 7.12
C TYR A 67 -2.73 38.45 6.05
N GLU A 68 -1.85 39.42 6.32
CA GLU A 68 -1.80 40.66 5.52
C GLU A 68 -1.21 40.43 4.10
N ASP A 69 -0.57 39.26 3.91
CA ASP A 69 0.20 38.99 2.68
C ASP A 69 -0.52 38.03 1.72
N ASP A 70 -1.64 37.46 2.18
CA ASP A 70 -2.24 36.31 1.50
C ASP A 70 -3.75 36.29 1.64
N CYS A 71 -4.43 36.31 0.48
CA CYS A 71 -5.90 36.41 0.45
C CYS A 71 -6.59 35.09 0.81
N VAL A 72 -5.88 33.97 0.62
CA VAL A 72 -6.38 32.65 1.04
C VAL A 72 -6.35 32.51 2.57
N THR A 73 -5.24 32.93 3.18
CA THR A 73 -5.16 33.04 4.64
C THR A 73 -6.29 33.91 5.21
N ARG A 74 -6.53 35.07 4.58
CA ARG A 74 -7.61 35.97 5.01
C ARG A 74 -8.96 35.31 4.90
N LEU A 75 -9.20 34.62 3.79
CA LEU A 75 -10.47 33.92 3.56
C LEU A 75 -10.69 32.81 4.59
N ILE A 76 -9.62 32.06 4.90
CA ILE A 76 -9.69 30.98 5.89
C ILE A 76 -9.96 31.54 7.31
N GLN A 77 -9.22 32.58 7.69
CA GLN A 77 -9.30 33.17 9.04
C GLN A 77 -10.64 33.86 9.27
N ASP A 78 -11.14 34.57 8.24
CA ASP A 78 -12.37 35.36 8.36
C ASP A 78 -13.62 34.46 8.37
N ASP A 79 -13.46 33.20 7.99
CA ASP A 79 -14.58 32.25 7.93
C ASP A 79 -14.75 31.47 9.24
N VAL A 80 -13.82 31.66 10.16
CA VAL A 80 -13.87 31.01 11.47
C VAL A 80 -15.08 31.48 12.28
N ASN A 81 -15.88 30.53 12.78
CA ASN A 81 -16.74 30.77 13.93
C ASN A 81 -15.95 30.92 15.24
N GLU A 82 -15.90 32.15 15.74
CA GLU A 82 -15.01 32.49 16.85
C GLU A 82 -15.52 31.94 18.19
N THR A 83 -16.84 31.70 18.27
CA THR A 83 -17.43 31.02 19.44
C THR A 83 -17.02 29.54 19.49
N ALA A 84 -17.09 28.87 18.35
CA ALA A 84 -16.57 27.49 18.22
C ALA A 84 -15.05 27.43 18.49
N TYR A 85 -14.33 28.42 17.96
CA TYR A 85 -12.88 28.51 18.18
C TYR A 85 -12.53 28.64 19.67
N ASN A 86 -13.24 29.54 20.37
CA ASN A 86 -12.94 29.85 21.79
C ASN A 86 -13.18 28.65 22.71
N GLN A 87 -14.10 27.75 22.31
CA GLN A 87 -14.36 26.52 23.05
C GLN A 87 -13.18 25.54 23.00
N ILE A 88 -12.45 25.57 21.89
CA ILE A 88 -11.45 24.51 21.60
C ILE A 88 -10.00 25.05 21.53
N LYS A 89 -9.83 26.36 21.75
CA LYS A 89 -8.54 27.03 21.44
C LYS A 89 -7.39 26.57 22.36
N ASN A 90 -7.75 26.13 23.58
CA ASN A 90 -6.74 25.65 24.54
C ASN A 90 -6.64 24.11 24.57
N TRP A 91 -7.40 23.44 23.71
CA TRP A 91 -7.15 22.01 23.39
C TRP A 91 -5.79 21.85 22.74
N SER A 92 -5.02 20.87 23.20
CA SER A 92 -3.89 20.35 22.43
C SER A 92 -4.36 19.62 21.16
N ILE A 93 -3.46 19.51 20.18
CA ILE A 93 -3.75 18.76 18.94
C ILE A 93 -3.93 17.25 19.21
N SER A 94 -3.20 16.74 20.22
CA SER A 94 -3.45 15.38 20.75
C SER A 94 -4.91 15.20 21.20
N GLU A 95 -5.43 16.19 21.92
CA GLU A 95 -6.80 16.14 22.42
C GLU A 95 -7.83 16.28 21.30
N LEU A 96 -7.49 17.08 20.29
CA LEU A 96 -8.37 17.26 19.13
C LEU A 96 -8.45 16.00 18.27
N ARG A 97 -7.30 15.35 18.05
CA ARG A 97 -7.25 14.03 17.40
C ARG A 97 -8.16 13.02 18.09
N GLU A 98 -8.04 12.92 19.42
CA GLU A 98 -8.81 11.95 20.20
C GLU A 98 -10.31 12.30 20.22
N TYR A 99 -10.60 13.60 20.21
CA TYR A 99 -11.98 14.09 20.07
C TYR A 99 -12.61 13.66 18.75
N VAL A 100 -11.89 13.89 17.64
CA VAL A 100 -12.35 13.48 16.31
C VAL A 100 -12.61 11.96 16.23
N LEU A 101 -11.71 11.18 16.85
CA LEU A 101 -11.74 9.72 16.70
C LEU A 101 -12.77 9.05 17.63
N SER A 102 -13.20 9.80 18.66
CA SER A 102 -14.06 9.24 19.71
C SER A 102 -15.44 8.85 19.17
N ASP A 103 -15.92 7.68 19.59
CA ASP A 103 -17.27 7.22 19.25
C ASP A 103 -18.36 8.01 20.00
N GLU A 104 -17.95 8.76 21.02
CA GLU A 104 -18.87 9.65 21.75
C GLU A 104 -18.93 11.05 21.10
N THR A 105 -18.12 11.26 20.09
CA THR A 105 -18.24 12.45 19.27
C THR A 105 -19.11 12.18 18.06
N SER A 106 -20.25 12.88 18.00
CA SER A 106 -21.22 12.67 16.94
C SER A 106 -20.88 13.51 15.70
N VAL A 107 -21.54 13.19 14.58
CA VAL A 107 -21.52 14.04 13.37
C VAL A 107 -21.91 15.51 13.69
N ASP A 108 -22.93 15.68 14.56
CA ASP A 108 -23.39 17.03 14.94
C ASP A 108 -22.39 17.77 15.84
N ASP A 109 -21.70 17.03 16.72
CA ASP A 109 -20.60 17.60 17.54
C ASP A 109 -19.50 18.20 16.65
N ILE A 110 -19.05 17.42 15.67
CA ILE A 110 -17.98 17.84 14.77
C ILE A 110 -18.44 18.95 13.82
N ALA A 111 -19.74 18.96 13.51
CA ALA A 111 -20.34 20.01 12.67
C ALA A 111 -20.07 21.41 13.21
N PHE A 112 -20.24 21.60 14.51
CA PHE A 112 -19.92 22.88 15.16
C PHE A 112 -18.42 23.05 15.39
N THR A 113 -17.76 21.98 15.86
CA THR A 113 -16.34 22.06 16.25
C THR A 113 -15.44 22.45 15.08
N ARG A 114 -15.73 21.90 13.89
CA ARG A 114 -14.89 22.15 12.69
C ARG A 114 -14.93 23.62 12.23
N LYS A 115 -15.98 24.35 12.65
CA LYS A 115 -16.11 25.78 12.32
C LYS A 115 -15.13 26.63 13.14
N GLY A 116 -14.59 26.06 14.21
CA GLY A 116 -13.55 26.72 15.00
C GLY A 116 -12.14 26.43 14.53
N LEU A 117 -12.02 25.62 13.47
CA LEU A 117 -10.72 25.21 12.94
C LEU A 117 -10.25 26.14 11.83
N THR A 118 -8.93 26.25 11.67
CA THR A 118 -8.35 26.65 10.39
C THR A 118 -7.65 25.48 9.72
N SER A 119 -7.23 25.69 8.47
CA SER A 119 -6.66 24.61 7.66
C SER A 119 -5.37 24.07 8.25
N GLU A 120 -4.57 24.96 8.83
CA GLU A 120 -3.33 24.57 9.50
C GLU A 120 -3.60 23.62 10.68
N VAL A 121 -4.66 23.90 11.45
CA VAL A 121 -5.09 23.01 12.55
C VAL A 121 -5.59 21.66 12.00
N VAL A 122 -6.34 21.71 10.91
CA VAL A 122 -6.81 20.51 10.21
C VAL A 122 -5.61 19.65 9.74
N ALA A 123 -4.62 20.31 9.14
CA ALA A 123 -3.34 19.66 8.80
C ALA A 123 -2.66 19.04 10.03
N ALA A 124 -2.66 19.79 11.14
CA ALA A 124 -1.94 19.36 12.36
C ALA A 124 -2.48 18.04 12.93
N VAL A 125 -3.81 17.86 12.86
CA VAL A 125 -4.45 16.61 13.31
C VAL A 125 -4.06 15.43 12.42
N ALA A 126 -4.14 15.62 11.10
CA ALA A 126 -3.80 14.56 10.12
C ALA A 126 -2.37 14.05 10.33
N LYS A 127 -1.48 14.95 10.76
CA LYS A 127 -0.05 14.65 10.83
C LYS A 127 0.28 13.69 11.96
N ILE A 128 -0.57 13.66 12.99
CA ILE A 128 -0.40 12.74 14.11
C ILE A 128 -1.43 11.61 14.08
N CYS A 129 -2.02 11.38 12.90
CA CYS A 129 -2.90 10.24 12.69
C CYS A 129 -2.18 9.11 11.96
N SER A 130 -2.43 7.89 12.40
CA SER A 130 -2.07 6.70 11.62
C SER A 130 -3.00 6.54 10.41
N ASN A 131 -2.72 5.55 9.57
CA ASN A 131 -3.53 5.30 8.38
C ASN A 131 -4.97 4.90 8.73
N ALA A 132 -5.10 4.02 9.72
CA ALA A 132 -6.42 3.60 10.20
C ALA A 132 -7.15 4.75 10.92
N ASP A 133 -6.38 5.61 11.62
CA ASP A 133 -6.94 6.88 12.18
C ASP A 133 -7.57 7.74 11.10
N LEU A 134 -6.83 7.92 9.98
CA LEU A 134 -7.30 8.76 8.87
C LEU A 134 -8.54 8.18 8.21
N ILE A 135 -8.59 6.86 8.12
CA ILE A 135 -9.71 6.18 7.49
C ILE A 135 -10.96 6.19 8.37
N TYR A 136 -10.81 5.82 9.65
CA TYR A 136 -11.94 5.77 10.58
C TYR A 136 -12.46 7.16 10.89
N GLY A 137 -11.53 8.10 11.11
CA GLY A 137 -11.88 9.49 11.38
C GLY A 137 -12.67 10.14 10.26
N ALA A 138 -12.23 9.93 9.02
CA ALA A 138 -12.93 10.45 7.84
C ALA A 138 -14.33 9.83 7.71
N LYS A 139 -14.42 8.53 8.02
CA LYS A 139 -15.66 7.77 7.86
C LYS A 139 -16.79 8.31 8.76
N LYS A 140 -16.43 8.72 9.98
CA LYS A 140 -17.41 9.25 10.92
C LYS A 140 -17.63 10.77 10.74
N MET A 141 -17.04 11.34 9.68
CA MET A 141 -17.32 12.72 9.29
C MET A 141 -17.90 12.82 7.85
N PRO A 142 -19.15 12.34 7.65
CA PRO A 142 -19.76 12.44 6.32
C PRO A 142 -20.01 13.89 5.91
N VAL A 143 -19.88 14.19 4.64
CA VAL A 143 -20.29 15.47 4.10
C VAL A 143 -21.19 15.27 2.90
N ILE A 144 -22.42 15.78 3.00
CA ILE A 144 -23.45 15.52 2.01
C ILE A 144 -23.78 16.82 1.24
N LYS A 145 -23.72 16.74 -0.09
CA LYS A 145 -24.14 17.86 -0.94
C LYS A 145 -25.11 17.38 -2.02
N LYS A 146 -25.73 18.33 -2.71
CA LYS A 146 -26.78 18.02 -3.66
C LYS A 146 -26.68 18.90 -4.89
N ALA A 147 -26.51 18.28 -6.06
CA ALA A 147 -26.75 18.94 -7.32
C ALA A 147 -28.05 18.45 -7.97
N ASN A 148 -27.92 17.68 -9.05
CA ASN A 148 -29.02 16.82 -9.51
C ASN A 148 -28.93 15.41 -8.94
N THR A 149 -27.78 15.09 -8.33
CA THR A 149 -27.66 13.95 -7.45
C THR A 149 -27.29 14.37 -6.05
N THR A 150 -27.63 13.53 -5.08
CA THR A 150 -27.08 13.65 -3.74
C THR A 150 -25.82 12.81 -3.60
N ILE A 151 -24.74 13.44 -3.14
CA ILE A 151 -23.48 12.73 -2.92
C ILE A 151 -23.10 12.73 -1.42
N GLY A 152 -22.54 11.62 -0.96
CA GLY A 152 -21.84 11.60 0.33
C GLY A 152 -22.66 11.03 1.49
N ILE A 153 -23.90 10.63 1.20
CA ILE A 153 -24.70 9.81 2.16
C ILE A 153 -23.96 8.51 2.51
N PRO A 154 -23.73 8.25 3.83
CA PRO A 154 -23.16 6.97 4.29
C PRO A 154 -23.92 5.78 3.71
N GLY A 155 -23.17 4.83 3.14
CA GLY A 155 -23.77 3.70 2.44
C GLY A 155 -23.84 3.93 0.93
N THR A 156 -23.37 5.09 0.48
CA THR A 156 -23.32 5.38 -0.95
C THR A 156 -21.89 5.64 -1.44
N PHE A 157 -21.71 5.56 -2.75
CA PHE A 157 -20.41 5.73 -3.38
C PHE A 157 -20.60 6.18 -4.81
N SER A 158 -20.06 7.35 -5.12
CA SER A 158 -20.31 7.97 -6.41
C SER A 158 -19.08 7.94 -7.30
N ALA A 159 -19.24 8.38 -8.55
CA ALA A 159 -18.15 8.33 -9.53
C ALA A 159 -18.31 9.42 -10.59
N ARG A 160 -17.22 10.16 -10.82
CA ARG A 160 -17.11 11.00 -12.01
C ARG A 160 -16.85 10.16 -13.26
N LEU A 161 -17.72 10.30 -14.25
CA LEU A 161 -17.38 9.89 -15.62
C LEU A 161 -16.44 10.90 -16.27
N GLN A 162 -15.27 10.43 -16.68
CA GLN A 162 -14.25 11.28 -17.25
C GLN A 162 -13.95 10.84 -18.70
N PRO A 163 -14.75 11.33 -19.67
CA PRO A 163 -14.69 10.85 -21.04
C PRO A 163 -13.78 11.72 -21.91
N ASN A 164 -12.48 11.67 -21.65
CA ASN A 164 -11.52 12.56 -22.31
C ASN A 164 -11.06 12.03 -23.64
N ASP A 165 -10.76 12.94 -24.58
CA ASP A 165 -10.25 12.56 -25.88
C ASP A 165 -9.16 13.51 -26.37
N THR A 166 -8.26 12.98 -27.20
CA THR A 166 -7.07 13.70 -27.62
C THR A 166 -7.40 14.85 -28.59
N ARG A 167 -8.58 14.78 -29.22
CA ARG A 167 -9.02 15.81 -30.16
C ARG A 167 -10.33 16.47 -29.72
N ASP A 168 -10.83 16.09 -28.53
CA ASP A 168 -12.23 16.37 -28.12
C ASP A 168 -13.27 15.86 -29.14
N ASP A 169 -12.98 14.70 -29.75
CA ASP A 169 -13.87 14.13 -30.75
C ASP A 169 -15.17 13.66 -30.11
N VAL A 170 -16.29 14.07 -30.68
CA VAL A 170 -17.59 13.99 -30.01
C VAL A 170 -18.15 12.57 -30.03
N GLN A 171 -17.69 11.76 -30.98
CA GLN A 171 -18.02 10.33 -31.02
C GLN A 171 -17.24 9.55 -29.97
N SER A 172 -16.01 9.98 -29.71
CA SER A 172 -15.14 9.30 -28.75
C SER A 172 -15.50 9.66 -27.31
N ILE A 173 -15.90 10.92 -27.10
CA ILE A 173 -16.48 11.33 -25.82
C ILE A 173 -17.79 10.57 -25.54
N ALA A 174 -18.66 10.49 -26.55
CA ALA A 174 -19.95 9.79 -26.42
C ALA A 174 -19.77 8.30 -26.11
N ALA A 175 -18.84 7.66 -26.84
CA ALA A 175 -18.55 6.23 -26.64
C ALA A 175 -18.13 5.94 -25.20
N GLN A 176 -17.28 6.81 -24.64
CA GLN A 176 -16.79 6.65 -23.27
C GLN A 176 -17.89 6.93 -22.24
N ILE A 177 -18.79 7.86 -22.57
CA ILE A 177 -19.98 8.13 -21.73
C ILE A 177 -20.90 6.89 -21.62
N TYR A 178 -21.24 6.31 -22.78
CA TYR A 178 -22.12 5.13 -22.81
C TYR A 178 -21.51 3.92 -22.08
N GLU A 179 -20.19 3.75 -22.24
CA GLU A 179 -19.45 2.71 -21.50
C GLU A 179 -19.50 2.95 -19.98
N GLY A 180 -19.33 4.19 -19.58
CA GLY A 180 -19.32 4.55 -18.16
C GLY A 180 -20.66 4.36 -17.49
N LEU A 181 -21.72 4.81 -18.15
CA LEU A 181 -23.07 4.68 -17.61
C LEU A 181 -23.50 3.22 -17.48
N SER A 182 -22.98 2.36 -18.38
CA SER A 182 -23.28 0.92 -18.36
C SER A 182 -22.62 0.18 -17.17
N PHE A 183 -21.63 0.83 -16.56
CA PHE A 183 -21.04 0.34 -15.31
C PHE A 183 -21.59 1.07 -14.09
N GLY A 184 -22.46 2.06 -14.34
CA GLY A 184 -23.05 2.86 -13.25
C GLY A 184 -22.16 3.99 -12.78
N VAL A 185 -21.29 4.46 -13.68
CA VAL A 185 -20.45 5.63 -13.40
C VAL A 185 -21.10 6.90 -13.96
N GLY A 186 -21.09 7.96 -13.14
CA GLY A 186 -21.43 9.30 -13.64
C GLY A 186 -22.34 10.10 -12.69
N ASP A 187 -22.57 9.56 -11.48
CA ASP A 187 -23.49 10.20 -10.52
C ASP A 187 -22.88 11.42 -9.82
N ALA A 188 -21.55 11.44 -9.71
CA ALA A 188 -20.85 12.66 -9.30
C ALA A 188 -20.95 13.74 -10.36
N VAL A 189 -20.53 13.38 -11.58
CA VAL A 189 -20.54 14.31 -12.72
C VAL A 189 -20.10 13.56 -14.00
N ILE A 190 -20.53 14.04 -15.15
CA ILE A 190 -19.89 13.71 -16.42
C ILE A 190 -18.99 14.86 -16.91
N GLY A 191 -17.68 14.66 -16.78
CA GLY A 191 -16.74 15.78 -16.70
C GLY A 191 -15.56 15.61 -17.64
N VAL A 192 -15.51 16.45 -18.67
CA VAL A 192 -14.45 16.39 -19.67
C VAL A 192 -13.41 17.49 -19.42
N ASN A 193 -12.15 17.10 -19.33
CA ASN A 193 -11.04 18.00 -19.62
C ASN A 193 -10.84 18.19 -21.13
N PRO A 194 -11.06 19.42 -21.63
CA PRO A 194 -10.99 19.71 -23.07
C PRO A 194 -9.57 20.00 -23.52
N VAL A 195 -9.28 19.72 -24.79
CA VAL A 195 -7.99 20.09 -25.41
C VAL A 195 -7.91 21.60 -25.63
N THR A 196 -8.96 22.18 -26.20
CA THR A 196 -8.95 23.60 -26.57
C THR A 196 -9.96 24.41 -25.77
N ASP A 197 -9.66 25.68 -25.60
CA ASP A 197 -10.01 26.42 -24.41
C ASP A 197 -10.73 27.72 -24.81
N ASP A 198 -12.02 27.61 -25.12
CA ASP A 198 -12.57 28.14 -26.39
C ASP A 198 -14.07 27.83 -26.52
N VAL A 199 -14.86 28.90 -26.75
CA VAL A 199 -16.30 28.88 -26.41
C VAL A 199 -17.09 27.93 -27.35
N GLU A 200 -16.71 27.94 -28.63
CA GLU A 200 -17.30 27.01 -29.62
C GLU A 200 -17.06 25.53 -29.24
N ASN A 201 -15.82 25.22 -28.84
CA ASN A 201 -15.46 23.85 -28.49
C ASN A 201 -16.05 23.42 -27.15
N LEU A 202 -16.04 24.33 -26.17
CA LEU A 202 -16.66 24.07 -24.87
C LEU A 202 -18.15 23.75 -25.01
N SER A 203 -18.84 24.56 -25.83
CA SER A 203 -20.28 24.38 -26.05
C SER A 203 -20.59 23.07 -26.77
N ARG A 204 -19.72 22.68 -27.70
CA ARG A 204 -19.88 21.42 -28.46
C ARG A 204 -19.68 20.19 -27.55
N VAL A 205 -18.64 20.23 -26.72
CA VAL A 205 -18.40 19.18 -25.73
C VAL A 205 -19.57 19.07 -24.72
N LEU A 206 -20.03 20.21 -24.22
CA LEU A 206 -21.21 20.26 -23.34
C LEU A 206 -22.50 19.77 -24.04
N ASP A 207 -22.66 20.14 -25.32
CA ASP A 207 -23.80 19.66 -26.13
C ASP A 207 -23.79 18.14 -26.28
N THR A 208 -22.58 17.58 -26.43
CA THR A 208 -22.42 16.12 -26.52
C THR A 208 -22.79 15.43 -25.20
N ILE A 209 -22.24 15.94 -24.09
CA ILE A 209 -22.58 15.42 -22.75
C ILE A 209 -24.09 15.47 -22.50
N TYR A 210 -24.70 16.63 -22.76
CA TYR A 210 -26.09 16.86 -22.39
C TYR A 210 -27.07 16.29 -23.42
N GLY A 211 -26.58 16.05 -24.64
CA GLY A 211 -27.26 15.19 -25.61
C GLY A 211 -27.60 13.82 -25.02
N VAL A 212 -26.63 13.20 -24.37
CA VAL A 212 -26.84 11.91 -23.71
C VAL A 212 -27.72 12.03 -22.45
N ILE A 213 -27.47 13.06 -21.64
CA ILE A 213 -28.24 13.31 -20.41
C ILE A 213 -29.75 13.51 -20.71
N ASP A 214 -30.05 14.31 -21.73
CA ASP A 214 -31.45 14.66 -22.06
C ASP A 214 -32.19 13.52 -22.77
N LYS A 215 -31.45 12.73 -23.56
CA LYS A 215 -32.05 11.59 -24.29
C LYS A 215 -32.59 10.53 -23.32
N PHE A 216 -31.82 10.25 -22.27
CA PHE A 216 -32.15 9.17 -21.37
C PHE A 216 -32.63 9.69 -20.01
N ASN A 217 -32.86 11.02 -19.93
CA ASN A 217 -33.39 11.66 -18.70
C ASN A 217 -32.55 11.36 -17.46
N ILE A 218 -31.23 11.45 -17.60
CA ILE A 218 -30.32 11.05 -16.55
C ILE A 218 -30.24 12.11 -15.46
N PRO A 219 -30.54 11.72 -14.20
CA PRO A 219 -30.23 12.55 -13.05
C PRO A 219 -28.73 12.65 -12.84
N THR A 220 -28.10 13.63 -13.47
CA THR A 220 -26.71 13.96 -13.22
C THR A 220 -26.41 15.38 -13.71
N GLN A 221 -25.12 15.71 -13.82
CA GLN A 221 -24.70 17.02 -14.29
C GLN A 221 -23.48 16.89 -15.17
N GLY A 222 -23.36 17.77 -16.14
CA GLY A 222 -22.18 17.82 -16.99
C GLY A 222 -21.20 18.87 -16.54
N CYS A 223 -19.96 18.74 -16.98
CA CYS A 223 -18.92 19.72 -16.68
C CYS A 223 -17.86 19.68 -17.74
N VAL A 224 -17.32 20.84 -18.07
CA VAL A 224 -16.12 20.90 -18.87
C VAL A 224 -15.00 21.68 -18.18
N LEU A 225 -13.84 21.04 -18.06
CA LEU A 225 -12.87 21.40 -17.03
C LEU A 225 -11.77 22.30 -17.62
N ALA A 226 -12.17 23.20 -18.51
CA ALA A 226 -11.34 24.34 -18.89
C ALA A 226 -11.19 25.33 -17.73
N HIS A 227 -10.37 26.37 -17.94
CA HIS A 227 -10.28 27.48 -16.99
C HIS A 227 -11.66 28.11 -16.73
N VAL A 228 -11.87 28.54 -15.48
CA VAL A 228 -13.21 28.93 -15.01
C VAL A 228 -13.82 30.09 -15.84
N THR A 229 -12.94 30.95 -16.38
CA THR A 229 -13.36 32.13 -17.16
C THR A 229 -14.02 31.73 -18.48
N THR A 230 -13.49 30.69 -19.12
CA THR A 230 -14.01 30.23 -20.41
C THR A 230 -15.29 29.42 -20.24
N GLN A 231 -15.39 28.71 -19.11
CA GLN A 231 -16.66 28.08 -18.69
C GLN A 231 -17.76 29.12 -18.53
N ILE A 232 -17.47 30.15 -17.74
CA ILE A 232 -18.41 31.24 -17.51
C ILE A 232 -18.82 31.91 -18.84
N GLU A 233 -17.81 32.21 -19.68
CA GLU A 233 -18.06 32.74 -21.04
C GLU A 233 -19.06 31.88 -21.82
N ALA A 234 -18.81 30.56 -21.86
CA ALA A 234 -19.61 29.64 -22.67
C ALA A 234 -21.05 29.52 -22.15
N ILE A 235 -21.18 29.40 -20.82
CA ILE A 235 -22.48 29.31 -20.18
C ILE A 235 -23.32 30.61 -20.35
N ARG A 236 -22.64 31.76 -20.23
CA ARG A 236 -23.28 33.07 -20.50
C ARG A 236 -23.84 33.15 -21.92
N ARG A 237 -23.17 32.48 -22.86
CA ARG A 237 -23.52 32.57 -24.27
C ARG A 237 -24.44 31.43 -24.71
N GLY A 238 -24.77 30.54 -23.76
CA GLY A 238 -26.00 29.75 -23.84
C GLY A 238 -25.73 28.25 -23.85
N ALA A 239 -24.47 27.88 -23.62
CA ALA A 239 -24.11 26.47 -23.39
C ALA A 239 -24.66 25.97 -22.04
N PRO A 240 -25.04 24.66 -21.96
CA PRO A 240 -25.63 24.09 -20.75
C PRO A 240 -24.70 24.15 -19.56
N GLY A 241 -25.18 24.71 -18.46
CA GLY A 241 -24.37 24.84 -17.25
C GLY A 241 -24.69 23.76 -16.25
N GLY A 242 -23.69 22.97 -15.91
CA GLY A 242 -23.84 21.95 -14.90
C GLY A 242 -23.07 22.27 -13.65
N LEU A 243 -21.94 21.60 -13.48
CA LEU A 243 -20.94 22.04 -12.53
C LEU A 243 -19.95 22.99 -13.17
N ILE A 244 -19.52 23.98 -12.40
CA ILE A 244 -18.44 24.85 -12.84
C ILE A 244 -17.14 24.54 -12.09
N PHE A 245 -16.07 24.30 -12.85
CA PHE A 245 -14.83 23.75 -12.31
C PHE A 245 -13.75 24.83 -12.19
N GLN A 246 -12.92 24.73 -11.14
CA GLN A 246 -11.60 25.35 -11.14
C GLN A 246 -10.60 24.50 -10.33
N SER A 247 -9.40 24.34 -10.87
CA SER A 247 -8.23 23.96 -10.06
C SER A 247 -7.83 25.09 -9.13
N ILE A 248 -7.62 24.76 -7.86
CA ILE A 248 -7.27 25.76 -6.86
C ILE A 248 -5.94 25.47 -6.19
N CYS A 249 -5.32 26.51 -5.63
CA CYS A 249 -4.09 26.36 -4.87
C CYS A 249 -4.19 27.14 -3.55
N GLY A 250 -3.41 26.73 -2.56
CA GLY A 250 -3.67 27.11 -1.15
C GLY A 250 -2.94 28.39 -0.72
N SER A 251 -2.45 29.14 -1.70
CA SER A 251 -1.92 30.49 -1.44
C SER A 251 -2.32 31.45 -2.55
N GLU A 252 -2.19 32.75 -2.27
CA GLU A 252 -2.48 33.79 -3.27
C GLU A 252 -1.56 33.66 -4.49
N LYS A 253 -0.26 33.45 -4.23
CA LYS A 253 0.73 33.27 -5.29
C LYS A 253 0.43 32.03 -6.15
N GLY A 254 -0.03 30.96 -5.50
CA GLY A 254 -0.45 29.74 -6.20
C GLY A 254 -1.68 29.95 -7.09
N LEU A 255 -2.62 30.76 -6.62
CA LEU A 255 -3.78 31.15 -7.44
C LEU A 255 -3.37 32.02 -8.64
N LYS A 256 -2.39 32.88 -8.43
CA LYS A 256 -1.85 33.73 -9.50
C LYS A 256 -1.13 32.92 -10.56
N GLU A 257 -0.40 31.89 -10.12
CA GLU A 257 0.14 30.86 -11.02
C GLU A 257 -0.95 30.23 -11.90
N PHE A 258 -2.10 29.95 -11.29
CA PHE A 258 -3.21 29.26 -11.99
C PHE A 258 -4.06 30.26 -12.81
N GLY A 259 -3.81 31.56 -12.63
CA GLY A 259 -4.61 32.61 -13.28
C GLY A 259 -5.98 32.77 -12.65
N VAL A 260 -6.06 32.57 -11.34
CA VAL A 260 -7.33 32.60 -10.62
C VAL A 260 -7.35 33.77 -9.64
N GLU A 261 -8.36 34.63 -9.77
CA GLU A 261 -8.76 35.53 -8.70
C GLU A 261 -9.93 34.96 -7.93
N LEU A 262 -10.02 35.32 -6.65
CA LEU A 262 -11.14 34.90 -5.79
C LEU A 262 -12.50 35.34 -6.37
N ALA A 263 -12.52 36.49 -7.05
CA ALA A 263 -13.76 37.08 -7.59
C ALA A 263 -14.30 36.30 -8.81
N MET A 264 -13.43 35.52 -9.46
CA MET A 264 -13.86 34.56 -10.50
C MET A 264 -14.74 33.46 -9.92
N LEU A 265 -14.43 33.04 -8.69
CA LEU A 265 -15.16 31.99 -8.03
C LEU A 265 -16.47 32.51 -7.42
N ASP A 266 -16.44 33.76 -6.94
CA ASP A 266 -17.68 34.52 -6.69
C ASP A 266 -18.57 34.59 -7.92
N GLU A 267 -17.97 34.92 -9.07
CA GLU A 267 -18.71 35.04 -10.32
C GLU A 267 -19.28 33.70 -10.77
N ALA A 268 -18.50 32.63 -10.58
CA ALA A 268 -18.94 31.27 -10.93
C ALA A 268 -20.17 30.84 -10.13
N ARG A 269 -20.18 31.19 -8.84
CA ARG A 269 -21.35 31.00 -7.98
C ARG A 269 -22.57 31.76 -8.51
N ALA A 270 -22.36 33.03 -8.89
CA ALA A 270 -23.45 33.88 -9.40
C ALA A 270 -23.97 33.42 -10.77
N VAL A 271 -23.04 32.99 -11.63
CA VAL A 271 -23.41 32.44 -12.96
C VAL A 271 -24.16 31.11 -12.82
N GLY A 272 -23.66 30.25 -11.92
CA GLY A 272 -24.40 29.04 -11.51
C GLY A 272 -25.84 29.32 -11.12
N ALA A 273 -26.04 30.33 -10.26
CA ALA A 273 -27.38 30.66 -9.75
C ALA A 273 -28.34 31.20 -10.85
N GLU A 274 -27.77 31.81 -11.89
CA GLU A 274 -28.57 32.42 -12.97
C GLU A 274 -28.88 31.42 -14.09
N PHE A 275 -27.93 30.51 -14.37
CA PHE A 275 -27.87 29.84 -15.67
C PHE A 275 -27.97 28.29 -15.58
N ASN A 276 -27.55 27.73 -14.46
CA ASN A 276 -27.13 26.33 -14.44
C ASN A 276 -28.29 25.37 -14.17
N ARG A 277 -28.25 24.21 -14.82
CA ARG A 277 -29.36 23.24 -14.76
C ARG A 277 -29.20 22.33 -13.55
N ILE A 278 -29.33 22.91 -12.36
CA ILE A 278 -29.03 22.20 -11.11
C ILE A 278 -30.20 22.36 -10.14
N ALA A 279 -30.77 21.24 -9.70
CA ALA A 279 -31.92 21.26 -8.79
C ALA A 279 -31.52 21.66 -7.37
N GLY A 280 -30.40 21.11 -6.89
CA GLY A 280 -29.91 21.40 -5.53
C GLY A 280 -29.13 22.71 -5.48
N GLU A 281 -28.49 22.95 -4.34
CA GLU A 281 -27.93 24.27 -4.06
C GLU A 281 -26.41 24.29 -4.24
N ASN A 282 -25.84 23.16 -4.65
CA ASN A 282 -24.38 23.06 -4.89
C ASN A 282 -24.05 22.79 -6.37
N CYS A 283 -23.15 23.61 -6.92
CA CYS A 283 -22.86 23.55 -8.36
C CYS A 283 -21.37 23.77 -8.71
N LEU A 284 -20.54 23.96 -7.69
CA LEU A 284 -19.10 24.18 -7.92
C LEU A 284 -18.28 22.90 -7.76
N TYR A 285 -17.13 22.86 -8.42
CA TYR A 285 -16.31 21.67 -8.48
C TYR A 285 -14.84 22.08 -8.48
N PHE A 286 -14.12 21.71 -7.43
CA PHE A 286 -12.68 22.00 -7.35
C PHE A 286 -11.86 20.74 -7.41
N GLU A 287 -10.66 20.84 -7.97
CA GLU A 287 -9.67 19.79 -7.85
C GLU A 287 -8.37 20.29 -7.27
N THR A 288 -7.70 19.41 -6.53
CA THR A 288 -6.56 19.80 -5.70
C THR A 288 -5.47 18.72 -5.81
N GLY A 289 -4.47 18.81 -4.96
CA GLY A 289 -3.45 17.75 -4.88
C GLY A 289 -2.12 18.25 -4.36
N GLN A 290 -1.45 17.39 -3.58
CA GLN A 290 -0.19 17.76 -2.93
C GLN A 290 0.91 18.02 -3.96
N GLY A 291 1.63 19.12 -3.78
CA GLY A 291 2.78 19.42 -4.63
C GLY A 291 2.59 20.65 -5.48
N SER A 292 1.32 21.07 -5.65
CA SER A 292 0.98 22.13 -6.61
C SER A 292 1.53 23.49 -6.18
N ALA A 293 1.45 23.77 -4.87
CA ALA A 293 2.01 25.00 -4.30
C ALA A 293 3.54 25.00 -4.39
N LEU A 294 4.16 23.86 -4.11
CA LEU A 294 5.62 23.69 -4.25
C LEU A 294 6.08 23.88 -5.70
N SER A 295 5.30 23.35 -6.65
CA SER A 295 5.53 23.58 -8.09
C SER A 295 5.49 25.07 -8.44
N ALA A 296 4.60 25.81 -7.76
CA ALA A 296 4.31 27.19 -8.14
C ALA A 296 5.29 28.19 -7.50
N GLY A 297 6.20 27.67 -6.66
CA GLY A 297 7.07 28.52 -5.85
C GLY A 297 6.32 29.23 -4.74
N ALA A 298 5.23 28.61 -4.27
CA ALA A 298 4.16 29.33 -3.59
C ALA A 298 3.78 28.64 -2.28
N ASN A 299 4.66 27.76 -1.80
CA ASN A 299 4.46 27.09 -0.52
C ASN A 299 5.05 27.86 0.65
N PHE A 300 6.01 28.76 0.35
CA PHE A 300 6.60 29.68 1.35
C PHE A 300 7.23 28.93 2.54
N GLY A 301 7.94 27.84 2.23
CA GLY A 301 8.67 27.07 3.25
C GLY A 301 7.79 26.05 3.97
N ALA A 302 6.53 25.95 3.55
CA ALA A 302 5.58 25.02 4.17
C ALA A 302 5.51 23.71 3.40
N ASP A 303 5.25 22.64 4.12
CA ASP A 303 5.09 21.32 3.53
C ASP A 303 3.78 21.21 2.71
N GLN A 304 3.70 20.18 1.88
CA GLN A 304 2.63 20.08 0.87
C GLN A 304 1.30 19.57 1.47
N VAL A 305 1.37 18.98 2.66
CA VAL A 305 0.15 18.55 3.38
C VAL A 305 -0.58 19.75 3.99
N THR A 306 0.19 20.63 4.64
CA THR A 306 -0.35 21.90 5.17
C THR A 306 -0.92 22.78 4.04
N MET A 307 -0.22 22.83 2.91
CA MET A 307 -0.68 23.61 1.75
C MET A 307 -1.96 23.02 1.14
N GLU A 308 -2.05 21.69 1.12
CA GLU A 308 -3.21 21.02 0.58
C GLU A 308 -4.45 21.19 1.48
N ALA A 309 -4.23 21.18 2.80
CA ALA A 309 -5.28 21.51 3.76
C ALA A 309 -5.86 22.91 3.50
N ARG A 310 -4.99 23.85 3.11
CA ARG A 310 -5.39 25.24 2.85
C ARG A 310 -6.25 25.36 1.58
N ASN A 311 -6.02 24.46 0.63
CA ASN A 311 -6.97 24.27 -0.49
C ASN A 311 -8.41 24.03 -0.02
N TYR A 312 -8.56 23.21 1.00
CA TYR A 312 -9.88 22.78 1.46
C TYR A 312 -10.56 23.89 2.26
N GLY A 313 -9.76 24.68 2.97
CA GLY A 313 -10.27 25.88 3.64
C GLY A 313 -10.74 26.95 2.67
N LEU A 314 -10.00 27.12 1.58
CA LEU A 314 -10.45 27.95 0.44
C LEU A 314 -11.74 27.37 -0.19
N ALA A 315 -11.73 26.07 -0.49
CA ALA A 315 -12.89 25.40 -1.12
C ALA A 315 -14.16 25.53 -0.29
N ARG A 316 -14.01 25.41 1.04
CA ARG A 316 -15.17 25.40 1.98
C ARG A 316 -15.98 26.70 1.90
N HIS A 317 -15.29 27.81 1.64
CA HIS A 317 -15.93 29.13 1.51
C HIS A 317 -17.00 29.16 0.41
N TYR A 318 -16.82 28.33 -0.61
CA TYR A 318 -17.67 28.38 -1.79
C TYR A 318 -18.68 27.22 -1.84
N ASP A 319 -18.70 26.42 -0.76
CA ASP A 319 -19.66 25.28 -0.61
C ASP A 319 -19.90 24.49 -1.92
N PRO A 320 -18.83 23.85 -2.45
CA PRO A 320 -18.91 23.16 -3.73
C PRO A 320 -19.70 21.85 -3.62
N PHE A 321 -20.23 21.39 -4.75
CA PHE A 321 -20.87 20.07 -4.81
C PHE A 321 -19.87 18.96 -4.56
N ILE A 322 -18.70 19.06 -5.19
CA ILE A 322 -17.64 18.06 -5.04
C ILE A 322 -16.26 18.70 -5.04
N VAL A 323 -15.36 18.16 -4.21
CA VAL A 323 -13.91 18.35 -4.39
C VAL A 323 -13.23 16.99 -4.42
N ASN A 324 -12.25 16.83 -5.30
CA ASN A 324 -11.27 15.76 -5.14
C ASN A 324 -9.85 16.21 -5.29
N THR A 325 -8.99 15.68 -4.42
CA THR A 325 -7.58 15.59 -4.72
C THR A 325 -7.35 14.74 -5.96
N VAL A 326 -6.34 15.10 -6.73
CA VAL A 326 -5.86 14.26 -7.78
C VAL A 326 -4.50 13.69 -7.39
N VAL A 327 -4.53 12.55 -6.68
CA VAL A 327 -3.58 12.32 -5.59
C VAL A 327 -2.14 12.13 -6.11
N GLY A 328 -2.00 11.40 -7.22
CA GLY A 328 -0.70 11.21 -7.85
C GLY A 328 -0.65 11.73 -9.28
N PHE A 329 -1.20 12.93 -9.48
CA PHE A 329 -1.43 13.45 -10.85
C PHE A 329 -0.14 13.91 -11.53
N ILE A 330 0.84 14.32 -10.73
CA ILE A 330 1.98 15.10 -11.23
C ILE A 330 3.22 14.22 -11.45
N GLY A 331 3.68 13.57 -10.38
CA GLY A 331 4.70 12.52 -10.50
C GLY A 331 5.59 12.41 -9.27
N PRO A 332 6.73 11.68 -9.41
CA PRO A 332 7.46 11.07 -8.28
C PRO A 332 8.18 12.11 -7.43
N GLU A 333 8.32 13.33 -7.94
CA GLU A 333 9.06 14.38 -7.25
C GLU A 333 8.29 14.92 -6.03
N TYR A 334 6.98 14.69 -5.99
CA TYR A 334 6.15 15.10 -4.85
C TYR A 334 5.63 13.91 -4.06
N LEU A 335 5.23 12.86 -4.77
CA LEU A 335 4.94 11.55 -4.15
C LEU A 335 5.51 10.41 -4.97
N TYR A 336 6.44 9.66 -4.38
CA TYR A 336 7.37 8.81 -5.14
C TYR A 336 6.74 7.47 -5.55
N ASN A 337 6.10 6.81 -4.58
CA ASN A 337 5.76 5.38 -4.72
C ASN A 337 4.34 5.03 -4.22
N ASP A 338 4.02 3.72 -4.22
CA ASP A 338 2.74 3.21 -3.66
C ASP A 338 2.45 3.79 -2.29
N ARG A 339 3.41 3.63 -1.37
CA ARG A 339 3.18 3.88 0.04
C ARG A 339 2.92 5.38 0.32
N GLN A 340 3.64 6.24 -0.40
CA GLN A 340 3.50 7.69 -0.26
C GLN A 340 2.17 8.19 -0.85
N ILE A 341 1.78 7.62 -1.99
CA ILE A 341 0.54 8.03 -2.68
C ILE A 341 -0.72 7.58 -1.88
N ILE A 342 -0.68 6.34 -1.35
CA ILE A 342 -1.72 5.87 -0.41
C ILE A 342 -1.86 6.80 0.78
N ARG A 343 -0.73 7.08 1.45
CA ARG A 343 -0.73 7.91 2.65
C ARG A 343 -1.30 9.31 2.36
N ALA A 344 -0.86 9.91 1.25
CA ALA A 344 -1.36 11.23 0.84
C ALA A 344 -2.85 11.20 0.53
N GLY A 345 -3.29 10.14 -0.17
CA GLY A 345 -4.71 9.92 -0.44
C GLY A 345 -5.57 9.88 0.80
N LEU A 346 -5.10 9.17 1.82
CA LEU A 346 -5.80 9.07 3.10
C LEU A 346 -5.78 10.42 3.86
N GLU A 347 -4.63 11.10 3.82
CA GLU A 347 -4.48 12.44 4.41
C GLU A 347 -5.42 13.43 3.76
N ASP A 348 -5.35 13.51 2.42
CA ASP A 348 -6.15 14.47 1.66
C ASP A 348 -7.64 14.30 1.94
N HIS A 349 -8.11 13.06 1.91
CA HIS A 349 -9.52 12.79 2.12
C HIS A 349 -9.97 13.13 3.54
N PHE A 350 -9.16 12.72 4.53
CA PHE A 350 -9.46 13.03 5.96
C PHE A 350 -9.55 14.52 6.19
N MET A 351 -8.59 15.26 5.62
CA MET A 351 -8.52 16.70 5.82
C MET A 351 -9.67 17.42 5.15
N GLY A 352 -10.07 16.95 3.97
CA GLY A 352 -11.26 17.46 3.29
C GLY A 352 -12.52 17.29 4.11
N LYS A 353 -12.72 16.11 4.67
CA LYS A 353 -13.90 15.80 5.46
C LYS A 353 -13.91 16.57 6.80
N LEU A 354 -12.72 16.72 7.41
CA LEU A 354 -12.58 17.58 8.60
C LEU A 354 -12.87 19.07 8.29
N SER A 355 -12.47 19.50 7.09
CA SER A 355 -12.78 20.88 6.62
C SER A 355 -14.26 21.05 6.23
N GLY A 356 -14.99 19.94 6.14
CA GLY A 356 -16.42 19.98 5.87
C GLY A 356 -16.76 20.19 4.41
N ILE A 357 -15.91 19.67 3.52
CA ILE A 357 -16.20 19.67 2.09
C ILE A 357 -16.47 18.28 1.55
N SER A 358 -17.14 18.23 0.40
CA SER A 358 -17.63 16.99 -0.15
C SER A 358 -16.51 16.25 -0.86
N MET A 359 -15.71 15.52 -0.10
CA MET A 359 -14.36 15.21 -0.49
C MET A 359 -14.30 13.85 -1.17
N GLY A 360 -13.78 13.83 -2.39
CA GLY A 360 -13.45 12.59 -3.07
C GLY A 360 -11.98 12.48 -3.38
N CYS A 361 -11.62 11.51 -4.21
CA CYS A 361 -10.23 11.31 -4.62
C CYS A 361 -10.16 10.68 -5.99
N ASP A 362 -9.49 11.35 -6.92
CA ASP A 362 -8.87 10.69 -8.05
C ASP A 362 -7.69 9.85 -7.59
N CYS A 363 -7.95 8.57 -7.34
CA CYS A 363 -6.89 7.59 -7.08
C CYS A 363 -6.12 7.30 -8.36
N CYS A 364 -4.90 7.82 -8.44
CA CYS A 364 -4.17 7.85 -9.69
C CYS A 364 -2.66 7.79 -9.50
N TYR A 365 -1.95 7.54 -10.59
CA TYR A 365 -0.49 7.61 -10.62
C TYR A 365 -0.03 7.96 -12.03
N THR A 366 1.25 8.32 -12.16
CA THR A 366 1.85 8.54 -13.46
C THR A 366 2.88 7.45 -13.79
N ASN A 367 3.31 7.41 -15.04
CA ASN A 367 4.13 6.32 -15.54
C ASN A 367 5.62 6.52 -15.25
N HIS A 368 5.98 7.74 -14.84
CA HIS A 368 7.34 8.01 -14.33
C HIS A 368 7.42 7.96 -12.79
N ALA A 369 6.29 7.64 -12.14
CA ALA A 369 6.27 7.35 -10.70
C ALA A 369 6.46 5.85 -10.42
N ASP A 370 6.92 5.52 -9.21
CA ASP A 370 7.17 4.13 -8.82
C ASP A 370 5.87 3.42 -8.37
N ALA A 371 5.04 3.03 -9.34
CA ALA A 371 3.61 2.84 -9.10
C ALA A 371 2.98 2.04 -10.24
N ASP A 372 1.92 1.29 -9.92
CA ASP A 372 1.12 0.63 -10.95
C ASP A 372 -0.38 0.60 -10.58
N GLN A 373 -1.17 -0.14 -11.37
CA GLN A 373 -2.63 -0.11 -11.28
C GLN A 373 -3.13 -0.79 -10.00
N ASN A 374 -2.29 -1.69 -9.45
CA ASN A 374 -2.60 -2.34 -8.17
C ASN A 374 -2.61 -1.35 -6.98
N LEU A 375 -1.79 -0.29 -7.08
CA LEU A 375 -1.85 0.83 -6.12
C LEU A 375 -3.18 1.56 -6.16
N ASN A 376 -3.67 1.86 -7.37
CA ASN A 376 -4.99 2.49 -7.54
C ASN A 376 -6.09 1.66 -6.93
N GLU A 377 -5.99 0.34 -7.10
CA GLU A 377 -6.98 -0.56 -6.60
C GLU A 377 -6.88 -0.74 -5.08
N ASN A 378 -5.65 -0.76 -4.55
CA ASN A 378 -5.41 -0.65 -3.10
C ASN A 378 -6.06 0.59 -2.50
N LEU A 379 -5.81 1.75 -3.12
CA LEU A 379 -6.14 3.02 -2.52
C LEU A 379 -7.65 3.30 -2.62
N MET A 380 -8.25 2.95 -3.76
CA MET A 380 -9.67 3.18 -3.98
C MET A 380 -10.54 2.42 -2.96
N ILE A 381 -10.06 1.25 -2.54
CA ILE A 381 -10.81 0.42 -1.61
C ILE A 381 -10.64 0.92 -0.17
N LEU A 382 -9.41 1.27 0.21
CA LEU A 382 -9.14 1.92 1.51
C LEU A 382 -9.97 3.19 1.68
N LEU A 383 -10.01 4.03 0.65
CA LEU A 383 -10.71 5.29 0.70
C LEU A 383 -12.21 5.11 0.70
N ALA A 384 -12.68 4.10 -0.02
CA ALA A 384 -14.11 3.74 0.01
C ALA A 384 -14.58 3.33 1.41
N THR A 385 -13.74 2.58 2.14
CA THR A 385 -14.01 2.27 3.56
C THR A 385 -14.01 3.55 4.43
N ALA A 386 -13.19 4.53 4.04
CA ALA A 386 -13.16 5.86 4.71
C ALA A 386 -14.39 6.73 4.37
N GLY A 387 -15.24 6.24 3.47
CA GLY A 387 -16.44 6.98 3.03
C GLY A 387 -16.11 8.09 2.05
N CYS A 388 -15.01 7.91 1.30
CA CYS A 388 -14.72 8.74 0.10
C CYS A 388 -15.94 8.92 -0.75
N ASN A 389 -16.28 10.18 -1.05
CA ASN A 389 -17.55 10.52 -1.70
C ASN A 389 -17.62 10.02 -3.13
N TYR A 390 -16.49 10.09 -3.83
CA TYR A 390 -16.43 9.66 -5.22
C TYR A 390 -15.00 9.41 -5.70
N ILE A 391 -14.87 8.54 -6.71
CA ILE A 391 -13.64 8.45 -7.50
C ILE A 391 -13.92 8.76 -8.97
N MET A 392 -12.90 8.64 -9.82
CA MET A 392 -13.09 8.76 -11.27
C MET A 392 -13.46 7.43 -11.92
N GLY A 393 -14.03 7.49 -13.11
CA GLY A 393 -14.09 6.35 -13.98
C GLY A 393 -13.60 6.69 -15.37
N MET A 394 -12.67 5.88 -15.86
CA MET A 394 -12.32 5.86 -17.28
C MET A 394 -12.23 4.40 -17.77
N PRO A 395 -12.29 4.19 -19.12
CA PRO A 395 -12.22 2.83 -19.66
C PRO A 395 -10.91 2.14 -19.28
N LEU A 396 -10.99 1.18 -18.34
CA LEU A 396 -9.79 0.56 -17.70
C LEU A 396 -8.83 1.57 -17.01
N GLY A 397 -9.29 2.82 -16.88
CA GLY A 397 -8.52 3.84 -16.17
C GLY A 397 -7.47 4.54 -17.03
N ASP A 398 -7.45 4.20 -18.31
CA ASP A 398 -6.46 4.76 -19.24
C ASP A 398 -6.94 6.11 -19.80
N ASP A 399 -6.30 7.20 -19.36
CA ASP A 399 -6.50 8.51 -19.97
C ASP A 399 -5.60 8.70 -21.16
N ILE A 400 -6.22 8.91 -22.33
CA ILE A 400 -5.52 8.80 -23.61
C ILE A 400 -4.86 10.14 -24.01
N MET A 401 -4.74 11.05 -23.06
CA MET A 401 -4.89 12.46 -23.33
C MET A 401 -4.32 13.32 -22.20
N LEU A 402 -4.64 12.96 -20.96
CA LEU A 402 -3.97 13.53 -19.78
C LEU A 402 -2.79 12.70 -19.36
N ASN A 403 -2.62 11.53 -20.00
CA ASN A 403 -1.39 10.72 -19.90
C ASN A 403 -1.12 10.26 -18.46
N TYR A 404 -2.13 9.65 -17.85
CA TYR A 404 -1.96 8.99 -16.57
C TYR A 404 -2.99 7.87 -16.42
N GLN A 405 -2.89 7.13 -15.33
CA GLN A 405 -3.86 6.07 -15.05
C GLN A 405 -4.66 6.34 -13.81
N THR A 406 -5.96 6.47 -13.97
CA THR A 406 -6.88 6.56 -12.85
C THR A 406 -7.63 5.22 -12.69
N THR A 407 -8.79 5.25 -12.03
CA THR A 407 -9.56 4.04 -11.77
C THR A 407 -10.46 3.67 -12.95
N ALA A 408 -10.71 2.36 -13.11
CA ALA A 408 -11.60 1.85 -14.16
C ALA A 408 -13.07 2.12 -13.81
N PHE A 409 -13.92 2.15 -14.85
CA PHE A 409 -15.39 1.94 -14.68
C PHE A 409 -15.67 0.69 -13.85
N HIS A 410 -14.95 -0.39 -14.17
CA HIS A 410 -14.95 -1.63 -13.37
C HIS A 410 -14.81 -1.37 -11.85
N ASP A 411 -13.94 -0.42 -11.49
CA ASP A 411 -13.49 -0.27 -10.10
C ASP A 411 -14.61 0.27 -9.19
N THR A 412 -15.46 1.14 -9.75
CA THR A 412 -16.61 1.67 -9.01
C THR A 412 -17.66 0.57 -8.75
N ALA A 413 -17.98 -0.20 -9.80
CA ALA A 413 -18.84 -1.37 -9.68
C ALA A 413 -18.28 -2.40 -8.68
N THR A 414 -16.95 -2.58 -8.69
CA THR A 414 -16.28 -3.48 -7.75
C THR A 414 -16.43 -3.01 -6.31
N VAL A 415 -16.08 -1.74 -6.07
CA VAL A 415 -16.18 -1.14 -4.73
C VAL A 415 -17.61 -1.26 -4.17
N ARG A 416 -18.60 -0.90 -5.00
CA ARG A 416 -20.01 -0.90 -4.58
C ARG A 416 -20.48 -2.30 -4.19
N GLN A 417 -20.09 -3.29 -4.98
CA GLN A 417 -20.55 -4.67 -4.76
C GLN A 417 -19.74 -5.39 -3.68
N LEU A 418 -18.47 -4.99 -3.55
CA LEU A 418 -17.60 -5.46 -2.44
C LEU A 418 -18.11 -4.98 -1.08
N LEU A 419 -18.48 -3.70 -1.00
CA LEU A 419 -18.69 -3.05 0.29
C LEU A 419 -20.19 -2.78 0.56
N ASN A 420 -21.06 -3.30 -0.32
CA ASN A 420 -22.52 -3.10 -0.18
C ASN A 420 -22.89 -1.60 -0.21
N LEU A 421 -22.30 -0.87 -1.14
CA LEU A 421 -22.59 0.55 -1.29
C LEU A 421 -23.44 0.79 -2.53
N ARG A 422 -24.30 1.80 -2.47
CA ARG A 422 -25.16 2.16 -3.59
C ARG A 422 -24.61 3.43 -4.28
N PRO A 423 -25.08 3.71 -5.53
CA PRO A 423 -24.90 5.04 -6.12
C PRO A 423 -25.67 6.10 -5.34
N SER A 424 -25.44 7.37 -5.68
CA SER A 424 -26.47 8.42 -5.49
C SER A 424 -27.87 7.87 -5.77
N PRO A 425 -28.81 8.09 -4.80
CA PRO A 425 -30.15 7.46 -4.85
C PRO A 425 -30.94 7.85 -6.12
N GLU A 426 -30.73 9.07 -6.61
CA GLU A 426 -31.39 9.53 -7.85
C GLU A 426 -30.83 8.78 -9.06
N PHE A 427 -29.50 8.68 -9.14
CA PHE A 427 -28.83 7.97 -10.22
C PHE A 427 -29.10 6.45 -10.18
N GLU A 428 -29.17 5.91 -8.95
CA GLU A 428 -29.50 4.49 -8.76
C GLU A 428 -30.89 4.15 -9.32
N ARG A 429 -31.87 5.04 -9.04
CA ARG A 429 -33.22 4.90 -9.61
C ARG A 429 -33.19 4.84 -11.15
N TRP A 430 -32.38 5.70 -11.75
CA TRP A 430 -32.21 5.73 -13.20
C TRP A 430 -31.59 4.42 -13.73
N LEU A 431 -30.53 3.96 -13.05
CA LEU A 431 -29.85 2.69 -13.41
C LEU A 431 -30.81 1.50 -13.34
N GLU A 432 -31.67 1.50 -12.31
CA GLU A 432 -32.70 0.46 -12.18
C GLU A 432 -33.71 0.49 -13.32
N SER A 433 -34.10 1.70 -13.74
CA SER A 433 -35.06 1.88 -14.84
C SER A 433 -34.46 1.46 -16.17
N MET A 434 -33.14 1.62 -16.31
CA MET A 434 -32.44 1.27 -17.54
C MET A 434 -32.14 -0.25 -17.60
N GLY A 435 -32.28 -0.92 -16.46
CA GLY A 435 -31.97 -2.35 -16.36
C GLY A 435 -30.47 -2.61 -16.21
N ILE A 436 -29.74 -1.59 -15.74
CA ILE A 436 -28.29 -1.71 -15.53
C ILE A 436 -27.98 -2.21 -14.10
N MET A 437 -28.82 -1.84 -13.15
CA MET A 437 -28.61 -2.20 -11.74
C MET A 437 -29.85 -2.84 -11.13
N ALA A 438 -29.65 -3.92 -10.38
CA ALA A 438 -30.65 -4.42 -9.45
C ALA A 438 -30.04 -4.67 -8.08
N ASN A 439 -30.64 -4.07 -7.04
CA ASN A 439 -30.17 -4.22 -5.65
C ASN A 439 -28.67 -3.91 -5.48
N GLY A 440 -28.21 -2.85 -6.14
CA GLY A 440 -26.84 -2.36 -5.97
C GLY A 440 -25.84 -3.04 -6.88
N ARG A 441 -26.29 -4.06 -7.60
CA ARG A 441 -25.40 -4.92 -8.36
C ARG A 441 -25.68 -4.80 -9.84
N LEU A 442 -24.62 -4.74 -10.64
CA LEU A 442 -24.74 -4.80 -12.10
C LEU A 442 -25.53 -6.03 -12.54
N THR A 443 -26.54 -5.81 -13.37
CA THR A 443 -27.28 -6.90 -14.01
C THR A 443 -26.43 -7.59 -15.07
N LYS A 444 -26.96 -8.67 -15.65
CA LYS A 444 -26.27 -9.42 -16.72
C LYS A 444 -25.89 -8.53 -17.91
N ARG A 445 -26.81 -7.65 -18.30
CA ARG A 445 -26.63 -6.87 -19.52
C ARG A 445 -26.02 -5.48 -19.26
N ALA A 446 -25.56 -5.26 -18.02
CA ALA A 446 -24.68 -4.13 -17.70
C ALA A 446 -23.26 -4.34 -18.26
N GLY A 447 -22.47 -3.26 -18.29
CA GLY A 447 -21.10 -3.31 -18.79
C GLY A 447 -21.05 -3.28 -20.30
N ASP A 448 -22.16 -2.91 -20.91
CA ASP A 448 -22.33 -3.03 -22.34
C ASP A 448 -22.97 -1.76 -22.90
N PRO A 449 -22.16 -0.88 -23.53
CA PRO A 449 -22.62 0.44 -23.99
C PRO A 449 -23.64 0.34 -25.13
N SER A 450 -23.80 -0.85 -25.69
CA SER A 450 -24.77 -1.10 -26.76
C SER A 450 -26.21 -1.20 -26.23
N LEU A 451 -26.35 -1.30 -24.89
CA LEU A 451 -27.67 -1.23 -24.22
C LEU A 451 -28.42 0.07 -24.58
N PHE A 452 -27.67 1.13 -24.84
CA PHE A 452 -28.25 2.46 -25.04
C PHE A 452 -28.71 2.67 -26.49
N PHE A 453 -28.46 1.68 -27.35
CA PHE A 453 -28.71 1.80 -28.78
C PHE A 453 -29.78 0.82 -29.25
N ALA B 55 -3.72 -17.67 -30.72
CA ALA B 55 -2.40 -17.04 -30.42
C ALA B 55 -2.40 -15.55 -30.77
N LEU B 56 -1.88 -14.73 -29.85
CA LEU B 56 -2.06 -13.28 -29.92
C LEU B 56 -0.86 -12.54 -29.32
N ASP B 57 -0.23 -11.68 -30.12
CA ASP B 57 0.58 -10.57 -29.60
C ASP B 57 -0.32 -9.48 -29.01
N LEU B 58 -0.02 -9.09 -27.77
CA LEU B 58 -0.85 -8.13 -27.04
C LEU B 58 -0.61 -6.69 -27.52
N GLY B 59 0.44 -6.50 -28.32
CA GLY B 59 0.75 -5.21 -28.92
C GLY B 59 0.22 -5.06 -30.34
N SER B 60 -0.41 -6.12 -30.85
CA SER B 60 -0.92 -6.13 -32.24
C SER B 60 -2.19 -5.27 -32.39
N ALA B 61 -2.56 -4.99 -33.64
CA ALA B 61 -3.80 -4.26 -33.95
C ALA B 61 -5.05 -5.10 -33.63
N GLU B 62 -4.91 -6.43 -33.75
CA GLU B 62 -6.00 -7.36 -33.40
C GLU B 62 -6.32 -7.34 -31.90
N ALA B 63 -5.26 -7.25 -31.07
CA ALA B 63 -5.42 -7.10 -29.62
C ALA B 63 -6.06 -5.76 -29.25
N LYS B 64 -5.73 -4.73 -30.02
CA LYS B 64 -6.25 -3.38 -29.77
C LYS B 64 -7.73 -3.26 -30.13
N ALA B 65 -8.16 -4.04 -31.13
CA ALA B 65 -9.51 -3.93 -31.68
C ALA B 65 -10.49 -4.90 -31.00
N TRP B 66 -10.01 -5.62 -29.98
CA TRP B 66 -10.74 -6.74 -29.38
C TRP B 66 -12.03 -6.27 -28.69
N ILE B 67 -13.15 -6.87 -29.10
CA ILE B 67 -14.40 -6.75 -28.34
C ILE B 67 -14.51 -7.88 -27.33
N GLY B 68 -14.76 -7.54 -26.07
CA GLY B 68 -14.80 -8.51 -25.00
C GLY B 68 -16.18 -8.70 -24.41
N VAL B 69 -17.13 -7.86 -24.84
CA VAL B 69 -18.50 -7.90 -24.32
C VAL B 69 -19.23 -9.16 -24.79
N GLU B 70 -19.81 -9.89 -23.83
CA GLU B 70 -19.93 -11.34 -23.94
C GLU B 70 -21.18 -11.74 -24.75
N ASN B 71 -22.34 -11.30 -24.29
CA ASN B 71 -23.58 -11.39 -25.08
C ASN B 71 -24.16 -10.01 -25.39
N PRO B 72 -23.72 -9.41 -26.51
CA PRO B 72 -24.01 -8.00 -26.85
C PRO B 72 -25.49 -7.77 -27.15
N HIS B 73 -26.03 -6.64 -26.69
CA HIS B 73 -27.33 -6.16 -27.16
C HIS B 73 -27.29 -5.82 -28.65
N ARG B 74 -26.21 -5.16 -29.07
CA ARG B 74 -26.06 -4.73 -30.46
C ARG B 74 -24.59 -4.63 -30.86
N ALA B 75 -24.07 -5.69 -31.45
CA ALA B 75 -22.61 -5.86 -31.61
C ALA B 75 -22.06 -5.02 -32.78
N ASP B 76 -22.95 -4.58 -33.66
CA ASP B 76 -22.59 -3.68 -34.76
C ASP B 76 -22.34 -2.27 -34.26
N VAL B 77 -23.10 -1.86 -33.25
CA VAL B 77 -22.79 -0.65 -32.48
C VAL B 77 -21.46 -0.79 -31.72
N LEU B 78 -21.20 -1.98 -31.19
CA LEU B 78 -19.98 -2.24 -30.40
C LEU B 78 -18.70 -2.05 -31.22
N THR B 79 -18.71 -2.54 -32.46
CA THR B 79 -17.56 -2.40 -33.37
C THR B 79 -17.34 -0.95 -33.78
N GLU B 80 -18.43 -0.23 -34.03
CA GLU B 80 -18.36 1.16 -34.47
C GLU B 80 -18.11 2.14 -33.29
N LEU B 81 -18.36 1.66 -32.06
CA LEU B 81 -17.91 2.35 -30.85
C LEU B 81 -16.42 2.12 -30.60
N ARG B 82 -15.97 0.89 -30.82
CA ARG B 82 -14.52 0.55 -30.75
C ARG B 82 -13.71 1.30 -31.80
N ARG B 83 -14.31 1.54 -32.96
CA ARG B 83 -13.66 2.25 -34.06
C ARG B 83 -13.54 3.76 -33.78
N SER B 84 -14.40 4.26 -32.88
CA SER B 84 -14.61 5.71 -32.75
C SER B 84 -13.57 6.36 -31.81
N THR B 85 -12.75 5.53 -31.16
CA THR B 85 -11.95 5.97 -30.02
C THR B 85 -10.70 5.09 -29.79
N VAL B 86 -9.66 5.68 -29.20
CA VAL B 86 -8.47 4.92 -28.78
C VAL B 86 -8.52 4.55 -27.27
N ALA B 87 -9.55 5.05 -26.58
CA ALA B 87 -9.85 4.63 -25.21
C ALA B 87 -10.23 3.14 -25.15
N ARG B 88 -9.94 2.51 -24.01
CA ARG B 88 -10.06 1.03 -23.88
C ARG B 88 -11.52 0.61 -23.66
N VAL B 89 -12.37 0.94 -24.62
CA VAL B 89 -13.80 0.72 -24.51
C VAL B 89 -14.14 -0.72 -24.98
N CYS B 90 -15.31 -1.24 -24.55
CA CYS B 90 -15.95 -2.42 -25.20
C CYS B 90 -15.22 -3.75 -24.87
N THR B 91 -14.46 -3.75 -23.78
CA THR B 91 -13.64 -4.92 -23.40
C THR B 91 -14.42 -5.85 -22.48
N GLY B 92 -15.62 -5.42 -22.06
CA GLY B 92 -16.50 -6.26 -21.27
C GLY B 92 -16.03 -6.42 -19.85
N ARG B 93 -16.43 -7.53 -19.22
CA ARG B 93 -16.22 -7.71 -17.79
C ARG B 93 -16.25 -9.19 -17.39
N ALA B 94 -15.67 -9.51 -16.24
CA ALA B 94 -15.97 -10.71 -15.51
C ALA B 94 -16.42 -10.38 -14.09
N GLY B 95 -17.71 -10.52 -13.82
CA GLY B 95 -18.36 -9.76 -12.74
C GLY B 95 -18.19 -8.26 -12.91
N PRO B 96 -17.67 -7.60 -11.86
CA PRO B 96 -17.34 -6.18 -11.94
C PRO B 96 -15.87 -5.93 -12.31
N ARG B 97 -15.13 -7.01 -12.59
CA ARG B 97 -13.68 -6.93 -12.83
C ARG B 97 -13.38 -6.94 -14.35
N PRO B 98 -12.19 -6.42 -14.75
CA PRO B 98 -11.75 -6.51 -16.14
C PRO B 98 -11.64 -7.95 -16.62
N ARG B 99 -11.93 -8.18 -17.90
CA ARG B 99 -11.60 -9.43 -18.56
C ARG B 99 -10.09 -9.64 -18.63
N THR B 100 -9.68 -10.90 -18.71
CA THR B 100 -8.27 -11.28 -18.54
C THR B 100 -7.39 -10.66 -19.63
N GLN B 101 -7.84 -10.78 -20.89
CA GLN B 101 -7.07 -10.26 -22.04
C GLN B 101 -6.92 -8.73 -21.96
N ALA B 102 -7.97 -8.06 -21.49
CA ALA B 102 -7.92 -6.60 -21.25
C ALA B 102 -6.90 -6.22 -20.17
N LEU B 103 -6.85 -7.02 -19.10
CA LEU B 103 -5.85 -6.83 -18.03
C LEU B 103 -4.42 -7.11 -18.53
N LEU B 104 -4.27 -8.17 -19.31
CA LEU B 104 -2.97 -8.56 -19.86
C LEU B 104 -2.39 -7.49 -20.80
N ARG B 105 -3.25 -6.91 -21.64
CA ARG B 105 -2.83 -5.89 -22.60
C ARG B 105 -2.53 -4.56 -21.90
N PHE B 106 -3.34 -4.24 -20.88
CA PHE B 106 -3.01 -3.15 -19.95
C PHE B 106 -1.62 -3.31 -19.35
N LEU B 107 -1.33 -4.51 -18.84
CA LEU B 107 -0.04 -4.80 -18.19
C LEU B 107 1.11 -4.72 -19.21
N ALA B 108 0.86 -5.21 -20.43
CA ALA B 108 1.84 -5.14 -21.52
C ALA B 108 2.16 -3.71 -21.90
N ASP B 109 1.11 -2.89 -22.05
CA ASP B 109 1.27 -1.48 -22.41
C ASP B 109 2.00 -0.68 -21.34
N HIS B 110 1.80 -1.07 -20.07
CA HIS B 110 2.49 -0.40 -18.95
C HIS B 110 3.97 -0.70 -18.91
N SER B 111 4.33 -1.97 -19.16
CA SER B 111 5.74 -2.38 -19.29
C SER B 111 6.45 -1.59 -20.40
N ARG B 112 5.77 -1.38 -21.53
CA ARG B 112 6.30 -0.56 -22.62
C ARG B 112 6.36 0.94 -22.23
N SER B 113 5.37 1.39 -21.46
CA SER B 113 5.29 2.80 -21.05
C SER B 113 6.41 3.18 -20.07
N LYS B 114 6.75 2.24 -19.17
CA LYS B 114 7.81 2.47 -18.16
C LYS B 114 9.16 2.73 -18.81
N ASP B 115 9.43 2.05 -19.93
CA ASP B 115 10.72 2.15 -20.61
C ASP B 115 10.90 3.51 -21.28
N THR B 116 9.78 4.13 -21.67
CA THR B 116 9.83 5.37 -22.46
C THR B 116 10.11 6.61 -21.60
N VAL B 117 9.88 6.50 -20.29
CA VAL B 117 10.25 7.57 -19.36
C VAL B 117 11.78 7.63 -19.11
N LEU B 118 12.43 6.46 -19.24
CA LEU B 118 13.89 6.38 -19.03
C LEU B 118 14.64 6.50 -20.35
N LYS B 119 13.90 6.44 -21.45
CA LYS B 119 14.49 6.47 -22.79
C LYS B 119 15.11 7.82 -23.10
N GLU B 120 16.35 7.82 -23.59
CA GLU B 120 17.07 9.05 -23.94
C GLU B 120 17.47 9.04 -25.40
N VAL B 121 17.34 10.18 -26.07
CA VAL B 121 17.81 10.35 -27.43
C VAL B 121 19.37 10.40 -27.49
N PRO B 122 19.97 9.73 -28.50
CA PRO B 122 21.38 9.93 -28.86
C PRO B 122 21.77 11.40 -28.93
N GLU B 123 22.88 11.76 -28.26
CA GLU B 123 23.66 12.97 -28.60
C GLU B 123 23.91 13.10 -30.12
N GLU B 124 24.12 11.95 -30.77
CA GLU B 124 24.41 11.91 -32.21
C GLU B 124 23.19 12.31 -33.06
N TRP B 125 21.99 11.97 -32.56
CA TRP B 125 20.73 12.36 -33.24
C TRP B 125 20.52 13.87 -33.18
N VAL B 126 20.78 14.46 -32.01
CA VAL B 126 20.73 15.92 -31.84
C VAL B 126 21.74 16.63 -32.78
N LYS B 127 22.94 16.06 -32.89
CA LYS B 127 23.97 16.58 -33.78
C LYS B 127 23.57 16.47 -35.26
N ALA B 128 22.85 15.40 -35.60
CA ALA B 128 22.43 15.15 -36.99
C ALA B 128 21.26 16.06 -37.41
N GLN B 129 20.52 16.58 -36.42
CA GLN B 129 19.43 17.54 -36.67
C GLN B 129 19.97 18.96 -36.96
N GLY B 130 21.28 19.15 -36.78
CA GLY B 130 21.89 20.48 -36.89
C GLY B 130 21.67 21.34 -35.66
N LEU B 131 21.41 20.68 -34.52
CA LEU B 131 21.04 21.37 -33.28
C LEU B 131 22.24 21.49 -32.35
N LEU B 132 22.47 22.69 -31.82
CA LEU B 132 23.13 22.88 -30.52
C LEU B 132 22.42 22.05 -29.43
N GLU B 133 23.18 21.15 -28.81
CA GLU B 133 22.76 20.57 -27.53
C GLU B 133 23.26 21.38 -26.36
N VAL B 134 22.34 21.89 -25.56
CA VAL B 134 22.63 22.38 -24.24
C VAL B 134 21.83 21.53 -23.19
N ARG B 135 22.28 21.54 -21.93
CA ARG B 135 21.52 20.86 -20.86
C ARG B 135 21.15 21.81 -19.71
N SER B 136 20.28 21.33 -18.81
CA SER B 136 19.96 22.04 -17.58
C SER B 136 20.99 21.75 -16.47
N GLU B 137 20.63 22.09 -15.23
CA GLU B 137 21.48 21.75 -14.05
C GLU B 137 21.48 20.24 -13.78
N ILE B 138 20.49 19.55 -14.32
CA ILE B 138 20.37 18.10 -14.15
C ILE B 138 21.47 17.34 -14.94
N SER B 139 22.08 16.35 -14.29
CA SER B 139 23.17 15.57 -14.91
C SER B 139 22.64 14.33 -15.66
N ASP B 140 21.58 13.72 -15.13
CA ASP B 140 21.13 12.38 -15.59
C ASP B 140 19.62 12.20 -15.44
N LYS B 141 19.09 11.10 -15.99
CA LYS B 141 17.63 10.88 -16.08
C LYS B 141 17.00 10.66 -14.69
N ASN B 142 17.75 9.99 -13.81
CA ASN B 142 17.25 9.67 -12.47
C ASN B 142 17.09 10.92 -11.59
N LEU B 143 18.04 11.84 -11.69
CA LEU B 143 17.97 13.10 -10.97
C LEU B 143 16.90 14.04 -11.56
N TYR B 144 16.69 13.95 -12.88
CA TYR B 144 15.64 14.73 -13.56
C TYR B 144 14.26 14.51 -12.94
N LEU B 145 13.97 13.25 -12.61
CA LEU B 145 12.63 12.87 -12.18
C LEU B 145 12.32 13.36 -10.77
N THR B 146 13.38 13.58 -9.98
CA THR B 146 13.24 13.92 -8.56
C THR B 146 13.44 15.41 -8.29
N ARG B 147 14.15 16.08 -9.21
CA ARG B 147 14.51 17.49 -9.03
C ARG B 147 14.01 18.36 -10.22
N PRO B 148 12.73 18.82 -10.16
CA PRO B 148 12.20 19.75 -11.15
C PRO B 148 12.84 21.14 -11.07
N ASP B 149 13.29 21.52 -9.85
CA ASP B 149 13.90 22.86 -9.63
C ASP B 149 15.24 23.03 -10.39
N MET B 150 15.97 21.93 -10.56
CA MET B 150 17.22 21.95 -11.32
C MET B 150 16.95 21.85 -12.83
N GLY B 151 15.83 21.21 -13.19
CA GLY B 151 15.40 21.15 -14.59
C GLY B 151 14.91 22.50 -15.11
N ARG B 152 14.58 23.42 -14.19
CA ARG B 152 14.06 24.74 -14.55
C ARG B 152 15.19 25.79 -14.70
N ARG B 153 16.43 25.36 -14.46
CA ARG B 153 17.60 26.26 -14.59
C ARG B 153 18.64 25.68 -15.54
N LEU B 154 19.14 26.52 -16.45
CA LEU B 154 20.37 26.21 -17.21
C LEU B 154 21.57 26.08 -16.27
N CYS B 155 22.44 25.10 -16.55
CA CYS B 155 23.75 25.03 -15.91
C CYS B 155 24.67 26.16 -16.39
N ALA B 156 25.79 26.34 -15.70
CA ALA B 156 26.65 27.52 -15.91
C ALA B 156 27.25 27.53 -17.32
N GLU B 157 27.55 26.33 -17.85
CA GLU B 157 28.12 26.19 -19.19
C GLU B 157 27.05 26.39 -20.28
N ALA B 158 25.79 26.17 -19.92
CA ALA B 158 24.68 26.33 -20.85
C ALA B 158 24.39 27.80 -21.14
N VAL B 159 24.46 28.63 -20.09
CA VAL B 159 24.29 30.09 -20.23
C VAL B 159 25.31 30.67 -21.21
N GLU B 160 26.58 30.28 -21.05
CA GLU B 160 27.67 30.83 -21.83
C GLU B 160 27.61 30.35 -23.28
N ALA B 161 27.13 29.12 -23.48
CA ALA B 161 26.95 28.56 -24.83
C ALA B 161 25.86 29.30 -25.61
N LEU B 162 24.79 29.68 -24.92
CA LEU B 162 23.67 30.40 -25.53
C LEU B 162 24.09 31.81 -25.99
N LYS B 163 24.89 32.49 -25.16
CA LYS B 163 25.44 33.80 -25.51
C LYS B 163 26.48 33.70 -26.64
N ALA B 164 27.17 32.57 -26.70
CA ALA B 164 28.20 32.34 -27.72
C ALA B 164 27.57 32.15 -29.11
N GLN B 165 26.51 31.34 -29.18
CA GLN B 165 26.25 30.54 -30.38
C GLN B 165 24.87 30.84 -30.97
N CYS B 166 24.04 31.54 -30.21
CA CYS B 166 22.69 31.88 -30.65
C CYS B 166 22.55 33.36 -30.96
N VAL B 167 21.62 33.69 -31.86
CA VAL B 167 21.46 35.06 -32.33
C VAL B 167 20.64 35.91 -31.36
N ALA B 168 21.00 37.19 -31.26
CA ALA B 168 20.70 37.97 -30.07
C ALA B 168 19.47 38.84 -30.27
N ASN B 169 18.63 38.91 -29.24
CA ASN B 169 17.29 39.58 -29.33
C ASN B 169 16.45 39.19 -30.58
N PRO B 170 16.05 37.89 -30.68
CA PRO B 170 15.10 37.49 -31.71
C PRO B 170 13.68 37.92 -31.39
N ASP B 171 12.84 38.04 -32.41
CA ASP B 171 11.39 38.16 -32.23
C ASP B 171 10.79 36.85 -31.74
N VAL B 172 11.24 35.74 -32.32
CA VAL B 172 10.73 34.42 -31.98
C VAL B 172 11.85 33.40 -31.77
N GLN B 173 11.86 32.78 -30.59
CA GLN B 173 12.88 31.81 -30.25
C GLN B 173 12.28 30.43 -30.06
N VAL B 174 12.68 29.49 -30.90
CA VAL B 174 12.27 28.10 -30.73
C VAL B 174 13.27 27.31 -29.88
N VAL B 175 12.81 26.81 -28.75
CA VAL B 175 13.54 25.83 -27.95
C VAL B 175 12.88 24.45 -28.06
N ILE B 176 13.69 23.41 -28.14
CA ILE B 176 13.18 22.04 -28.11
C ILE B 176 13.84 21.23 -26.98
N SER B 177 13.02 20.51 -26.21
CA SER B 177 13.52 19.73 -25.08
C SER B 177 12.86 18.37 -25.00
N ASP B 178 13.62 17.35 -24.59
CA ASP B 178 13.08 16.00 -24.40
C ASP B 178 12.00 15.96 -23.30
N GLY B 179 12.22 16.71 -22.23
CA GLY B 179 11.31 16.73 -21.10
C GLY B 179 11.09 15.36 -20.52
N LEU B 180 9.85 14.90 -20.55
CA LEU B 180 9.47 13.65 -19.90
C LEU B 180 9.22 12.52 -20.92
N SER B 181 9.25 12.85 -22.21
CA SER B 181 9.18 11.85 -23.28
C SER B 181 10.11 12.17 -24.46
N THR B 182 11.13 11.32 -24.64
CA THR B 182 12.02 11.42 -25.78
C THR B 182 11.29 11.13 -27.12
N ASP B 183 10.40 10.13 -27.09
CA ASP B 183 9.62 9.73 -28.29
C ASP B 183 8.81 10.91 -28.86
N ALA B 184 8.34 11.79 -27.97
CA ALA B 184 7.57 12.98 -28.38
C ALA B 184 8.38 13.92 -29.24
N ILE B 185 9.69 13.98 -28.99
CA ILE B 185 10.61 14.72 -29.84
C ILE B 185 10.92 13.94 -31.13
N THR B 186 11.38 12.70 -30.98
CA THR B 186 12.09 11.98 -32.05
C THR B 186 11.15 11.60 -33.20
N VAL B 187 9.92 11.17 -32.86
CA VAL B 187 8.88 10.88 -33.86
C VAL B 187 8.45 12.16 -34.62
N ASN B 188 8.32 13.27 -33.89
CA ASN B 188 7.55 14.41 -34.37
C ASN B 188 8.40 15.48 -35.06
N TYR B 189 9.73 15.41 -34.85
CA TYR B 189 10.62 16.59 -35.05
C TYR B 189 10.60 17.08 -36.48
N GLU B 190 10.81 16.17 -37.44
CA GLU B 190 10.96 16.54 -38.85
C GLU B 190 9.62 16.98 -39.45
N GLU B 191 8.53 16.55 -38.84
CA GLU B 191 7.20 16.95 -39.27
C GLU B 191 6.84 18.37 -38.79
N ILE B 192 7.26 18.71 -37.56
CA ILE B 192 6.83 19.97 -36.91
C ILE B 192 7.78 21.16 -37.20
N LEU B 193 9.09 20.90 -37.17
CA LEU B 193 10.08 21.96 -36.93
C LEU B 193 10.45 22.76 -38.22
N PRO B 194 10.73 22.03 -39.37
CA PRO B 194 10.96 22.74 -40.64
C PRO B 194 9.83 23.74 -41.07
N PRO B 195 8.52 23.31 -41.04
CA PRO B 195 7.46 24.27 -41.44
C PRO B 195 7.20 25.34 -40.36
N LEU B 196 7.60 25.08 -39.12
CA LEU B 196 7.61 26.10 -38.06
C LEU B 196 8.67 27.19 -38.33
N MET B 197 9.88 26.75 -38.70
CA MET B 197 10.96 27.68 -39.06
C MET B 197 10.64 28.44 -40.36
N ALA B 198 10.06 27.73 -41.32
CA ALA B 198 9.66 28.33 -42.60
C ALA B 198 8.37 29.15 -42.47
N GLY B 199 7.63 28.93 -41.39
CA GLY B 199 6.49 29.78 -41.04
C GLY B 199 6.92 31.15 -40.54
N LEU B 200 7.83 31.16 -39.55
CA LEU B 200 8.23 32.40 -38.87
C LEU B 200 9.13 33.26 -39.75
N LYS B 201 9.87 32.61 -40.67
CA LYS B 201 10.64 33.32 -41.68
C LYS B 201 9.74 33.98 -42.72
N GLN B 202 8.92 33.16 -43.38
CA GLN B 202 8.37 33.53 -44.70
C GLN B 202 7.03 34.27 -44.55
N ALA B 203 6.99 35.50 -45.07
CA ALA B 203 6.45 36.66 -44.31
C ALA B 203 6.72 36.56 -42.80
N GLY B 204 7.82 37.19 -42.37
CA GLY B 204 7.92 37.71 -41.00
C GLY B 204 9.35 38.03 -40.59
N LEU B 205 9.80 37.41 -39.50
CA LEU B 205 10.39 38.15 -38.38
C LEU B 205 11.88 37.82 -38.21
N LYS B 206 12.51 38.43 -37.21
CA LYS B 206 13.83 37.99 -36.75
C LYS B 206 13.72 36.67 -35.98
N VAL B 207 14.08 35.58 -36.64
CA VAL B 207 13.96 34.25 -36.05
C VAL B 207 15.23 33.86 -35.32
N GLY B 208 15.07 33.37 -34.08
CA GLY B 208 16.17 32.73 -33.36
C GLY B 208 16.66 31.45 -34.02
N THR B 209 17.87 31.04 -33.68
CA THR B 209 18.36 29.72 -34.04
C THR B 209 17.91 28.66 -33.03
N PRO B 210 17.31 27.56 -33.52
CA PRO B 210 16.74 26.52 -32.66
C PRO B 210 17.84 25.68 -32.00
N PHE B 211 17.56 25.21 -30.77
CA PHE B 211 18.55 24.45 -30.00
C PHE B 211 17.89 23.47 -29.03
N PHE B 212 18.58 22.36 -28.78
CA PHE B 212 18.11 21.37 -27.82
C PHE B 212 18.54 21.74 -26.40
N VAL B 213 17.59 21.71 -25.47
CA VAL B 213 17.90 21.58 -24.04
C VAL B 213 17.62 20.15 -23.54
N ARG B 214 18.68 19.44 -23.14
CA ARG B 214 18.55 18.20 -22.39
C ARG B 214 18.01 18.46 -20.98
N TYR B 215 17.09 17.60 -20.53
CA TYR B 215 16.59 17.61 -19.13
C TYR B 215 15.87 18.93 -18.78
N GLY B 216 15.01 19.39 -19.68
CA GLY B 216 14.33 20.69 -19.51
C GLY B 216 12.97 20.56 -18.84
N ARG B 217 12.69 21.48 -17.93
CA ARG B 217 11.32 21.75 -17.49
C ARG B 217 10.85 23.10 -18.00
N VAL B 218 9.54 23.33 -17.97
CA VAL B 218 8.91 24.39 -18.79
C VAL B 218 9.40 25.80 -18.39
N LYS B 219 9.63 26.01 -17.09
CA LYS B 219 10.02 27.34 -16.56
C LYS B 219 11.44 27.79 -16.99
N ILE B 220 12.20 26.87 -17.61
CA ILE B 220 13.55 27.18 -18.12
C ILE B 220 13.50 28.17 -19.31
N GLU B 221 12.33 28.29 -19.94
CA GLU B 221 12.15 29.16 -21.09
C GLU B 221 12.09 30.65 -20.68
N ASP B 222 11.86 30.90 -19.38
CA ASP B 222 11.95 32.25 -18.82
C ASP B 222 13.40 32.73 -18.74
N GLN B 223 14.28 31.84 -18.31
CA GLN B 223 15.72 32.12 -18.27
C GLN B 223 16.30 32.24 -19.68
N ILE B 224 15.83 31.38 -20.60
CA ILE B 224 16.20 31.46 -22.01
C ILE B 224 15.75 32.80 -22.65
N GLY B 225 14.56 33.26 -22.30
CA GLY B 225 14.05 34.57 -22.75
C GLY B 225 14.90 35.74 -22.27
N GLU B 226 15.39 35.65 -21.04
CA GLU B 226 16.15 36.75 -20.41
C GLU B 226 17.55 36.86 -21.00
N ILE B 227 18.18 35.72 -21.21
CA ILE B 227 19.57 35.67 -21.67
C ILE B 227 19.66 36.06 -23.16
N LEU B 228 18.75 35.53 -23.97
CA LEU B 228 18.80 35.72 -25.42
C LEU B 228 18.03 36.95 -25.87
N GLY B 229 17.27 37.55 -24.95
CA GLY B 229 16.57 38.80 -25.22
C GLY B 229 15.32 38.61 -26.07
N ALA B 230 14.71 37.43 -25.98
CA ALA B 230 13.71 37.00 -26.95
C ALA B 230 12.35 37.62 -26.62
N LYS B 231 11.63 38.04 -27.67
CA LYS B 231 10.30 38.62 -27.51
C LYS B 231 9.23 37.54 -27.32
N VAL B 232 9.33 36.47 -28.11
CA VAL B 232 8.54 35.25 -27.88
C VAL B 232 9.47 34.03 -27.78
N VAL B 233 9.27 33.25 -26.72
CA VAL B 233 9.92 31.94 -26.61
C VAL B 233 8.92 30.80 -26.81
N ILE B 234 9.18 29.96 -27.81
CA ILE B 234 8.44 28.71 -28.00
C ILE B 234 9.26 27.50 -27.50
N LEU B 235 8.74 26.82 -26.48
CA LEU B 235 9.29 25.53 -26.06
C LEU B 235 8.43 24.36 -26.54
N LEU B 236 9.02 23.52 -27.40
CA LEU B 236 8.42 22.23 -27.73
C LEU B 236 9.01 21.11 -26.87
N VAL B 237 8.16 20.46 -26.09
CA VAL B 237 8.62 19.60 -24.99
C VAL B 237 7.76 18.32 -24.88
N GLY B 238 8.41 17.22 -24.51
CA GLY B 238 7.71 15.97 -24.24
C GLY B 238 6.96 15.99 -22.93
N GLU B 239 5.63 15.96 -23.02
CA GLU B 239 4.79 15.72 -21.85
C GLU B 239 4.88 14.27 -21.38
N ARG B 240 4.48 14.02 -20.13
CA ARG B 240 4.69 12.72 -19.49
C ARG B 240 3.97 11.59 -20.27
N PRO B 241 4.62 10.40 -20.35
CA PRO B 241 4.14 9.33 -21.22
C PRO B 241 2.81 8.75 -20.76
N GLY B 242 1.87 8.62 -21.68
CA GLY B 242 0.66 7.86 -21.43
C GLY B 242 0.90 6.36 -21.39
N LEU B 243 -0.16 5.61 -21.09
CA LEU B 243 -0.07 4.16 -21.00
C LEU B 243 0.23 3.53 -22.36
N GLY B 244 -0.47 4.00 -23.39
CA GLY B 244 -0.45 3.35 -24.70
C GLY B 244 0.11 4.23 -25.81
N GLN B 245 0.62 5.40 -25.43
CA GLN B 245 1.37 6.26 -26.36
C GLN B 245 2.46 7.06 -25.64
N SER B 246 3.41 7.58 -26.42
CA SER B 246 4.54 8.32 -25.86
C SER B 246 4.96 9.50 -26.72
N GLU B 247 4.28 9.69 -27.85
CA GLU B 247 4.70 10.70 -28.83
C GLU B 247 3.90 12.02 -28.71
N SER B 248 3.24 12.21 -27.57
CA SER B 248 2.48 13.45 -27.33
C SER B 248 3.42 14.61 -26.99
N LEU B 249 3.50 15.58 -27.91
CA LEU B 249 4.27 16.80 -27.70
C LEU B 249 3.35 17.95 -27.26
N SER B 250 3.86 18.82 -26.39
CA SER B 250 3.22 20.13 -26.16
C SER B 250 4.10 21.29 -26.59
N CYS B 251 3.46 22.36 -27.06
CA CYS B 251 4.10 23.66 -27.15
C CYS B 251 3.74 24.53 -25.93
N TYR B 252 4.75 25.03 -25.25
CA TYR B 252 4.57 26.11 -24.28
C TYR B 252 5.23 27.38 -24.75
N ALA B 253 4.45 28.46 -24.84
CA ALA B 253 4.90 29.66 -25.50
C ALA B 253 4.54 30.89 -24.67
N VAL B 254 5.46 31.84 -24.62
CA VAL B 254 5.34 32.97 -23.71
C VAL B 254 5.93 34.27 -24.33
N TYR B 255 5.22 35.38 -24.18
CA TYR B 255 5.73 36.68 -24.55
C TYR B 255 6.69 37.22 -23.48
N SER B 256 7.95 37.41 -23.88
CA SER B 256 8.88 38.35 -23.19
C SER B 256 9.01 38.07 -21.68
N PRO B 257 9.52 36.88 -21.32
CA PRO B 257 9.36 36.37 -19.97
C PRO B 257 10.44 36.91 -19.02
N ARG B 258 10.16 36.82 -17.71
CA ARG B 258 11.14 37.20 -16.70
C ARG B 258 11.06 36.25 -15.50
N MET B 259 12.22 35.79 -15.03
CA MET B 259 12.29 34.72 -14.00
C MET B 259 11.59 35.12 -12.71
N ALA B 260 11.71 36.41 -12.36
CA ALA B 260 11.18 36.92 -11.10
C ALA B 260 9.65 37.07 -11.14
N THR B 261 9.10 37.25 -12.35
CA THR B 261 7.81 37.93 -12.51
C THR B 261 6.78 37.09 -13.32
N THR B 262 7.28 36.21 -14.20
CA THR B 262 6.40 35.39 -15.05
C THR B 262 5.75 34.27 -14.24
N VAL B 263 4.43 34.16 -14.36
CA VAL B 263 3.69 33.03 -13.81
C VAL B 263 3.23 32.08 -14.92
N GLU B 264 2.76 30.90 -14.54
CA GLU B 264 2.42 29.84 -15.49
C GLU B 264 1.25 30.23 -16.40
N ALA B 265 0.32 31.02 -15.85
CA ALA B 265 -0.86 31.47 -16.61
C ALA B 265 -0.49 32.47 -17.73
N ASP B 266 0.72 33.04 -17.65
CA ASP B 266 1.24 33.92 -18.72
C ASP B 266 1.65 33.13 -19.98
N ARG B 267 1.67 31.81 -19.87
CA ARG B 267 2.02 30.95 -21.01
C ARG B 267 0.78 30.47 -21.74
N THR B 268 0.88 30.38 -23.06
CA THR B 268 -0.09 29.62 -23.86
C THR B 268 0.39 28.18 -24.09
N CYS B 269 -0.47 27.23 -23.76
CA CYS B 269 -0.20 25.83 -24.04
C CYS B 269 -0.94 25.37 -25.31
N ILE B 270 -0.19 24.75 -26.23
CA ILE B 270 -0.80 23.86 -27.22
C ILE B 270 -0.34 22.42 -27.01
N SER B 271 -1.28 21.56 -26.60
CA SER B 271 -0.95 20.24 -26.10
C SER B 271 -1.35 19.15 -27.09
N ASN B 272 -0.97 17.90 -26.77
CA ASN B 272 -1.43 16.70 -27.52
C ASN B 272 -1.13 16.78 -29.02
N ILE B 273 0.04 17.33 -29.35
CA ILE B 273 0.54 17.29 -30.72
C ILE B 273 1.15 15.92 -31.04
N HIS B 274 0.40 15.12 -31.79
CA HIS B 274 0.95 13.94 -32.48
C HIS B 274 0.01 13.48 -33.58
N GLN B 275 0.28 12.30 -34.15
CA GLN B 275 -0.52 11.75 -35.25
C GLN B 275 -1.93 11.32 -34.78
N GLY B 276 -2.05 10.96 -33.50
CA GLY B 276 -3.35 10.65 -32.90
C GLY B 276 -4.01 11.86 -32.24
N GLY B 277 -3.29 12.98 -32.21
CA GLY B 277 -3.87 14.27 -31.80
C GLY B 277 -3.91 15.28 -32.94
N THR B 278 -3.50 16.51 -32.63
CA THR B 278 -3.21 17.50 -33.67
C THR B 278 -1.90 17.16 -34.41
N PRO B 279 -1.99 16.92 -35.74
CA PRO B 279 -0.82 16.57 -36.55
C PRO B 279 0.26 17.65 -36.49
N PRO B 280 1.54 17.24 -36.37
CA PRO B 280 2.68 18.15 -36.16
C PRO B 280 2.85 19.20 -37.27
N VAL B 281 2.51 18.83 -38.51
CA VAL B 281 2.47 19.79 -39.63
C VAL B 281 1.36 20.84 -39.44
N GLU B 282 0.17 20.38 -39.08
CA GLU B 282 -0.97 21.27 -38.81
C GLU B 282 -0.72 22.15 -37.58
N ALA B 283 -0.04 21.59 -36.58
CA ALA B 283 0.26 22.31 -35.33
C ALA B 283 1.36 23.35 -35.53
N ALA B 284 2.22 23.13 -36.53
CA ALA B 284 3.28 24.07 -36.85
C ALA B 284 2.74 25.44 -37.27
N ALA B 285 1.67 25.41 -38.08
CA ALA B 285 1.03 26.65 -38.54
C ALA B 285 0.13 27.29 -37.46
N VAL B 286 -0.32 26.47 -36.51
CA VAL B 286 -0.99 26.97 -35.29
C VAL B 286 -0.02 27.80 -34.43
N ILE B 287 1.18 27.27 -34.21
CA ILE B 287 2.17 27.90 -33.33
C ILE B 287 2.74 29.21 -33.95
N VAL B 288 2.94 29.21 -35.27
CA VAL B 288 3.33 30.43 -36.02
C VAL B 288 2.26 31.54 -35.90
N ASP B 289 1.00 31.16 -36.13
CA ASP B 289 -0.15 32.10 -35.97
C ASP B 289 -0.29 32.59 -34.52
N LEU B 290 -0.02 31.70 -33.56
CA LEU B 290 0.05 32.07 -32.14
C LEU B 290 1.18 33.07 -31.88
N ALA B 291 2.36 32.82 -32.47
CA ALA B 291 3.52 33.70 -32.30
C ALA B 291 3.26 35.09 -32.89
N LYS B 292 2.62 35.12 -34.07
CA LYS B 292 2.25 36.39 -34.73
C LYS B 292 1.25 37.19 -33.90
N ARG B 293 0.28 36.48 -33.31
CA ARG B 293 -0.71 37.11 -32.41
C ARG B 293 -0.04 37.63 -31.13
N MET B 294 0.96 36.89 -30.63
CA MET B 294 1.68 37.26 -29.40
C MET B 294 2.46 38.58 -29.58
N LEU B 295 3.05 38.76 -30.75
CA LEU B 295 3.85 39.96 -31.03
C LEU B 295 2.96 41.16 -31.34
N GLU B 296 1.81 40.91 -31.96
CA GLU B 296 0.79 41.94 -32.20
C GLU B 296 0.23 42.49 -30.89
N GLN B 297 -0.11 41.58 -29.98
CA GLN B 297 -0.84 41.93 -28.76
C GLN B 297 0.12 42.34 -27.64
N LYS B 298 1.40 42.00 -27.81
CA LYS B 298 2.39 42.03 -26.70
C LYS B 298 1.89 41.30 -25.44
N ALA B 299 1.40 40.08 -25.63
CA ALA B 299 0.71 39.34 -24.57
C ALA B 299 0.74 37.85 -24.86
N SER B 300 0.77 37.05 -23.79
CA SER B 300 0.62 35.61 -23.91
C SER B 300 -0.27 35.03 -22.81
N GLY B 301 -0.81 33.85 -23.05
CA GLY B 301 -1.57 33.12 -22.03
C GLY B 301 -2.91 33.75 -21.76
N ILE B 302 -3.18 34.01 -20.47
CA ILE B 302 -4.49 34.54 -20.04
C ILE B 302 -4.63 36.03 -20.38
N ASN B 303 -3.51 36.67 -20.73
CA ASN B 303 -3.51 38.08 -21.10
C ASN B 303 -3.83 38.31 -22.59
N MET B 304 -4.08 37.21 -23.32
CA MET B 304 -4.43 37.30 -24.75
C MET B 304 -5.94 37.42 -24.94
N THR B 305 -6.34 38.09 -26.04
CA THR B 305 -7.76 38.31 -26.34
C THR B 305 -8.44 37.04 -26.86
N ARG B 306 -9.78 37.00 -26.79
CA ARG B 306 -10.60 35.94 -27.46
C ARG B 306 -10.30 34.54 -26.92
N MET C 1 0.21 -27.79 -25.00
CA MET C 1 1.02 -26.75 -24.30
C MET C 1 1.77 -25.87 -25.28
N LYS C 2 1.45 -24.58 -25.27
CA LYS C 2 2.44 -23.55 -25.59
C LYS C 2 3.24 -23.15 -24.35
N LEU C 3 4.56 -23.10 -24.51
CA LEU C 3 5.43 -22.49 -23.50
C LEU C 3 6.01 -21.16 -24.00
N LYS C 4 5.23 -20.43 -24.80
CA LYS C 4 5.76 -19.43 -25.72
C LYS C 4 4.65 -18.47 -26.17
N THR C 5 4.90 -17.15 -26.03
CA THR C 5 4.21 -16.13 -26.85
C THR C 5 5.20 -15.15 -27.44
N THR C 6 4.71 -14.28 -28.32
CA THR C 6 5.45 -13.11 -28.73
C THR C 6 4.81 -11.80 -28.21
N LEU C 7 5.64 -10.90 -27.68
CA LEU C 7 5.17 -9.64 -27.07
C LEU C 7 5.91 -8.44 -27.64
N PHE C 8 5.18 -7.55 -28.32
CA PHE C 8 5.77 -6.43 -29.11
C PHE C 8 6.83 -6.91 -30.12
N GLY C 9 6.58 -8.06 -30.75
CA GLY C 9 7.45 -8.59 -31.81
C GLY C 9 8.53 -9.52 -31.28
N ASN C 10 8.69 -9.56 -29.96
CA ASN C 10 9.78 -10.32 -29.33
C ASN C 10 9.29 -11.63 -28.74
N VAL C 11 9.92 -12.73 -29.16
CA VAL C 11 9.51 -14.08 -28.72
C VAL C 11 10.02 -14.37 -27.29
N TYR C 12 9.10 -14.71 -26.41
CA TYR C 12 9.45 -15.11 -25.04
C TYR C 12 9.23 -16.60 -24.83
N GLN C 13 10.32 -17.33 -24.57
CA GLN C 13 10.26 -18.77 -24.37
C GLN C 13 10.62 -19.13 -22.93
N PHE C 14 9.82 -20.02 -22.33
CA PHE C 14 10.11 -20.55 -21.01
C PHE C 14 10.27 -22.07 -21.05
N LYS C 15 11.03 -22.61 -20.10
CA LYS C 15 11.45 -24.03 -20.15
C LYS C 15 10.29 -24.96 -19.77
N ASP C 16 9.57 -24.62 -18.70
CA ASP C 16 8.52 -25.49 -18.18
C ASP C 16 7.39 -24.70 -17.51
N VAL C 17 6.37 -25.43 -17.02
CA VAL C 17 5.28 -24.83 -16.22
C VAL C 17 5.81 -24.13 -14.96
N LYS C 18 6.80 -24.75 -14.31
CA LYS C 18 7.39 -24.21 -13.07
C LYS C 18 7.97 -22.79 -13.28
N GLU C 19 8.69 -22.60 -14.39
CA GLU C 19 9.26 -21.29 -14.71
C GLU C 19 8.18 -20.27 -15.06
N VAL C 20 7.12 -20.73 -15.75
CA VAL C 20 6.00 -19.85 -16.10
C VAL C 20 5.24 -19.39 -14.86
N LEU C 21 5.01 -20.31 -13.92
CA LEU C 21 4.41 -19.99 -12.61
C LEU C 21 5.26 -18.98 -11.83
N ALA C 22 6.57 -19.19 -11.84
CA ALA C 22 7.51 -18.36 -11.08
C ALA C 22 7.56 -16.93 -11.61
N LYS C 23 7.65 -16.80 -12.94
CA LYS C 23 7.96 -15.51 -13.57
C LYS C 23 6.70 -14.67 -13.78
N ALA C 24 5.53 -15.30 -13.65
CA ALA C 24 4.25 -14.58 -13.74
C ALA C 24 3.92 -13.82 -12.45
N ASN C 25 4.58 -14.20 -11.35
CA ASN C 25 4.48 -13.45 -10.07
C ASN C 25 4.78 -11.97 -10.25
N GLU C 26 4.00 -11.13 -9.57
CA GLU C 26 4.46 -9.78 -9.20
C GLU C 26 5.82 -9.80 -8.53
N LEU C 27 6.64 -8.79 -8.80
CA LEU C 27 7.99 -8.69 -8.24
C LEU C 27 7.98 -8.80 -6.72
N ARG C 28 8.73 -9.76 -6.20
CA ARG C 28 9.07 -9.80 -4.79
C ARG C 28 10.50 -10.19 -4.57
N SER C 29 11.01 -9.88 -3.38
CA SER C 29 12.42 -10.06 -3.06
C SER C 29 12.81 -11.54 -2.97
N GLY C 30 11.83 -12.39 -2.64
CA GLY C 30 12.06 -13.82 -2.47
C GLY C 30 12.28 -14.56 -3.78
N ASP C 31 11.55 -14.14 -4.82
CA ASP C 31 11.67 -14.76 -6.15
C ASP C 31 13.01 -14.41 -6.82
N VAL C 32 13.48 -13.18 -6.62
CA VAL C 32 14.84 -12.79 -7.03
C VAL C 32 15.90 -13.62 -6.29
N LEU C 33 15.72 -13.77 -4.97
CA LEU C 33 16.62 -14.58 -4.15
C LEU C 33 16.62 -16.06 -4.58
N ALA C 34 15.43 -16.57 -4.92
CA ALA C 34 15.30 -17.97 -5.39
C ALA C 34 15.86 -18.15 -6.82
N GLY C 35 16.07 -17.04 -7.51
CA GLY C 35 16.64 -17.07 -8.85
C GLY C 35 15.60 -17.32 -9.92
N VAL C 36 14.32 -17.16 -9.55
CA VAL C 36 13.21 -17.67 -10.36
C VAL C 36 12.37 -16.53 -10.93
N ALA C 37 12.70 -15.29 -10.54
CA ALA C 37 11.92 -14.10 -10.92
C ALA C 37 12.08 -13.79 -12.41
N ALA C 38 11.13 -13.03 -12.96
CA ALA C 38 11.29 -12.42 -14.29
C ALA C 38 12.49 -11.47 -14.33
N ALA C 39 13.15 -11.42 -15.49
CA ALA C 39 14.28 -10.52 -15.70
C ALA C 39 13.81 -9.08 -15.99
N SER C 40 12.57 -8.95 -16.45
CA SER C 40 12.00 -7.65 -16.81
C SER C 40 10.48 -7.65 -16.65
N SER C 41 9.89 -6.45 -16.74
CA SER C 41 8.42 -6.29 -16.69
C SER C 41 7.74 -6.97 -17.88
N GLN C 42 8.40 -6.91 -19.04
CA GLN C 42 7.85 -7.49 -20.27
C GLN C 42 7.79 -9.01 -20.21
N GLU C 43 8.82 -9.62 -19.61
CA GLU C 43 8.87 -11.08 -19.43
C GLU C 43 7.87 -11.55 -18.36
N ARG C 44 7.62 -10.69 -17.38
CA ARG C 44 6.53 -10.92 -16.40
C ARG C 44 5.18 -11.03 -17.10
N VAL C 45 4.88 -10.09 -18.00
CA VAL C 45 3.60 -10.06 -18.71
C VAL C 45 3.49 -11.22 -19.70
N ALA C 46 4.61 -11.54 -20.37
CA ALA C 46 4.69 -12.69 -21.27
C ALA C 46 4.43 -14.01 -20.52
N ALA C 47 5.01 -14.14 -19.32
CA ALA C 47 4.75 -15.31 -18.46
C ALA C 47 3.30 -15.37 -18.03
N LYS C 48 2.71 -14.20 -17.75
CA LYS C 48 1.29 -14.10 -17.35
C LYS C 48 0.36 -14.58 -18.45
N GLN C 49 0.68 -14.21 -19.69
CA GLN C 49 -0.14 -14.55 -20.86
C GLN C 49 -0.01 -16.04 -21.22
N VAL C 50 1.22 -16.56 -21.19
CA VAL C 50 1.47 -18.00 -21.34
C VAL C 50 0.71 -18.81 -20.29
N LEU C 51 0.82 -18.38 -19.02
CA LEU C 51 0.05 -19.00 -17.92
C LEU C 51 -1.45 -18.95 -18.17
N SER C 52 -1.94 -17.79 -18.62
CA SER C 52 -3.38 -17.59 -18.84
C SER C 52 -3.93 -18.49 -19.95
N GLU C 53 -3.07 -18.83 -20.92
CA GLU C 53 -3.47 -19.63 -22.07
C GLU C 53 -3.26 -21.12 -21.82
N MET C 54 -2.42 -21.43 -20.83
CA MET C 54 -2.28 -22.81 -20.34
C MET C 54 -3.56 -23.28 -19.69
N THR C 55 -3.83 -24.56 -19.80
CA THR C 55 -5.09 -25.11 -19.35
C THR C 55 -4.98 -25.67 -17.92
N VAL C 56 -6.13 -25.98 -17.33
CA VAL C 56 -6.16 -26.56 -15.97
C VAL C 56 -5.42 -27.93 -15.93
N ALA C 57 -5.58 -28.72 -16.99
CA ALA C 57 -4.84 -29.98 -17.15
C ALA C 57 -3.31 -29.78 -17.19
N ASP C 58 -2.88 -28.71 -17.89
CA ASP C 58 -1.43 -28.40 -18.01
C ASP C 58 -0.79 -28.18 -16.64
N ILE C 59 -1.49 -27.44 -15.78
CA ILE C 59 -0.96 -27.09 -14.47
C ILE C 59 -1.10 -28.27 -13.48
N ARG C 60 -2.27 -28.93 -13.51
CA ARG C 60 -2.53 -30.08 -12.64
C ARG C 60 -1.51 -31.20 -12.84
N ASN C 61 -1.18 -31.47 -14.12
CA ASN C 61 -0.32 -32.61 -14.47
C ASN C 61 1.17 -32.28 -14.44
N ASN C 62 1.48 -31.02 -14.10
CA ASN C 62 2.85 -30.64 -13.73
C ASN C 62 2.91 -29.92 -12.37
N PRO C 63 2.80 -30.70 -11.24
CA PRO C 63 3.15 -30.16 -9.93
C PRO C 63 4.65 -29.92 -9.78
N VAL C 64 5.02 -29.00 -8.90
CA VAL C 64 6.38 -28.46 -8.88
C VAL C 64 7.36 -29.41 -8.16
N ILE C 65 6.81 -30.27 -7.30
CA ILE C 65 7.50 -31.51 -6.90
C ILE C 65 6.65 -32.73 -7.23
N ALA C 66 7.30 -33.76 -7.78
CA ALA C 66 6.59 -34.84 -8.48
C ALA C 66 5.84 -35.75 -7.51
N TYR C 67 4.88 -36.52 -8.03
CA TYR C 67 4.00 -37.37 -7.21
C TYR C 67 4.82 -38.40 -6.39
N GLU C 68 5.82 -39.01 -7.04
CA GLU C 68 6.54 -40.16 -6.45
C GLU C 68 7.42 -39.73 -5.26
N ASP C 69 7.79 -38.45 -5.22
CA ASP C 69 8.92 -37.98 -4.43
C ASP C 69 8.46 -37.14 -3.23
N ASP C 70 7.14 -36.93 -3.13
CA ASP C 70 6.60 -35.90 -2.24
C ASP C 70 5.20 -36.26 -1.73
N CYS C 71 5.08 -36.40 -0.41
CA CYS C 71 3.83 -36.86 0.20
C CYS C 71 2.74 -35.76 0.19
N VAL C 72 3.17 -34.50 0.14
CA VAL C 72 2.23 -33.35 0.04
C VAL C 72 1.59 -33.28 -1.34
N THR C 73 2.41 -33.44 -2.38
CA THR C 73 1.90 -33.61 -3.75
C THR C 73 0.89 -34.76 -3.83
N ARG C 74 1.25 -35.91 -3.25
CA ARG C 74 0.34 -37.08 -3.20
C ARG C 74 -0.97 -36.76 -2.50
N LEU C 75 -0.87 -36.08 -1.36
CA LEU C 75 -2.04 -35.71 -0.58
C LEU C 75 -2.97 -34.77 -1.35
N ILE C 76 -2.38 -33.76 -2.01
CA ILE C 76 -3.14 -32.82 -2.83
C ILE C 76 -3.83 -33.53 -4.02
N GLN C 77 -3.06 -34.36 -4.75
CA GLN C 77 -3.56 -35.03 -5.95
C GLN C 77 -4.65 -36.05 -5.63
N ASP C 78 -4.46 -36.80 -4.54
CA ASP C 78 -5.40 -37.88 -4.17
C ASP C 78 -6.71 -37.34 -3.55
N ASP C 79 -6.75 -36.03 -3.28
CA ASP C 79 -7.95 -35.40 -2.70
C ASP C 79 -8.84 -34.76 -3.77
N VAL C 80 -8.36 -34.77 -5.01
CA VAL C 80 -9.12 -34.22 -6.15
C VAL C 80 -10.41 -35.04 -6.40
N ASN C 81 -11.55 -34.34 -6.42
CA ASN C 81 -12.73 -34.82 -7.13
C ASN C 81 -12.50 -34.84 -8.65
N GLU C 82 -12.37 -36.04 -9.20
CA GLU C 82 -11.98 -36.20 -10.61
C GLU C 82 -13.12 -35.83 -11.57
N THR C 83 -14.36 -35.97 -11.09
CA THR C 83 -15.55 -35.52 -11.86
C THR C 83 -15.57 -33.99 -12.02
N ALA C 84 -15.34 -33.28 -10.90
CA ALA C 84 -15.15 -31.82 -10.94
C ALA C 84 -13.96 -31.42 -11.82
N TYR C 85 -12.87 -32.17 -11.70
CA TYR C 85 -11.67 -31.92 -12.52
C TYR C 85 -11.95 -32.08 -14.02
N ASN C 86 -12.65 -33.15 -14.38
CA ASN C 86 -12.92 -33.47 -15.79
C ASN C 86 -13.81 -32.43 -16.47
N GLN C 87 -14.63 -31.75 -15.68
CA GLN C 87 -15.49 -30.67 -16.19
C GLN C 87 -14.68 -29.44 -16.61
N ILE C 88 -13.56 -29.20 -15.93
CA ILE C 88 -12.84 -27.93 -16.05
C ILE C 88 -11.42 -28.09 -16.63
N LYS C 89 -11.03 -29.33 -16.91
CA LYS C 89 -9.61 -29.64 -17.23
C LYS C 89 -9.14 -28.96 -18.55
N ASN C 90 -10.09 -28.71 -19.45
CA ASN C 90 -9.78 -28.04 -20.72
C ASN C 90 -10.08 -26.52 -20.70
N TRP C 91 -10.49 -26.00 -19.54
CA TRP C 91 -10.48 -24.55 -19.30
C TRP C 91 -9.06 -24.01 -19.27
N SER C 92 -8.85 -22.87 -19.91
CA SER C 92 -7.66 -22.06 -19.66
C SER C 92 -7.72 -21.39 -18.28
N ILE C 93 -6.55 -21.03 -17.74
CA ILE C 93 -6.46 -20.30 -16.46
C ILE C 93 -7.11 -18.90 -16.55
N SER C 94 -7.01 -18.28 -17.74
CA SER C 94 -7.80 -17.08 -18.07
C SER C 94 -9.31 -17.29 -17.83
N GLU C 95 -9.84 -18.40 -18.37
CA GLU C 95 -11.27 -18.70 -18.24
C GLU C 95 -11.66 -19.01 -16.80
N LEU C 96 -10.75 -19.65 -16.06
CA LEU C 96 -10.98 -19.99 -14.65
C LEU C 96 -10.97 -18.73 -13.76
N ARG C 97 -10.03 -17.83 -14.04
CA ARG C 97 -10.03 -16.48 -13.42
C ARG C 97 -11.37 -15.78 -13.62
N GLU C 98 -11.85 -15.74 -14.87
CA GLU C 98 -13.10 -15.06 -15.19
C GLU C 98 -14.32 -15.77 -14.60
N TYR C 99 -14.22 -17.10 -14.50
CA TYR C 99 -15.23 -17.90 -13.81
C TYR C 99 -15.34 -17.54 -12.32
N VAL C 100 -14.18 -17.50 -11.64
CA VAL C 100 -14.14 -17.18 -10.20
C VAL C 100 -14.72 -15.77 -9.92
N LEU C 101 -14.37 -14.81 -10.78
CA LEU C 101 -14.71 -13.41 -10.56
C LEU C 101 -16.16 -13.09 -10.95
N SER C 102 -16.76 -13.97 -11.77
CA SER C 102 -18.10 -13.74 -12.34
C SER C 102 -19.17 -13.66 -11.25
N ASP C 103 -20.07 -12.68 -11.36
CA ASP C 103 -21.21 -12.56 -10.44
C ASP C 103 -22.28 -13.64 -10.71
N GLU C 104 -22.20 -14.28 -11.87
CA GLU C 104 -23.10 -15.40 -12.21
C GLU C 104 -22.57 -16.73 -11.66
N THR C 105 -21.35 -16.70 -11.13
CA THR C 105 -20.82 -17.84 -10.40
C THR C 105 -21.13 -17.74 -8.91
N SER C 106 -21.92 -18.69 -8.41
CA SER C 106 -22.38 -18.66 -7.03
C SER C 106 -21.34 -19.29 -6.08
N VAL C 107 -21.55 -19.11 -4.78
CA VAL C 107 -20.80 -19.85 -3.74
C VAL C 107 -20.89 -21.39 -3.97
N ASP C 108 -22.08 -21.89 -4.33
CA ASP C 108 -22.30 -23.33 -4.53
C ASP C 108 -21.64 -23.85 -5.84
N ASP C 109 -21.59 -22.99 -6.86
CA ASP C 109 -20.83 -23.29 -8.09
C ASP C 109 -19.34 -23.54 -7.78
N ILE C 110 -18.73 -22.59 -7.05
CA ILE C 110 -17.31 -22.68 -6.68
C ILE C 110 -17.06 -23.82 -5.68
N ALA C 111 -18.07 -24.11 -4.84
CA ALA C 111 -18.00 -25.24 -3.89
C ALA C 111 -17.64 -26.57 -4.59
N PHE C 112 -18.30 -26.86 -5.71
CA PHE C 112 -17.98 -28.05 -6.49
C PHE C 112 -16.71 -27.88 -7.31
N THR C 113 -16.57 -26.71 -7.95
CA THR C 113 -15.49 -26.48 -8.94
C THR C 113 -14.10 -26.56 -8.28
N ARG C 114 -13.98 -26.02 -7.06
CA ARG C 114 -12.69 -25.98 -6.34
C ARG C 114 -12.18 -27.40 -5.98
N LYS C 115 -13.09 -28.37 -5.96
CA LYS C 115 -12.74 -29.77 -5.67
C LYS C 115 -11.98 -30.42 -6.84
N GLY C 116 -12.09 -29.83 -8.02
CA GLY C 116 -11.33 -30.29 -9.18
C GLY C 116 -9.99 -29.56 -9.36
N LEU C 117 -9.66 -28.69 -8.41
CA LEU C 117 -8.40 -27.95 -8.45
C LEU C 117 -7.30 -28.67 -7.70
N THR C 118 -6.05 -28.44 -8.11
CA THR C 118 -4.92 -28.60 -7.21
C THR C 118 -4.31 -27.26 -6.86
N SER C 119 -3.34 -27.27 -5.95
CA SER C 119 -2.78 -26.06 -5.37
C SER C 119 -2.01 -25.24 -6.42
N GLU C 120 -1.35 -25.93 -7.34
CA GLU C 120 -0.65 -25.28 -8.45
C GLU C 120 -1.63 -24.48 -9.35
N VAL C 121 -2.82 -25.04 -9.58
CA VAL C 121 -3.87 -24.36 -10.35
C VAL C 121 -4.44 -23.15 -9.58
N VAL C 122 -4.65 -23.34 -8.28
CA VAL C 122 -5.02 -22.24 -7.37
C VAL C 122 -4.00 -21.08 -7.45
N ALA C 123 -2.71 -21.43 -7.38
CA ALA C 123 -1.63 -20.47 -7.52
C ALA C 123 -1.67 -19.74 -8.87
N ALA C 124 -1.90 -20.50 -9.94
CA ALA C 124 -1.90 -19.97 -11.32
C ALA C 124 -2.98 -18.88 -11.51
N VAL C 125 -4.16 -19.12 -10.95
CA VAL C 125 -5.25 -18.12 -10.98
C VAL C 125 -4.84 -16.81 -10.29
N ALA C 126 -4.25 -16.94 -9.10
CA ALA C 126 -3.85 -15.77 -8.30
C ALA C 126 -2.80 -14.91 -9.02
N LYS C 127 -1.98 -15.55 -9.86
CA LYS C 127 -0.84 -14.90 -10.49
C LYS C 127 -1.25 -13.94 -11.58
N ILE C 128 -2.42 -14.20 -12.19
CA ILE C 128 -2.97 -13.33 -13.22
C ILE C 128 -4.16 -12.52 -12.70
N CYS C 129 -4.23 -12.40 -11.37
CA CYS C 129 -5.20 -11.53 -10.73
C CYS C 129 -4.56 -10.23 -10.27
N SER C 130 -5.26 -9.11 -10.52
CA SER C 130 -4.91 -7.83 -9.91
C SER C 130 -5.30 -7.81 -8.44
N ASN C 131 -4.92 -6.75 -7.73
CA ASN C 131 -5.17 -6.65 -6.30
C ASN C 131 -6.66 -6.64 -5.98
N ALA C 132 -7.44 -5.89 -6.78
CA ALA C 132 -8.89 -5.86 -6.63
C ALA C 132 -9.55 -7.17 -7.04
N ASP C 133 -8.98 -7.86 -8.06
CA ASP C 133 -9.36 -9.26 -8.40
C ASP C 133 -9.24 -10.17 -7.18
N LEU C 134 -8.09 -10.11 -6.50
CA LEU C 134 -7.81 -10.97 -5.34
C LEU C 134 -8.76 -10.69 -4.19
N ILE C 135 -9.11 -9.42 -4.02
CA ILE C 135 -9.98 -9.01 -2.94
C ILE C 135 -11.46 -9.37 -3.21
N TYR C 136 -11.95 -9.04 -4.41
CA TYR C 136 -13.34 -9.34 -4.79
C TYR C 136 -13.56 -10.84 -4.98
N GLY C 137 -12.57 -11.51 -5.58
CA GLY C 137 -12.60 -12.96 -5.75
C GLY C 137 -12.70 -13.70 -4.42
N ALA C 138 -11.89 -13.28 -3.44
CA ALA C 138 -11.91 -13.91 -2.12
C ALA C 138 -13.21 -13.63 -1.37
N LYS C 139 -13.73 -12.41 -1.53
CA LYS C 139 -14.97 -12.00 -0.85
C LYS C 139 -16.17 -12.87 -1.23
N LYS C 140 -16.23 -13.27 -2.50
CA LYS C 140 -17.34 -14.07 -3.00
C LYS C 140 -17.07 -15.58 -2.82
N MET C 141 -15.98 -15.92 -2.12
CA MET C 141 -15.73 -17.30 -1.70
C MET C 141 -15.60 -17.45 -0.16
N PRO C 142 -16.73 -17.27 0.57
CA PRO C 142 -16.70 -17.45 2.02
C PRO C 142 -16.39 -18.91 2.41
N VAL C 143 -15.62 -19.10 3.47
CA VAL C 143 -15.46 -20.41 4.08
C VAL C 143 -15.80 -20.35 5.56
N ILE C 144 -16.73 -21.21 5.98
CA ILE C 144 -17.29 -21.13 7.32
C ILE C 144 -16.96 -22.41 8.10
N LYS C 145 -16.37 -22.23 9.29
CA LYS C 145 -16.11 -23.37 10.19
C LYS C 145 -16.67 -23.09 11.58
N LYS C 146 -16.69 -24.12 12.41
CA LYS C 146 -17.22 -24.00 13.76
C LYS C 146 -16.38 -24.77 14.76
N ALA C 147 -15.87 -24.07 15.75
CA ALA C 147 -15.37 -24.70 16.96
C ALA C 147 -16.38 -24.53 18.11
N ASN C 148 -16.04 -23.71 19.11
CA ASN C 148 -17.06 -23.10 20.00
C ASN C 148 -17.56 -21.77 19.49
N THR C 149 -16.88 -21.23 18.48
CA THR C 149 -17.41 -20.12 17.70
C THR C 149 -17.56 -20.51 16.25
N THR C 150 -18.51 -19.88 15.57
CA THR C 150 -18.57 -19.93 14.13
C THR C 150 -17.76 -18.78 13.52
N ILE C 151 -16.84 -19.13 12.63
CA ILE C 151 -16.00 -18.15 11.95
C ILE C 151 -16.31 -18.13 10.43
N GLY C 152 -16.27 -16.94 9.83
CA GLY C 152 -16.19 -16.83 8.38
C GLY C 152 -17.53 -16.56 7.70
N ILE C 153 -18.61 -16.49 8.51
CA ILE C 153 -19.90 -15.94 8.01
C ILE C 153 -19.71 -14.52 7.46
N PRO C 154 -20.15 -14.28 6.21
CA PRO C 154 -20.14 -12.93 5.62
C PRO C 154 -20.87 -11.93 6.51
N GLY C 155 -20.23 -10.78 6.75
CA GLY C 155 -20.74 -9.81 7.71
C GLY C 155 -20.11 -9.95 9.10
N THR C 156 -19.27 -10.97 9.27
CA THR C 156 -18.53 -11.14 10.53
C THR C 156 -17.01 -11.01 10.36
N PHE C 157 -16.32 -10.82 11.48
CA PHE C 157 -14.87 -10.63 11.48
C PHE C 157 -14.31 -11.02 12.82
N SER C 158 -13.41 -12.00 12.82
CA SER C 158 -12.92 -12.58 14.05
C SER C 158 -11.49 -12.16 14.34
N ALA C 159 -10.98 -12.53 15.51
CA ALA C 159 -9.63 -12.17 15.92
C ALA C 159 -9.04 -13.20 16.86
N ARG C 160 -7.77 -13.57 16.62
CA ARG C 160 -6.99 -14.30 17.61
C ARG C 160 -6.42 -13.36 18.69
N LEU C 161 -6.81 -13.60 19.95
CA LEU C 161 -6.04 -13.17 21.13
C LEU C 161 -4.68 -13.87 21.16
N GLN C 162 -3.61 -13.09 20.99
CA GLN C 162 -2.24 -13.62 21.04
C GLN C 162 -1.47 -13.04 22.27
N PRO C 163 -1.67 -13.64 23.45
CA PRO C 163 -1.14 -13.08 24.69
C PRO C 163 0.24 -13.67 25.04
N ASN C 164 1.24 -13.34 24.23
CA ASN C 164 2.58 -13.94 24.37
C ASN C 164 3.43 -13.21 25.41
N ASP C 165 4.27 -13.97 26.11
CA ASP C 165 5.17 -13.40 27.11
C ASP C 165 6.58 -13.99 27.03
N THR C 166 7.57 -13.20 27.46
CA THR C 166 8.97 -13.56 27.33
C THR C 166 9.37 -14.70 28.28
N ARG C 167 8.62 -14.87 29.37
CA ARG C 167 8.91 -15.91 30.37
C ARG C 167 7.75 -16.91 30.51
N ASP C 168 6.73 -16.77 29.64
CA ASP C 168 5.40 -17.42 29.85
C ASP C 168 4.82 -17.13 31.25
N ASP C 169 4.99 -15.89 31.70
CA ASP C 169 4.48 -15.47 33.00
C ASP C 169 2.96 -15.40 32.99
N VAL C 170 2.33 -16.12 33.91
CA VAL C 170 0.88 -16.38 33.83
C VAL C 170 0.05 -15.13 34.18
N GLN C 171 0.67 -14.19 34.90
CA GLN C 171 0.04 -12.90 35.18
C GLN C 171 0.09 -11.99 33.96
N SER C 172 1.17 -12.10 33.19
CA SER C 172 1.36 -11.28 31.99
C SER C 172 0.50 -11.79 30.83
N ILE C 173 0.36 -13.11 30.74
CA ILE C 173 -0.57 -13.71 29.78
C ILE C 173 -2.03 -13.33 30.10
N ALA C 174 -2.42 -13.49 31.36
CA ALA C 174 -3.77 -13.11 31.82
C ALA C 174 -4.07 -11.62 31.60
N ALA C 175 -3.09 -10.77 31.92
CA ALA C 175 -3.22 -9.32 31.67
C ALA C 175 -3.59 -9.01 30.21
N GLN C 176 -2.88 -9.64 29.28
CA GLN C 176 -3.10 -9.42 27.84
C GLN C 176 -4.42 -10.01 27.36
N ILE C 177 -4.83 -11.12 27.99
CA ILE C 177 -6.13 -11.74 27.70
C ILE C 177 -7.28 -10.80 28.08
N TYR C 178 -7.24 -10.27 29.32
CA TYR C 178 -8.28 -9.35 29.81
C TYR C 178 -8.36 -8.08 28.95
N GLU C 179 -7.20 -7.60 28.51
CA GLU C 179 -7.14 -6.45 27.61
C GLU C 179 -7.77 -6.76 26.24
N GLY C 180 -7.44 -7.93 25.70
CA GLY C 180 -7.95 -8.33 24.38
C GLY C 180 -9.46 -8.50 24.35
N LEU C 181 -9.99 -9.16 25.39
CA LEU C 181 -11.43 -9.40 25.49
C LEU C 181 -12.21 -8.10 25.62
N SER C 182 -11.63 -7.11 26.32
CA SER C 182 -12.25 -5.80 26.49
C SER C 182 -12.39 -5.02 25.15
N PHE C 183 -11.62 -5.45 24.15
CA PHE C 183 -11.74 -4.89 22.80
C PHE C 183 -12.54 -5.81 21.86
N GLY C 184 -12.98 -6.96 22.40
CA GLY C 184 -13.76 -7.93 21.60
C GLY C 184 -12.89 -8.85 20.77
N VAL C 185 -11.64 -9.02 21.19
CA VAL C 185 -10.72 -9.93 20.53
C VAL C 185 -10.69 -11.29 21.22
N GLY C 186 -10.76 -12.37 20.43
CA GLY C 186 -10.52 -13.70 20.94
C GLY C 186 -11.55 -14.73 20.49
N ASP C 187 -12.37 -14.36 19.49
CA ASP C 187 -13.40 -15.27 18.98
C ASP C 187 -12.88 -16.33 18.01
N ALA C 188 -11.76 -16.05 17.36
CA ALA C 188 -11.02 -17.08 16.60
C ALA C 188 -10.38 -18.10 17.55
N VAL C 189 -9.58 -17.59 18.49
CA VAL C 189 -8.88 -18.43 19.46
C VAL C 189 -8.12 -17.53 20.46
N ILE C 190 -7.94 -18.01 21.68
CA ILE C 190 -6.92 -17.44 22.58
C ILE C 190 -5.65 -18.31 22.58
N GLY C 191 -4.61 -17.81 21.92
CA GLY C 191 -3.54 -18.66 21.40
C GLY C 191 -2.16 -18.15 21.77
N VAL C 192 -1.45 -18.90 22.62
CA VAL C 192 -0.12 -18.51 23.10
C VAL C 192 0.98 -19.32 22.39
N ASN C 193 1.94 -18.62 21.80
CA ASN C 193 3.26 -19.19 21.52
C ASN C 193 4.14 -19.21 22.76
N PRO C 194 4.41 -20.42 23.29
CA PRO C 194 5.18 -20.56 24.53
C PRO C 194 6.67 -20.40 24.30
N VAL C 195 7.39 -20.00 25.35
CA VAL C 195 8.86 -20.02 25.34
C VAL C 195 9.40 -21.46 25.39
N THR C 196 8.87 -22.26 26.32
CA THR C 196 9.43 -23.57 26.60
C THR C 196 8.50 -24.69 26.16
N ASP C 197 9.08 -25.73 25.60
CA ASP C 197 8.33 -26.73 24.85
C ASP C 197 8.24 -28.01 25.67
N ASP C 198 7.49 -27.96 26.77
CA ASP C 198 7.35 -29.11 27.68
C ASP C 198 5.99 -29.14 28.37
N VAL C 199 5.61 -30.32 28.88
CA VAL C 199 4.22 -30.63 29.19
C VAL C 199 3.70 -29.82 30.38
N GLU C 200 4.55 -29.69 31.41
CA GLU C 200 4.22 -28.92 32.62
C GLU C 200 3.92 -27.45 32.30
N ASN C 201 4.76 -26.85 31.44
CA ASN C 201 4.58 -25.45 31.05
C ASN C 201 3.39 -25.27 30.11
N LEU C 202 3.26 -26.18 29.14
CA LEU C 202 2.09 -26.21 28.25
C LEU C 202 0.79 -26.25 29.04
N SER C 203 0.74 -27.13 30.04
CA SER C 203 -0.47 -27.34 30.85
C SER C 203 -0.78 -26.14 31.73
N ARG C 204 0.27 -25.47 32.22
CA ARG C 204 0.10 -24.28 33.06
C ARG C 204 -0.42 -23.08 32.25
N VAL C 205 0.09 -22.92 31.03
CA VAL C 205 -0.37 -21.86 30.14
C VAL C 205 -1.83 -22.11 29.69
N LEU C 206 -2.15 -23.37 29.41
CA LEU C 206 -3.54 -23.77 29.09
C LEU C 206 -4.49 -23.56 30.28
N ASP C 207 -4.01 -23.89 31.49
CA ASP C 207 -4.79 -23.64 32.73
C ASP C 207 -5.09 -22.15 32.94
N THR C 208 -4.13 -21.30 32.56
CA THR C 208 -4.31 -19.84 32.67
C THR C 208 -5.35 -19.33 31.67
N ILE C 209 -5.23 -19.76 30.41
CA ILE C 209 -6.20 -19.42 29.37
C ILE C 209 -7.62 -19.89 29.75
N TYR C 210 -7.72 -21.14 30.18
CA TYR C 210 -9.01 -21.74 30.45
C TYR C 210 -9.58 -21.36 31.81
N GLY C 211 -8.68 -20.96 32.73
CA GLY C 211 -9.08 -20.22 33.94
C GLY C 211 -9.96 -19.01 33.63
N VAL C 212 -9.55 -18.20 32.65
CA VAL C 212 -10.32 -17.04 32.23
C VAL C 212 -11.61 -17.45 31.48
N ILE C 213 -11.46 -18.38 30.53
CA ILE C 213 -12.61 -18.91 29.75
C ILE C 213 -13.74 -19.45 30.65
N ASP C 214 -13.37 -20.23 31.67
CA ASP C 214 -14.35 -20.92 32.51
C ASP C 214 -15.02 -19.97 33.53
N LYS C 215 -14.23 -19.04 34.07
CA LYS C 215 -14.75 -18.04 35.02
C LYS C 215 -15.87 -17.18 34.41
N PHE C 216 -15.69 -16.76 33.16
CA PHE C 216 -16.62 -15.83 32.51
C PHE C 216 -17.49 -16.53 31.47
N ASN C 217 -17.41 -17.88 31.43
CA ASN C 217 -18.20 -18.71 30.49
C ASN C 217 -18.09 -18.25 29.04
N ILE C 218 -16.86 -18.00 28.60
CA ILE C 218 -16.62 -17.46 27.26
C ILE C 218 -16.73 -18.55 26.21
N PRO C 219 -17.63 -18.35 25.22
CA PRO C 219 -17.61 -19.15 24.00
C PRO C 219 -16.39 -18.84 23.16
N THR C 220 -15.31 -19.57 23.41
CA THR C 220 -14.14 -19.56 22.57
C THR C 220 -13.32 -20.82 22.82
N GLN C 221 -12.06 -20.81 22.41
CA GLN C 221 -11.18 -21.94 22.58
C GLN C 221 -9.76 -21.49 22.82
N GLY C 222 -9.01 -22.26 23.59
CA GLY C 222 -7.62 -21.96 23.86
C GLY C 222 -6.69 -22.77 23.00
N CYS C 223 -5.43 -22.33 22.93
CA CYS C 223 -4.41 -23.01 22.14
C CYS C 223 -3.04 -22.62 22.62
N VAL C 224 -2.15 -23.61 22.68
CA VAL C 224 -0.74 -23.34 22.91
C VAL C 224 0.09 -23.83 21.74
N LEU C 225 0.86 -22.92 21.15
CA LEU C 225 1.36 -23.09 19.80
C LEU C 225 2.78 -23.65 19.82
N ALA C 226 3.01 -24.64 20.68
CA ALA C 226 4.21 -25.47 20.60
C ALA C 226 4.08 -26.50 19.49
N HIS C 227 5.10 -27.34 19.34
CA HIS C 227 5.06 -28.45 18.39
C HIS C 227 3.91 -29.41 18.70
N VAL C 228 3.34 -30.01 17.66
CA VAL C 228 2.07 -30.71 17.76
C VAL C 228 2.16 -31.94 18.70
N THR C 229 3.35 -32.57 18.73
CA THR C 229 3.59 -33.74 19.61
C THR C 229 3.48 -33.36 21.11
N THR C 230 3.96 -32.18 21.46
CA THR C 230 3.94 -31.71 22.85
C THR C 230 2.52 -31.31 23.29
N GLN C 231 1.77 -30.70 22.37
CA GLN C 231 0.33 -30.44 22.58
C GLN C 231 -0.44 -31.72 22.86
N ILE C 232 -0.27 -32.71 21.98
CA ILE C 232 -0.92 -34.00 22.12
C ILE C 232 -0.56 -34.65 23.47
N GLU C 233 0.74 -34.66 23.78
CA GLU C 233 1.22 -35.12 25.09
C GLU C 233 0.46 -34.46 26.24
N ALA C 234 0.44 -33.12 26.25
CA ALA C 234 -0.19 -32.34 27.33
C ALA C 234 -1.68 -32.69 27.48
N ILE C 235 -2.38 -32.77 26.35
CA ILE C 235 -3.83 -32.98 26.34
C ILE C 235 -4.20 -34.43 26.78
N ARG C 236 -3.43 -35.41 26.28
CA ARG C 236 -3.53 -36.82 26.79
C ARG C 236 -3.38 -36.90 28.30
N ARG C 237 -2.47 -36.10 28.86
CA ARG C 237 -2.15 -36.14 30.28
C ARG C 237 -3.06 -35.19 31.09
N GLY C 238 -3.99 -34.53 30.41
CA GLY C 238 -5.23 -34.05 31.04
C GLY C 238 -5.37 -32.54 31.02
N ALA C 239 -4.46 -31.86 30.30
CA ALA C 239 -4.62 -30.43 29.99
C ALA C 239 -5.82 -30.18 29.06
N PRO C 240 -6.57 -29.07 29.29
CA PRO C 240 -7.72 -28.70 28.46
C PRO C 240 -7.34 -28.53 26.99
N GLY C 241 -7.97 -29.32 26.12
CA GLY C 241 -7.73 -29.24 24.70
C GLY C 241 -8.72 -28.33 24.01
N GLY C 242 -8.22 -27.33 23.30
CA GLY C 242 -9.05 -26.49 22.46
C GLY C 242 -8.77 -26.69 21.00
N LEU C 243 -7.99 -25.78 20.43
CA LEU C 243 -7.43 -25.99 19.11
C LEU C 243 -6.06 -26.64 19.23
N ILE C 244 -5.75 -27.51 18.27
CA ILE C 244 -4.41 -28.08 18.16
C ILE C 244 -3.66 -27.50 16.95
N PHE C 245 -2.45 -26.98 17.21
CA PHE C 245 -1.74 -26.16 16.22
C PHE C 245 -0.58 -26.95 15.59
N GLN C 246 -0.32 -26.67 14.31
CA GLN C 246 1.00 -26.95 13.71
C GLN C 246 1.31 -25.97 12.58
N SER C 247 2.54 -25.44 12.59
CA SER C 247 3.12 -24.83 11.39
C SER C 247 3.38 -25.86 10.32
N ILE C 248 3.01 -25.55 9.09
CA ILE C 248 3.14 -26.48 7.98
C ILE C 248 3.96 -25.90 6.84
N CYS C 249 4.53 -26.78 6.01
CA CYS C 249 5.23 -26.37 4.80
C CYS C 249 4.79 -27.21 3.60
N GLY C 250 4.99 -26.67 2.40
CA GLY C 250 4.27 -27.14 1.20
C GLY C 250 5.02 -28.25 0.45
N SER C 251 6.06 -28.80 1.09
CA SER C 251 6.76 -29.97 0.57
C SER C 251 7.09 -30.95 1.71
N GLU C 252 7.39 -32.20 1.33
CA GLU C 252 7.81 -33.21 2.30
C GLU C 252 9.14 -32.83 2.98
N LYS C 253 10.08 -32.33 2.18
CA LYS C 253 11.35 -31.79 2.71
C LYS C 253 11.11 -30.65 3.72
N GLY C 254 10.15 -29.78 3.40
CA GLY C 254 9.78 -28.67 4.30
C GLY C 254 9.16 -29.13 5.60
N LEU C 255 8.34 -30.17 5.54
CA LEU C 255 7.77 -30.80 6.74
C LEU C 255 8.85 -31.43 7.61
N LYS C 256 9.82 -32.08 6.95
CA LYS C 256 10.95 -32.70 7.65
C LYS C 256 11.84 -31.66 8.34
N GLU C 257 12.03 -30.52 7.68
CA GLU C 257 12.65 -29.33 8.31
C GLU C 257 11.90 -28.92 9.60
N PHE C 258 10.56 -28.98 9.54
CA PHE C 258 9.72 -28.53 10.66
C PHE C 258 9.57 -29.64 11.72
N GLY C 259 9.98 -30.86 11.37
CA GLY C 259 9.84 -32.02 12.27
C GLY C 259 8.42 -32.57 12.30
N VAL C 260 7.70 -32.42 11.19
CA VAL C 260 6.32 -32.88 11.09
C VAL C 260 6.22 -34.10 10.17
N GLU C 261 5.60 -35.18 10.66
CA GLU C 261 5.00 -36.19 9.80
C GLU C 261 3.51 -35.98 9.68
N LEU C 262 2.93 -36.44 8.56
CA LEU C 262 1.49 -36.30 8.31
C LEU C 262 0.65 -37.06 9.33
N ALA C 263 1.21 -38.17 9.85
CA ALA C 263 0.50 -39.02 10.82
C ALA C 263 0.34 -38.34 12.19
N MET C 264 1.18 -37.33 12.46
CA MET C 264 0.99 -36.45 13.64
C MET C 264 -0.30 -35.63 13.54
N LEU C 265 -0.63 -35.19 12.33
CA LEU C 265 -1.83 -34.40 12.09
C LEU C 265 -3.08 -35.28 12.06
N ASP C 266 -2.91 -36.52 11.60
CA ASP C 266 -3.90 -37.59 11.82
C ASP C 266 -4.17 -37.82 13.31
N GLU C 267 -3.08 -37.94 14.09
CA GLU C 267 -3.18 -38.16 15.52
C GLU C 267 -3.85 -36.98 16.22
N ALA C 268 -3.51 -35.76 15.79
CA ALA C 268 -4.08 -34.54 16.36
C ALA C 268 -5.61 -34.48 16.17
N ARG C 269 -6.07 -34.92 14.98
CA ARG C 269 -7.49 -35.05 14.70
C ARG C 269 -8.19 -36.03 15.67
N ALA C 270 -7.55 -37.20 15.88
CA ALA C 270 -8.12 -38.24 16.74
C ALA C 270 -8.06 -37.86 18.22
N VAL C 271 -6.98 -37.18 18.61
CA VAL C 271 -6.85 -36.64 19.97
C VAL C 271 -7.90 -35.55 20.24
N GLY C 272 -8.09 -34.66 19.24
CA GLY C 272 -9.20 -33.69 19.27
C GLY C 272 -10.56 -34.34 19.51
N ALA C 273 -10.83 -35.45 18.81
CA ALA C 273 -12.13 -36.12 18.87
C ALA C 273 -12.37 -36.80 20.22
N GLU C 274 -11.30 -37.22 20.88
CA GLU C 274 -11.40 -37.89 22.17
C GLU C 274 -11.47 -36.90 23.33
N PHE C 275 -10.70 -35.82 23.23
CA PHE C 275 -10.28 -35.06 24.42
C PHE C 275 -10.82 -33.62 24.45
N ASN C 276 -11.00 -33.02 23.27
CA ASN C 276 -11.01 -31.56 23.17
C ASN C 276 -12.36 -30.93 23.45
N ARG C 277 -12.34 -29.75 24.06
CA ARG C 277 -13.55 -29.10 24.55
C ARG C 277 -14.20 -28.25 23.47
N ILE C 278 -14.67 -28.90 22.41
CA ILE C 278 -15.08 -28.22 21.20
C ILE C 278 -16.47 -28.70 20.76
N ALA C 279 -17.42 -27.77 20.67
CA ALA C 279 -18.80 -28.09 20.33
C ALA C 279 -18.96 -28.47 18.86
N GLY C 280 -18.29 -27.72 17.99
CA GLY C 280 -18.35 -27.98 16.55
C GLY C 280 -17.36 -29.04 16.10
N GLU C 281 -17.20 -29.19 14.79
CA GLU C 281 -16.51 -30.35 14.22
C GLU C 281 -15.09 -30.01 13.76
N ASN C 282 -14.70 -28.74 13.92
CA ASN C 282 -13.35 -28.30 13.54
C ASN C 282 -12.53 -27.87 14.74
N CYS C 283 -11.31 -28.41 14.85
CA CYS C 283 -10.46 -28.16 16.02
C CYS C 283 -8.97 -27.99 15.68
N LEU C 284 -8.64 -28.00 14.40
CA LEU C 284 -7.23 -27.85 13.97
C LEU C 284 -6.89 -26.40 13.56
N TYR C 285 -5.62 -26.04 13.73
CA TYR C 285 -5.16 -24.68 13.49
C TYR C 285 -3.76 -24.74 12.84
N PHE C 286 -3.67 -24.27 11.60
CA PHE C 286 -2.35 -24.18 10.92
C PHE C 286 -1.93 -22.74 10.72
N GLU C 287 -0.62 -22.50 10.75
CA GLU C 287 -0.07 -21.26 10.25
C GLU C 287 0.93 -21.48 9.13
N THR C 288 0.96 -20.53 8.19
CA THR C 288 1.74 -20.66 6.97
C THR C 288 2.49 -19.33 6.70
N GLY C 289 3.14 -19.23 5.53
CA GLY C 289 3.65 -17.94 5.05
C GLY C 289 4.68 -18.09 3.97
N GLN C 290 4.71 -17.14 3.03
CA GLN C 290 5.64 -17.17 1.90
C GLN C 290 7.09 -17.07 2.36
N GLY C 291 7.93 -17.96 1.84
CA GLY C 291 9.37 -17.90 2.13
C GLY C 291 9.89 -19.15 2.84
N SER C 292 8.97 -19.87 3.51
CA SER C 292 9.35 -20.92 4.47
C SER C 292 10.00 -22.12 3.77
N ALA C 293 9.43 -22.51 2.62
CA ALA C 293 10.01 -23.57 1.78
C ALA C 293 11.37 -23.18 1.23
N LEU C 294 11.51 -21.93 0.80
CA LEU C 294 12.77 -21.41 0.28
C LEU C 294 13.85 -21.36 1.38
N SER C 295 13.44 -21.00 2.59
CA SER C 295 14.31 -21.10 3.78
C SER C 295 14.79 -22.54 4.01
N ALA C 296 13.91 -23.50 3.76
CA ALA C 296 14.14 -24.88 4.17
C ALA C 296 15.00 -25.65 3.15
N GLY C 297 15.26 -25.01 2.00
CA GLY C 297 15.93 -25.69 0.88
C GLY C 297 14.96 -26.49 0.02
N ALA C 298 13.67 -26.22 0.18
CA ALA C 298 12.62 -27.23 0.00
C ALA C 298 11.58 -26.76 -1.01
N ASN C 299 11.93 -25.75 -1.79
CA ASN C 299 11.03 -25.20 -2.80
C ASN C 299 11.27 -25.83 -4.17
N PHE C 300 12.45 -26.47 -4.34
CA PHE C 300 12.78 -27.25 -5.56
C PHE C 300 12.64 -26.41 -6.85
N GLY C 301 13.09 -25.15 -6.77
CA GLY C 301 13.09 -24.26 -7.94
C GLY C 301 11.74 -23.60 -8.20
N ALA C 302 10.78 -23.81 -7.29
CA ALA C 302 9.47 -23.18 -7.40
C ALA C 302 9.40 -21.89 -6.60
N ASP C 303 8.57 -20.97 -7.07
CA ASP C 303 8.38 -19.68 -6.40
C ASP C 303 7.57 -19.84 -5.11
N GLN C 304 7.60 -18.82 -4.27
CA GLN C 304 7.07 -18.91 -2.91
C GLN C 304 5.53 -18.82 -2.88
N VAL C 305 4.95 -18.27 -3.95
CA VAL C 305 3.47 -18.18 -4.06
C VAL C 305 2.87 -19.56 -4.37
N THR C 306 3.45 -20.26 -5.35
CA THR C 306 3.08 -21.65 -5.65
C THR C 306 3.26 -22.57 -4.42
N MET C 307 4.40 -22.42 -3.73
CA MET C 307 4.69 -23.23 -2.54
C MET C 307 3.71 -22.95 -1.38
N GLU C 308 3.31 -21.70 -1.25
CA GLU C 308 2.37 -21.30 -0.22
C GLU C 308 0.94 -21.81 -0.50
N ALA C 309 0.57 -21.83 -1.78
CA ALA C 309 -0.69 -22.47 -2.21
C ALA C 309 -0.73 -23.96 -1.82
N ARG C 310 0.42 -24.62 -1.89
CA ARG C 310 0.53 -26.05 -1.56
C ARG C 310 0.34 -26.32 -0.07
N ASN C 311 0.65 -25.31 0.76
CA ASN C 311 0.25 -25.30 2.18
C ASN C 311 -1.26 -25.46 2.36
N TYR C 312 -2.01 -24.79 1.51
CA TYR C 312 -3.46 -24.73 1.66
C TYR C 312 -4.12 -26.02 1.18
N GLY C 313 -3.54 -26.64 0.16
CA GLY C 313 -3.95 -27.98 -0.29
C GLY C 313 -3.66 -29.05 0.76
N LEU C 314 -2.50 -28.95 1.40
CA LEU C 314 -2.19 -29.76 2.59
C LEU C 314 -3.20 -29.52 3.73
N ALA C 315 -3.39 -28.25 4.10
CA ALA C 315 -4.30 -27.88 5.20
C ALA C 315 -5.74 -28.39 4.97
N ARG C 316 -6.20 -28.27 3.71
CA ARG C 316 -7.60 -28.61 3.35
C ARG C 316 -7.95 -30.07 3.67
N HIS C 317 -6.96 -30.95 3.48
CA HIS C 317 -7.12 -32.39 3.83
C HIS C 317 -7.61 -32.60 5.28
N TYR C 318 -7.20 -31.71 6.17
CA TYR C 318 -7.43 -31.91 7.61
C TYR C 318 -8.59 -31.05 8.13
N ASP C 319 -9.26 -30.33 7.21
CA ASP C 319 -10.44 -29.49 7.54
C ASP C 319 -10.29 -28.73 8.88
N PRO C 320 -9.32 -27.78 8.94
CA PRO C 320 -9.04 -27.06 10.16
C PRO C 320 -10.12 -26.04 10.48
N PHE C 321 -10.21 -25.64 11.74
CA PHE C 321 -11.06 -24.54 12.13
C PHE C 321 -10.57 -23.22 11.55
N ILE C 322 -9.26 -23.01 11.61
CA ILE C 322 -8.65 -21.77 11.10
C ILE C 322 -7.28 -22.03 10.47
N VAL C 323 -6.98 -21.30 9.39
CA VAL C 323 -5.60 -21.12 8.93
C VAL C 323 -5.31 -19.63 8.74
N ASN C 324 -4.11 -19.19 9.13
CA ASN C 324 -3.59 -17.91 8.66
C ASN C 324 -2.16 -18.00 8.17
N THR C 325 -1.91 -17.35 7.03
CA THR C 325 -0.58 -16.88 6.73
C THR C 325 -0.08 -15.91 7.79
N VAL C 326 1.21 -15.97 8.07
CA VAL C 326 1.86 -14.96 8.84
C VAL C 326 2.73 -14.12 7.94
N VAL C 327 2.14 -13.08 7.35
CA VAL C 327 2.45 -12.71 5.97
C VAL C 327 3.87 -12.15 5.83
N GLY C 328 4.28 -11.29 6.78
CA GLY C 328 5.65 -10.77 6.81
C GLY C 328 6.40 -11.16 8.08
N PHE C 329 6.31 -12.45 8.44
CA PHE C 329 6.83 -12.92 9.74
C PHE C 329 8.35 -12.99 9.77
N ILE C 330 8.96 -13.21 8.59
CA ILE C 330 10.34 -13.67 8.53
C ILE C 330 11.33 -12.50 8.30
N GLY C 331 11.19 -11.82 7.17
CA GLY C 331 11.98 -10.61 6.91
C GLY C 331 12.05 -10.24 5.43
N PRO C 332 12.88 -9.23 5.09
CA PRO C 332 12.87 -8.54 3.79
C PRO C 332 13.38 -9.41 2.65
N GLU C 333 14.07 -10.51 3.00
CA GLU C 333 14.68 -11.38 2.00
C GLU C 333 13.63 -12.15 1.16
N TYR C 334 12.40 -12.23 1.69
CA TYR C 334 11.31 -12.90 0.99
C TYR C 334 10.21 -11.93 0.55
N LEU C 335 9.87 -10.99 1.43
CA LEU C 335 9.04 -9.82 1.04
C LEU C 335 9.60 -8.54 1.63
N TYR C 336 9.96 -7.61 0.76
CA TYR C 336 10.89 -6.53 1.11
C TYR C 336 10.18 -5.35 1.80
N ASN C 337 9.03 -4.94 1.24
CA ASN C 337 8.42 -3.64 1.58
C ASN C 337 6.89 -3.69 1.74
N ASP C 338 6.27 -2.52 1.93
CA ASP C 338 4.79 -2.41 2.05
C ASP C 338 4.09 -3.07 0.89
N ARG C 339 4.48 -2.70 -0.33
CA ARG C 339 3.79 -3.12 -1.54
C ARG C 339 3.82 -4.66 -1.70
N GLN C 340 4.99 -5.26 -1.43
CA GLN C 340 5.17 -6.71 -1.56
C GLN C 340 4.40 -7.48 -0.48
N ILE C 341 4.39 -6.92 0.73
CA ILE C 341 3.71 -7.58 1.87
C ILE C 341 2.18 -7.53 1.72
N ILE C 342 1.66 -6.38 1.26
CA ILE C 342 0.22 -6.25 0.91
C ILE C 342 -0.18 -7.25 -0.17
N ARG C 343 0.58 -7.26 -1.27
CA ARG C 343 0.32 -8.15 -2.40
C ARG C 343 0.30 -9.62 -1.96
N ALA C 344 1.30 -10.00 -1.18
CA ALA C 344 1.39 -11.37 -0.65
C ALA C 344 0.20 -11.71 0.22
N GLY C 345 -0.19 -10.76 1.09
CA GLY C 345 -1.37 -10.93 1.95
C GLY C 345 -2.64 -11.18 1.17
N LEU C 346 -2.84 -10.40 0.10
CA LEU C 346 -3.99 -10.57 -0.79
C LEU C 346 -3.95 -11.90 -1.53
N GLU C 347 -2.76 -12.26 -2.05
CA GLU C 347 -2.53 -13.57 -2.70
C GLU C 347 -2.83 -14.71 -1.74
N ASP C 348 -2.23 -14.65 -0.55
CA ASP C 348 -2.33 -15.75 0.43
C ASP C 348 -3.79 -16.01 0.81
N HIS C 349 -4.53 -14.93 1.02
CA HIS C 349 -5.91 -15.03 1.46
C HIS C 349 -6.84 -15.52 0.35
N PHE C 350 -6.65 -14.99 -0.85
CA PHE C 350 -7.39 -15.46 -2.05
C PHE C 350 -7.18 -16.95 -2.28
N MET C 351 -5.92 -17.38 -2.20
CA MET C 351 -5.57 -18.77 -2.49
C MET C 351 -6.11 -19.71 -1.42
N GLY C 352 -6.06 -19.27 -0.16
CA GLY C 352 -6.69 -20.00 0.94
C GLY C 352 -8.18 -20.20 0.73
N LYS C 353 -8.88 -19.14 0.35
CA LYS C 353 -10.33 -19.19 0.15
C LYS C 353 -10.71 -20.02 -1.08
N LEU C 354 -9.91 -19.91 -2.15
CA LEU C 354 -10.09 -20.75 -3.33
C LEU C 354 -9.86 -22.24 -3.01
N SER C 355 -8.90 -22.51 -2.12
CA SER C 355 -8.61 -23.89 -1.68
C SER C 355 -9.69 -24.41 -0.72
N GLY C 356 -10.55 -23.51 -0.22
CA GLY C 356 -11.69 -23.90 0.61
C GLY C 356 -11.31 -24.12 2.05
N ILE C 357 -10.33 -23.35 2.53
CA ILE C 357 -10.00 -23.34 3.96
C ILE C 357 -10.38 -22.05 4.63
N SER C 358 -10.46 -22.09 5.95
CA SER C 358 -10.98 -20.98 6.71
C SER C 358 -9.91 -19.94 6.95
N MET C 359 -9.69 -19.11 5.95
CA MET C 359 -8.42 -18.46 5.76
C MET C 359 -8.42 -17.08 6.40
N GLY C 360 -7.48 -16.86 7.31
CA GLY C 360 -7.20 -15.53 7.83
C GLY C 360 -5.80 -15.07 7.51
N CYS C 361 -5.38 -13.98 8.13
CA CYS C 361 -4.05 -13.43 7.94
C CYS C 361 -3.56 -12.72 9.19
N ASP C 362 -2.40 -13.15 9.68
CA ASP C 362 -1.57 -12.29 10.51
C ASP C 362 -0.93 -11.21 9.66
N CYS C 363 -1.60 -10.06 9.57
CA CYS C 363 -1.01 -8.86 8.96
C CYS C 363 0.11 -8.31 9.80
N CYS C 364 1.35 -8.47 9.33
CA CYS C 364 2.50 -8.27 10.15
C CYS C 364 3.72 -7.85 9.35
N TYR C 365 4.73 -7.35 10.06
CA TYR C 365 6.02 -7.05 9.46
C TYR C 365 7.11 -7.19 10.52
N THR C 366 8.36 -7.17 10.08
CA THR C 366 9.50 -7.18 11.00
C THR C 366 10.24 -5.86 10.95
N ASN C 367 11.10 -5.64 11.94
CA ASN C 367 11.79 -4.37 12.10
C ASN C 367 12.99 -4.22 11.17
N HIS C 368 13.42 -5.34 10.58
CA HIS C 368 14.46 -5.30 9.55
C HIS C 368 13.90 -5.36 8.12
N ALA C 369 12.56 -5.36 7.99
CA ALA C 369 11.89 -5.14 6.70
C ALA C 369 11.54 -3.66 6.48
N ASP C 370 11.32 -3.30 5.21
CA ASP C 370 11.05 -1.90 4.84
C ASP C 370 9.55 -1.55 5.01
N ALA C 371 9.15 -1.29 6.25
CA ALA C 371 7.78 -1.53 6.68
C ALA C 371 7.50 -0.84 8.01
N ASP C 372 6.25 -0.42 8.21
CA ASP C 372 5.81 0.09 9.52
C ASP C 372 4.34 -0.25 9.82
N GLN C 373 3.81 0.33 10.89
CA GLN C 373 2.50 -0.06 11.42
C GLN C 373 1.36 0.40 10.50
N ASN C 374 1.59 1.46 9.74
CA ASN C 374 0.63 1.94 8.75
C ASN C 374 0.41 0.93 7.60
N LEU C 375 1.44 0.12 7.30
CA LEU C 375 1.29 -1.04 6.38
C LEU C 375 0.33 -2.10 6.94
N ASN C 376 0.50 -2.44 8.24
CA ASN C 376 -0.43 -3.38 8.93
C ASN C 376 -1.87 -2.90 8.84
N GLU C 377 -2.05 -1.59 9.01
CA GLU C 377 -3.37 -1.00 9.03
C GLU C 377 -3.97 -0.89 7.63
N ASN C 378 -3.13 -0.57 6.64
CA ASN C 378 -3.50 -0.71 5.21
C ASN C 378 -4.00 -2.11 4.88
N LEU C 379 -3.21 -3.13 5.24
CA LEU C 379 -3.44 -4.48 4.78
C LEU C 379 -4.63 -5.13 5.49
N MET C 380 -4.75 -4.89 6.79
CA MET C 380 -5.83 -5.46 7.59
C MET C 380 -7.21 -4.98 7.11
N ILE C 381 -7.27 -3.75 6.61
CA ILE C 381 -8.52 -3.19 6.15
C ILE C 381 -8.89 -3.72 4.76
N LEU C 382 -7.90 -3.75 3.85
CA LEU C 382 -8.06 -4.40 2.52
C LEU C 382 -8.52 -5.86 2.64
N LEU C 383 -7.90 -6.60 3.56
CA LEU C 383 -8.22 -8.01 3.72
C LEU C 383 -9.56 -8.22 4.39
N ALA C 384 -9.93 -7.31 5.29
CA ALA C 384 -11.25 -7.32 5.90
C ALA C 384 -12.36 -7.13 4.86
N THR C 385 -12.11 -6.26 3.86
CA THR C 385 -13.04 -6.11 2.71
C THR C 385 -13.08 -7.37 1.84
N ALA C 386 -11.97 -8.11 1.82
CA ALA C 386 -11.91 -9.40 1.10
C ALA C 386 -12.59 -10.54 1.88
N GLY C 387 -13.10 -10.22 3.08
CA GLY C 387 -13.76 -11.22 3.93
C GLY C 387 -12.76 -12.14 4.62
N CYS C 388 -11.55 -11.62 4.88
CA CYS C 388 -10.59 -12.28 5.78
C CYS C 388 -11.25 -12.74 7.07
N ASN C 389 -11.12 -14.02 7.39
CA ASN C 389 -11.87 -14.63 8.48
C ASN C 389 -11.44 -14.12 9.83
N TYR C 390 -10.13 -13.84 9.97
CA TYR C 390 -9.59 -13.29 11.22
C TYR C 390 -8.21 -12.66 11.03
N ILE C 391 -7.87 -11.76 11.96
CA ILE C 391 -6.49 -11.30 12.14
C ILE C 391 -6.01 -11.60 13.57
N MET C 392 -4.80 -11.16 13.91
CA MET C 392 -4.31 -11.25 15.29
C MET C 392 -4.70 -10.04 16.11
N GLY C 393 -4.66 -10.19 17.42
CA GLY C 393 -4.64 -9.05 18.31
C GLY C 393 -3.57 -9.18 19.35
N MET C 394 -2.76 -8.12 19.48
CA MET C 394 -1.88 -7.94 20.63
C MET C 394 -1.96 -6.47 21.11
N PRO C 395 -1.50 -6.19 22.36
CA PRO C 395 -1.54 -4.81 22.86
C PRO C 395 -0.72 -3.85 21.99
N LEU C 396 -1.42 -2.97 21.25
CA LEU C 396 -0.80 -2.13 20.17
C LEU C 396 -0.03 -2.93 19.08
N GLY C 397 -0.14 -4.26 19.13
CA GLY C 397 0.47 -5.13 18.10
C GLY C 397 1.93 -5.49 18.42
N ASP C 398 2.41 -5.07 19.58
CA ASP C 398 3.80 -5.32 19.97
C ASP C 398 3.95 -6.71 20.60
N ASP C 399 4.53 -7.64 19.85
CA ASP C 399 4.94 -8.93 20.40
C ASP C 399 6.29 -8.86 21.05
N ILE C 400 6.33 -9.15 22.34
CA ILE C 400 7.47 -8.85 23.18
C ILE C 400 8.49 -10.02 23.20
N MET C 401 8.14 -11.12 22.52
CA MET C 401 8.99 -12.33 22.56
C MET C 401 9.15 -12.97 21.17
N LEU C 402 8.21 -12.72 20.26
CA LEU C 402 8.36 -13.13 18.86
C LEU C 402 9.03 -12.05 18.03
N ASN C 403 9.15 -10.85 18.61
CA ASN C 403 9.97 -9.76 18.02
C ASN C 403 9.48 -9.33 16.64
N TYR C 404 8.20 -8.98 16.56
CA TYR C 404 7.62 -8.41 15.36
C TYR C 404 6.38 -7.61 15.73
N GLN C 405 5.83 -6.89 14.76
CA GLN C 405 4.61 -6.15 14.99
C GLN C 405 3.46 -6.72 14.18
N THR C 406 2.43 -7.17 14.89
CA THR C 406 1.19 -7.54 14.28
C THR C 406 0.13 -6.44 14.51
N THR C 407 -1.15 -6.79 14.36
CA THR C 407 -2.23 -5.80 14.51
C THR C 407 -2.65 -5.61 15.97
N ALA C 408 -3.09 -4.39 16.30
CA ALA C 408 -3.57 -4.06 17.65
C ALA C 408 -4.93 -4.69 17.92
N PHE C 409 -5.25 -4.87 19.22
CA PHE C 409 -6.67 -5.07 19.65
C PHE C 409 -7.59 -3.99 19.08
N HIS C 410 -7.10 -2.74 19.12
CA HIS C 410 -7.79 -1.60 18.51
C HIS C 410 -8.22 -1.88 17.06
N ASP C 411 -7.38 -2.60 16.33
CA ASP C 411 -7.52 -2.72 14.89
C ASP C 411 -8.72 -3.60 14.50
N THR C 412 -9.02 -4.59 15.34
CA THR C 412 -10.20 -5.44 15.15
C THR C 412 -11.50 -4.66 15.44
N ALA C 413 -11.50 -3.91 16.54
CA ALA C 413 -12.61 -3.00 16.86
C ALA C 413 -12.81 -1.94 15.79
N THR C 414 -11.70 -1.43 15.25
CA THR C 414 -11.74 -0.44 14.17
C THR C 414 -12.39 -1.02 12.92
N VAL C 415 -11.88 -2.17 12.47
CA VAL C 415 -12.37 -2.84 11.28
C VAL C 415 -13.87 -3.15 11.38
N ARG C 416 -14.28 -3.64 12.55
CA ARG C 416 -15.67 -4.03 12.78
C ARG C 416 -16.61 -2.83 12.68
N GLN C 417 -16.20 -1.71 13.27
CA GLN C 417 -17.06 -0.54 13.35
C GLN C 417 -16.97 0.30 12.07
N LEU C 418 -15.84 0.19 11.37
CA LEU C 418 -15.67 0.82 10.05
C LEU C 418 -16.55 0.16 9.00
N LEU C 419 -16.57 -1.17 9.01
CA LEU C 419 -17.15 -1.93 7.92
C LEU C 419 -18.49 -2.56 8.31
N ASN C 420 -19.01 -2.18 9.49
CA ASN C 420 -20.27 -2.75 10.03
C ASN C 420 -20.22 -4.30 10.09
N LEU C 421 -19.10 -4.82 10.60
CA LEU C 421 -18.95 -6.26 10.77
C LEU C 421 -19.09 -6.65 12.24
N ARG C 422 -19.59 -7.86 12.47
CA ARG C 422 -19.81 -8.37 13.83
C ARG C 422 -18.76 -9.43 14.17
N PRO C 423 -18.55 -9.72 15.48
CA PRO C 423 -17.80 -10.93 15.86
C PRO C 423 -18.54 -12.19 15.44
N SER C 424 -17.87 -13.33 15.58
CA SER C 424 -18.57 -14.61 15.77
C SER C 424 -19.82 -14.43 16.63
N PRO C 425 -20.99 -14.94 16.15
CA PRO C 425 -22.29 -14.69 16.80
C PRO C 425 -22.34 -15.17 18.25
N GLU C 426 -21.68 -16.30 18.54
CA GLU C 426 -21.62 -16.83 19.91
C GLU C 426 -20.82 -15.88 20.81
N PHE C 427 -19.70 -15.39 20.30
CA PHE C 427 -18.80 -14.51 21.05
C PHE C 427 -19.42 -13.11 21.22
N GLU C 428 -20.09 -12.64 20.17
CA GLU C 428 -20.81 -11.35 20.23
C GLU C 428 -21.87 -11.34 21.34
N ARG C 429 -22.65 -12.43 21.43
CA ARG C 429 -23.62 -12.60 22.51
C ARG C 429 -22.98 -12.49 23.90
N TRP C 430 -21.81 -13.12 24.06
CA TRP C 430 -21.04 -13.03 25.31
C TRP C 430 -20.59 -11.58 25.60
N LEU C 431 -20.09 -10.90 24.56
CA LEU C 431 -19.65 -9.48 24.69
C LEU C 431 -20.81 -8.58 25.10
N GLU C 432 -22.00 -8.85 24.57
CA GLU C 432 -23.19 -8.06 24.90
C GLU C 432 -23.60 -8.24 26.35
N SER C 433 -23.50 -9.48 26.83
CA SER C 433 -23.88 -9.79 28.21
C SER C 433 -22.81 -9.30 29.22
N MET C 434 -21.57 -9.10 28.73
CA MET C 434 -20.50 -8.51 29.55
C MET C 434 -20.59 -6.97 29.59
N GLY C 435 -21.38 -6.40 28.68
CA GLY C 435 -21.49 -4.95 28.56
C GLY C 435 -20.35 -4.32 27.76
N ILE C 436 -19.63 -5.16 27.01
CA ILE C 436 -18.49 -4.70 26.21
C ILE C 436 -18.95 -4.22 24.81
N MET C 437 -19.95 -4.91 24.25
CA MET C 437 -20.45 -4.58 22.90
C MET C 437 -21.95 -4.29 22.92
N ALA C 438 -22.35 -3.24 22.21
CA ALA C 438 -23.75 -3.06 21.81
C ALA C 438 -23.84 -2.73 20.33
N ASN C 439 -24.69 -3.49 19.61
CA ASN C 439 -24.92 -3.28 18.16
C ASN C 439 -23.61 -3.24 17.34
N GLY C 440 -22.69 -4.15 17.66
CA GLY C 440 -21.44 -4.28 16.91
C GLY C 440 -20.36 -3.31 17.36
N ARG C 441 -20.70 -2.42 18.29
CA ARG C 441 -19.83 -1.33 18.66
C ARG C 441 -19.37 -1.46 20.11
N LEU C 442 -18.11 -1.11 20.37
CA LEU C 442 -17.61 -0.99 21.73
C LEU C 442 -18.42 0.02 22.52
N THR C 443 -18.91 -0.41 23.68
CA THR C 443 -19.55 0.49 24.63
C THR C 443 -18.52 1.44 25.26
N LYS C 444 -19.02 2.44 26.01
CA LYS C 444 -18.14 3.32 26.81
C LYS C 444 -17.18 2.53 27.73
N ARG C 445 -17.70 1.45 28.34
CA ARG C 445 -16.95 0.69 29.35
C ARG C 445 -15.88 -0.22 28.73
N ALA C 446 -15.96 -0.42 27.41
CA ALA C 446 -15.02 -1.32 26.71
C ALA C 446 -13.59 -0.75 26.66
N GLY C 447 -12.64 -1.58 26.27
CA GLY C 447 -11.22 -1.17 26.18
C GLY C 447 -10.56 -1.07 27.54
N ASP C 448 -11.19 -1.67 28.54
CA ASP C 448 -10.75 -1.52 29.93
C ASP C 448 -10.71 -2.90 30.60
N PRO C 449 -9.50 -3.48 30.72
CA PRO C 449 -9.32 -4.87 31.24
C PRO C 449 -9.73 -5.00 32.71
N SER C 450 -9.87 -3.87 33.41
CA SER C 450 -10.30 -3.87 34.81
C SER C 450 -11.82 -4.09 34.96
N LEU C 451 -12.54 -4.10 33.82
CA LEU C 451 -13.99 -4.48 33.79
C LEU C 451 -14.21 -5.89 34.34
N PHE C 452 -13.20 -6.75 34.22
CA PHE C 452 -13.32 -8.15 34.59
C PHE C 452 -13.02 -8.38 36.09
N PHE C 453 -12.85 -7.28 36.82
CA PHE C 453 -12.33 -7.34 38.20
C PHE C 453 -13.26 -6.65 39.17
N ALA D 55 6.22 18.14 30.49
CA ALA D 55 7.17 17.60 29.47
C ALA D 55 7.46 16.12 29.72
N LEU D 56 7.33 15.31 28.67
CA LEU D 56 7.51 13.86 28.78
C LEU D 56 8.47 13.34 27.71
N ASP D 57 9.52 12.64 28.15
CA ASP D 57 10.28 11.74 27.27
C ASP D 57 9.49 10.46 27.01
N LEU D 58 9.33 10.13 25.74
CA LEU D 58 8.59 8.93 25.34
C LEU D 58 9.41 7.65 25.60
N GLY D 59 10.73 7.83 25.80
CA GLY D 59 11.61 6.71 26.18
C GLY D 59 11.76 6.53 27.67
N SER D 60 11.13 7.41 28.46
CA SER D 60 11.25 7.39 29.93
C SER D 60 10.44 6.25 30.55
N ALA D 61 10.71 5.95 31.83
CA ALA D 61 9.96 4.93 32.57
C ALA D 61 8.52 5.38 32.90
N GLU D 62 8.33 6.69 33.03
CA GLU D 62 7.00 7.25 33.27
C GLU D 62 6.08 7.04 32.06
N ALA D 63 6.61 7.23 30.86
CA ALA D 63 5.88 6.95 29.61
C ALA D 63 5.57 5.47 29.45
N LYS D 64 6.51 4.62 29.91
CA LYS D 64 6.32 3.16 29.88
C LYS D 64 5.24 2.71 30.85
N ALA D 65 5.09 3.44 31.95
CA ALA D 65 4.16 3.04 33.02
C ALA D 65 2.76 3.65 32.82
N TRP D 66 2.58 4.39 31.72
CA TRP D 66 1.43 5.30 31.55
C TRP D 66 0.13 4.51 31.37
N ILE D 67 -0.86 4.83 32.19
CA ILE D 67 -2.19 4.25 32.03
C ILE D 67 -3.16 5.27 31.44
N GLY D 68 -3.78 4.93 30.32
CA GLY D 68 -4.52 5.88 29.52
C GLY D 68 -5.99 5.56 29.42
N VAL D 69 -6.43 4.52 30.15
CA VAL D 69 -7.86 4.22 30.26
C VAL D 69 -8.60 5.31 31.04
N GLU D 70 -9.67 5.84 30.44
CA GLU D 70 -10.11 7.20 30.72
C GLU D 70 -10.95 7.27 32.01
N ASN D 71 -12.01 6.46 32.07
CA ASN D 71 -12.82 6.34 33.28
C ASN D 71 -12.86 4.89 33.82
N PRO D 72 -11.74 4.45 34.45
CA PRO D 72 -11.49 3.02 34.68
C PRO D 72 -12.45 2.43 35.69
N HIS D 73 -12.83 1.17 35.50
CA HIS D 73 -13.60 0.43 36.48
C HIS D 73 -12.81 0.24 37.78
N ARG D 74 -11.55 -0.18 37.63
CA ARG D 74 -10.65 -0.36 38.80
C ARG D 74 -9.20 0.03 38.45
N ALA D 75 -8.81 1.25 38.80
CA ALA D 75 -7.54 1.83 38.34
C ALA D 75 -6.34 1.21 39.06
N ASP D 76 -6.56 0.67 40.25
CA ASP D 76 -5.52 -0.04 40.99
C ASP D 76 -5.18 -1.40 40.35
N VAL D 77 -6.22 -2.09 39.86
CA VAL D 77 -6.04 -3.27 39.01
C VAL D 77 -5.22 -2.92 37.75
N LEU D 78 -5.56 -1.79 37.11
CA LEU D 78 -4.85 -1.34 35.89
C LEU D 78 -3.36 -1.11 36.12
N THR D 79 -3.00 -0.56 37.29
CA THR D 79 -1.59 -0.41 37.69
C THR D 79 -0.91 -1.77 37.82
N GLU D 80 -1.59 -2.71 38.49
CA GLU D 80 -1.06 -4.06 38.71
C GLU D 80 -0.89 -4.82 37.37
N LEU D 81 -1.85 -4.64 36.46
CA LEU D 81 -1.77 -5.26 35.11
C LEU D 81 -0.61 -4.68 34.30
N ARG D 82 -0.44 -3.35 34.39
CA ARG D 82 0.70 -2.67 33.74
C ARG D 82 2.05 -3.13 34.31
N ARG D 83 2.08 -3.37 35.62
CA ARG D 83 3.29 -3.87 36.28
C ARG D 83 3.53 -5.37 36.01
N SER D 84 2.48 -6.07 35.59
CA SER D 84 2.54 -7.53 35.38
C SER D 84 3.31 -7.90 34.11
N THR D 85 3.42 -6.95 33.19
CA THR D 85 3.80 -7.25 31.81
C THR D 85 4.58 -6.09 31.17
N VAL D 86 5.42 -6.41 30.18
CA VAL D 86 6.08 -5.40 29.38
C VAL D 86 5.35 -5.15 28.03
N ALA D 87 4.33 -5.98 27.76
CA ALA D 87 3.33 -5.68 26.72
C ALA D 87 2.55 -4.40 27.03
N ARG D 88 2.05 -3.74 25.97
CA ARG D 88 1.59 -2.35 26.06
C ARG D 88 0.12 -2.28 26.43
N VAL D 89 -0.23 -2.84 27.58
CA VAL D 89 -1.62 -2.88 28.04
C VAL D 89 -2.04 -1.52 28.65
N CYS D 90 -3.35 -1.36 28.86
CA CYS D 90 -3.89 -0.34 29.81
C CYS D 90 -3.74 1.11 29.29
N THR D 91 -3.49 1.25 27.98
CA THR D 91 -3.29 2.59 27.38
C THR D 91 -4.62 3.20 26.93
N GLY D 92 -5.69 2.41 27.00
CA GLY D 92 -7.03 2.88 26.65
C GLY D 92 -7.22 3.09 25.17
N ARG D 93 -8.08 4.03 24.82
CA ARG D 93 -8.53 4.18 23.44
C ARG D 93 -9.07 5.58 23.16
N ALA D 94 -9.14 5.94 21.88
CA ALA D 94 -10.02 6.98 21.42
C ALA D 94 -10.91 6.47 20.30
N GLY D 95 -12.20 6.37 20.58
CA GLY D 95 -13.06 5.37 19.93
C GLY D 95 -12.41 4.00 19.91
N PRO D 96 -12.22 3.42 18.71
CA PRO D 96 -11.56 2.14 18.57
C PRO D 96 -10.06 2.28 18.24
N ARG D 97 -9.54 3.50 18.33
CA ARG D 97 -8.17 3.79 17.91
C ARG D 97 -7.27 3.99 19.15
N PRO D 98 -5.92 3.78 18.97
CA PRO D 98 -4.97 4.13 20.02
C PRO D 98 -5.09 5.59 20.45
N ARG D 99 -4.88 5.83 21.74
CA ARG D 99 -4.63 7.16 22.24
C ARG D 99 -3.33 7.72 21.71
N THR D 100 -3.24 9.04 21.67
CA THR D 100 -2.16 9.73 20.95
C THR D 100 -0.79 9.40 21.54
N GLN D 101 -0.70 9.44 22.88
CA GLN D 101 0.56 9.18 23.57
C GLN D 101 1.05 7.75 23.37
N ALA D 102 0.10 6.81 23.35
CA ALA D 102 0.41 5.41 23.07
C ALA D 102 0.93 5.20 21.64
N LEU D 103 0.28 5.88 20.68
CA LEU D 103 0.77 5.92 19.29
C LEU D 103 2.16 6.57 19.19
N LEU D 104 2.35 7.69 19.89
CA LEU D 104 3.62 8.42 19.87
C LEU D 104 4.78 7.57 20.41
N ARG D 105 4.52 6.84 21.50
CA ARG D 105 5.55 6.00 22.13
C ARG D 105 5.87 4.78 21.28
N PHE D 106 4.84 4.22 20.64
CA PHE D 106 5.00 3.17 19.62
C PHE D 106 5.97 3.62 18.52
N LEU D 107 5.72 4.80 17.95
CA LEU D 107 6.50 5.28 16.80
C LEU D 107 7.92 5.68 17.22
N ALA D 108 8.05 6.17 18.46
CA ALA D 108 9.38 6.46 19.05
C ALA D 108 10.21 5.20 19.19
N ASP D 109 9.59 4.12 19.67
CA ASP D 109 10.28 2.85 19.86
C ASP D 109 10.67 2.23 18.52
N HIS D 110 9.84 2.44 17.49
CA HIS D 110 10.10 1.88 16.17
C HIS D 110 11.25 2.59 15.46
N SER D 111 11.37 3.89 15.69
CA SER D 111 12.54 4.66 15.23
C SER D 111 13.85 4.13 15.84
N ARG D 112 13.80 3.76 17.13
CA ARG D 112 14.95 3.17 17.81
C ARG D 112 15.23 1.74 17.31
N SER D 113 14.15 1.01 16.97
CA SER D 113 14.27 -0.40 16.58
C SER D 113 14.87 -0.55 15.18
N LYS D 114 14.50 0.37 14.27
CA LYS D 114 15.14 0.46 12.94
C LYS D 114 16.67 0.64 13.04
N ASP D 115 17.10 1.41 14.04
CA ASP D 115 18.53 1.72 14.23
C ASP D 115 19.33 0.48 14.70
N THR D 116 18.68 -0.35 15.53
CA THR D 116 19.36 -1.50 16.15
C THR D 116 19.52 -2.66 15.17
N VAL D 117 18.72 -2.64 14.10
CA VAL D 117 18.92 -3.53 12.95
C VAL D 117 20.32 -3.35 12.31
N LEU D 118 20.65 -2.10 11.98
CA LEU D 118 21.85 -1.81 11.19
C LEU D 118 23.07 -1.54 12.08
N LYS D 119 22.88 -1.65 13.41
CA LYS D 119 23.96 -1.51 14.37
C LYS D 119 24.96 -2.66 14.24
N GLU D 120 26.24 -2.33 14.29
CA GLU D 120 27.30 -3.33 14.21
C GLU D 120 28.32 -3.16 15.32
N VAL D 121 29.01 -4.24 15.66
CA VAL D 121 30.15 -4.17 16.59
C VAL D 121 31.36 -3.52 15.92
N PRO D 122 32.15 -2.77 16.70
CA PRO D 122 33.60 -2.72 16.51
C PRO D 122 34.20 -4.12 16.46
N GLU D 123 35.00 -4.38 15.41
CA GLU D 123 36.00 -5.46 15.46
C GLU D 123 37.07 -5.19 16.52
N GLU D 124 37.21 -3.93 16.91
CA GLU D 124 38.01 -3.55 18.10
C GLU D 124 37.44 -4.16 19.39
N TRP D 125 36.11 -4.16 19.52
CA TRP D 125 35.42 -4.83 20.65
C TRP D 125 35.64 -6.34 20.62
N VAL D 126 35.55 -6.93 19.43
CA VAL D 126 35.65 -8.38 19.25
C VAL D 126 37.09 -8.87 19.55
N LYS D 127 38.08 -8.09 19.10
CA LYS D 127 39.49 -8.33 19.46
C LYS D 127 39.74 -8.17 20.97
N ALA D 128 39.01 -7.25 21.59
CA ALA D 128 39.19 -6.96 23.03
C ALA D 128 38.62 -8.07 23.92
N GLN D 129 37.65 -8.81 23.38
CA GLN D 129 37.13 -10.02 24.06
C GLN D 129 38.13 -11.17 24.03
N GLY D 130 39.05 -11.13 23.06
CA GLY D 130 39.97 -12.25 22.83
C GLY D 130 39.42 -13.25 21.82
N LEU D 131 38.44 -12.83 21.03
CA LEU D 131 37.89 -13.65 19.95
C LEU D 131 38.65 -13.43 18.65
N LEU D 132 39.00 -14.53 17.97
CA LEU D 132 39.05 -14.56 16.51
C LEU D 132 37.75 -14.06 15.89
N GLU D 133 37.85 -13.00 15.08
CA GLU D 133 36.79 -12.65 14.14
C GLU D 133 36.97 -13.36 12.80
N VAL D 134 35.91 -14.00 12.33
CA VAL D 134 35.87 -14.51 10.97
C VAL D 134 34.53 -14.11 10.26
N ARG D 135 34.55 -14.05 8.93
CA ARG D 135 33.39 -13.61 8.15
C ARG D 135 32.62 -14.81 7.56
N SER D 136 31.33 -14.61 7.29
CA SER D 136 30.62 -15.38 6.24
C SER D 136 30.94 -14.86 4.83
N GLU D 137 30.18 -15.34 3.83
CA GLU D 137 30.36 -14.89 2.43
C GLU D 137 29.85 -13.45 2.24
N ILE D 138 29.00 -13.00 3.16
CA ILE D 138 28.45 -11.65 3.13
C ILE D 138 29.54 -10.60 3.43
N SER D 139 29.57 -9.54 2.61
CA SER D 139 30.56 -8.45 2.77
C SER D 139 30.06 -7.36 3.74
N ASP D 140 28.79 -6.95 3.58
CA ASP D 140 28.25 -5.78 4.30
C ASP D 140 26.78 -6.01 4.75
N LYS D 141 26.29 -5.12 5.61
CA LYS D 141 25.02 -5.37 6.35
C LYS D 141 23.79 -5.32 5.44
N ASN D 142 23.87 -4.53 4.37
CA ASN D 142 22.77 -4.40 3.41
C ASN D 142 22.58 -5.66 2.56
N LEU D 143 23.68 -6.37 2.30
CA LEU D 143 23.62 -7.64 1.56
C LEU D 143 23.24 -8.81 2.48
N TYR D 144 23.58 -8.69 3.77
CA TYR D 144 23.17 -9.68 4.78
C TYR D 144 21.64 -9.80 4.88
N LEU D 145 20.96 -8.67 4.77
CA LEU D 145 19.52 -8.60 4.99
C LEU D 145 18.75 -9.24 3.83
N THR D 146 19.41 -9.36 2.67
CA THR D 146 18.73 -9.79 1.45
C THR D 146 19.22 -11.17 0.97
N ARG D 147 20.37 -11.61 1.49
CA ARG D 147 20.94 -12.92 1.12
C ARG D 147 21.16 -13.82 2.36
N PRO D 148 20.16 -14.68 2.67
CA PRO D 148 20.32 -15.77 3.63
C PRO D 148 21.31 -16.82 3.18
N ASP D 149 21.35 -17.07 1.87
CA ASP D 149 22.06 -18.24 1.32
C ASP D 149 23.58 -18.08 1.42
N MET D 150 24.04 -16.83 1.37
CA MET D 150 25.46 -16.52 1.55
C MET D 150 25.83 -16.47 3.03
N GLY D 151 24.84 -16.18 3.88
CA GLY D 151 25.09 -15.96 5.31
C GLY D 151 25.21 -17.25 6.11
N ARG D 152 24.81 -18.38 5.48
CA ARG D 152 25.01 -19.71 6.08
C ARG D 152 26.22 -20.42 5.49
N ARG D 153 27.01 -19.71 4.69
CA ARG D 153 28.27 -20.23 4.19
C ARG D 153 29.45 -19.35 4.60
N LEU D 154 30.55 -19.98 5.01
CA LEU D 154 31.80 -19.28 5.25
C LEU D 154 32.47 -18.88 3.94
N CYS D 155 33.16 -17.73 3.95
CA CYS D 155 33.88 -17.25 2.77
C CYS D 155 35.17 -18.04 2.52
N GLU D 157 38.49 -18.05 2.88
CA GLU D 157 39.43 -17.52 3.86
C GLU D 157 39.04 -17.92 5.28
N ALA D 158 37.74 -18.07 5.51
CA ALA D 158 37.21 -18.36 6.84
C ALA D 158 37.38 -19.84 7.20
N VAL D 159 37.32 -20.70 6.18
CA VAL D 159 37.68 -22.11 6.33
C VAL D 159 39.15 -22.27 6.75
N GLU D 160 40.03 -21.44 6.19
CA GLU D 160 41.47 -21.58 6.38
C GLU D 160 41.91 -21.04 7.75
N ALA D 161 41.21 -20.03 8.25
CA ALA D 161 41.47 -19.47 9.58
C ALA D 161 40.98 -20.41 10.69
N LEU D 162 39.89 -21.13 10.41
CA LEU D 162 39.30 -22.06 11.38
C LEU D 162 40.11 -23.36 11.46
N LYS D 163 40.73 -23.75 10.34
CA LYS D 163 41.49 -25.00 10.27
C LYS D 163 42.85 -24.86 10.96
N VAL D 167 41.13 -25.46 17.41
CA VAL D 167 41.53 -26.77 17.92
C VAL D 167 40.57 -27.87 17.46
N ALA D 168 41.11 -29.06 17.24
CA ALA D 168 40.54 -30.00 16.28
C ALA D 168 39.75 -31.10 16.99
N ASN D 169 38.54 -31.37 16.47
CA ASN D 169 37.55 -32.26 17.16
C ASN D 169 37.34 -31.94 18.67
N PRO D 170 36.59 -30.86 18.97
CA PRO D 170 36.05 -30.66 20.32
C PRO D 170 34.85 -31.57 20.60
N ASP D 171 34.64 -31.88 21.88
CA ASP D 171 33.32 -32.31 22.36
C ASP D 171 32.28 -31.20 22.19
N VAL D 172 32.67 -29.96 22.53
CA VAL D 172 31.73 -28.84 22.59
C VAL D 172 32.35 -27.56 22.02
N GLN D 173 31.66 -26.95 21.05
CA GLN D 173 32.24 -25.87 20.24
C GLN D 173 31.33 -24.66 20.25
N VAL D 174 31.82 -23.55 20.81
CA VAL D 174 31.01 -22.35 20.99
C VAL D 174 31.29 -21.33 19.88
N VAL D 175 30.24 -20.98 19.13
CA VAL D 175 30.32 -19.93 18.10
C VAL D 175 29.47 -18.71 18.52
N ILE D 176 30.02 -17.52 18.35
CA ILE D 176 29.27 -16.28 18.52
C ILE D 176 29.02 -15.60 17.16
N SER D 177 27.78 -15.15 16.94
CA SER D 177 27.48 -14.28 15.80
C SER D 177 26.58 -13.13 16.20
N ASP D 178 26.79 -11.97 15.57
CA ASP D 178 25.87 -10.83 15.69
C ASP D 178 24.48 -11.16 15.11
N GLY D 179 24.46 -11.86 13.97
CA GLY D 179 23.22 -12.21 13.30
C GLY D 179 22.38 -11.00 12.96
N LEU D 180 21.22 -10.89 13.59
CA LEU D 180 20.24 -9.87 13.25
C LEU D 180 20.15 -8.78 14.33
N SER D 181 20.83 -9.00 15.46
CA SER D 181 20.94 -7.98 16.51
C SER D 181 22.32 -8.01 17.16
N THR D 182 23.08 -6.92 16.96
CA THR D 182 24.37 -6.73 17.63
C THR D 182 24.21 -6.56 19.14
N ASP D 183 23.16 -5.83 19.54
CA ASP D 183 22.88 -5.56 20.97
C ASP D 183 22.69 -6.85 21.79
N ALA D 184 22.17 -7.90 21.13
CA ALA D 184 21.95 -9.20 21.78
C ALA D 184 23.26 -9.84 22.28
N ILE D 185 24.34 -9.64 21.52
CA ILE D 185 25.62 -10.29 21.82
C ILE D 185 26.66 -9.28 22.36
N THR D 186 26.23 -8.04 22.57
CA THR D 186 27.09 -7.01 23.16
C THR D 186 26.69 -6.69 24.61
N VAL D 187 25.38 -6.55 24.85
CA VAL D 187 24.84 -6.37 26.21
C VAL D 187 25.08 -7.63 27.09
N ASN D 188 24.90 -8.81 26.50
CA ASN D 188 24.79 -10.04 27.26
C ASN D 188 26.14 -10.72 27.54
N TYR D 189 27.18 -10.30 26.80
CA TYR D 189 28.33 -11.18 26.48
C TYR D 189 29.10 -11.60 27.73
N GLU D 190 29.40 -10.62 28.58
CA GLU D 190 30.20 -10.87 29.79
C GLU D 190 29.43 -11.70 30.83
N GLU D 191 28.10 -11.65 30.73
CA GLU D 191 27.23 -12.34 31.68
C GLU D 191 27.00 -13.80 31.28
N ILE D 192 27.05 -14.08 29.97
CA ILE D 192 26.72 -15.43 29.45
C ILE D 192 27.98 -16.30 29.21
N LEU D 193 29.01 -15.70 28.60
CA LEU D 193 30.05 -16.47 27.89
C LEU D 193 31.15 -17.03 28.83
N PRO D 194 31.68 -16.17 29.78
CA PRO D 194 32.64 -16.68 30.79
C PRO D 194 32.10 -17.90 31.66
N PRO D 195 30.85 -17.79 32.24
CA PRO D 195 30.38 -18.90 33.08
C PRO D 195 29.78 -20.07 32.27
N LEU D 196 29.60 -19.86 30.95
CA LEU D 196 29.48 -20.97 30.00
C LEU D 196 30.82 -21.69 29.81
N MET D 197 31.89 -20.92 29.60
CA MET D 197 33.22 -21.48 29.31
C MET D 197 33.86 -22.07 30.56
N ALA D 198 33.46 -21.55 31.72
CA ALA D 198 33.71 -22.23 32.99
C ALA D 198 32.97 -23.57 33.07
N GLY D 199 31.68 -23.55 32.75
CA GLY D 199 30.79 -24.68 33.05
C GLY D 199 31.08 -25.91 32.20
N LEU D 200 31.47 -25.68 30.94
CA LEU D 200 31.89 -26.76 30.04
C LEU D 200 33.26 -27.32 30.44
N LYS D 201 34.10 -26.47 31.02
CA LYS D 201 35.44 -26.88 31.48
C LYS D 201 35.36 -27.66 32.81
N GLN D 202 34.38 -27.31 33.64
CA GLN D 202 34.38 -27.73 35.04
C GLN D 202 33.59 -29.02 35.26
N ALA D 203 34.28 -30.16 35.15
CA ALA D 203 33.68 -31.46 34.73
C ALA D 203 32.76 -31.33 33.48
N GLY D 204 33.28 -31.73 32.32
CA GLY D 204 34.60 -31.30 31.87
C GLY D 204 35.25 -32.29 30.92
N LEU D 205 34.98 -32.13 29.64
CA LEU D 205 35.93 -32.56 28.59
C LEU D 205 36.14 -31.45 27.54
N LYS D 206 36.26 -31.86 26.28
CA LYS D 206 37.13 -31.16 25.33
C LYS D 206 36.40 -29.96 24.71
N VAL D 207 36.67 -28.78 25.25
CA VAL D 207 35.96 -27.56 24.84
C VAL D 207 36.80 -26.77 23.80
N GLY D 208 36.18 -26.48 22.65
CA GLY D 208 36.89 -25.88 21.52
C GLY D 208 37.12 -24.39 21.70
N THR D 209 37.81 -23.79 20.74
CA THR D 209 38.14 -22.36 20.81
C THR D 209 36.95 -21.49 20.39
N PRO D 210 36.55 -20.54 21.26
CA PRO D 210 35.44 -19.61 20.97
C PRO D 210 35.84 -18.56 19.93
N PHE D 211 34.96 -18.32 18.96
CA PHE D 211 35.25 -17.40 17.86
C PHE D 211 33.99 -16.71 17.33
N PHE D 212 34.19 -15.63 16.57
CA PHE D 212 33.11 -14.75 16.18
C PHE D 212 32.91 -14.79 14.66
N VAL D 213 31.77 -15.32 14.22
CA VAL D 213 31.36 -15.23 12.82
C VAL D 213 30.55 -13.96 12.57
N ARG D 214 31.11 -13.06 11.76
CA ARG D 214 30.39 -11.90 11.29
C ARG D 214 29.35 -12.28 10.22
N TYR D 215 28.16 -11.67 10.31
CA TYR D 215 27.07 -11.87 9.32
C TYR D 215 26.61 -13.34 9.23
N GLY D 216 26.48 -13.99 10.39
CA GLY D 216 26.10 -15.41 10.44
C GLY D 216 24.59 -15.61 10.45
N ARG D 217 24.13 -16.57 9.65
CA ARG D 217 22.81 -17.19 9.86
C ARG D 217 22.95 -18.68 10.13
N VAL D 218 22.01 -19.24 10.89
CA VAL D 218 22.34 -20.27 11.91
C VAL D 218 22.75 -21.62 11.29
N LYS D 219 22.44 -21.80 10.00
CA LYS D 219 22.84 -23.00 9.25
C LYS D 219 24.36 -22.99 8.91
N ILE D 220 25.04 -21.89 9.27
CA ILE D 220 26.52 -21.82 9.19
C ILE D 220 27.21 -22.78 10.20
N GLU D 221 26.48 -23.16 11.26
CA GLU D 221 27.02 -24.02 12.31
C GLU D 221 27.15 -25.50 11.85
N ASP D 222 26.50 -25.82 10.73
CA ASP D 222 26.64 -27.14 10.09
C ASP D 222 27.98 -27.26 9.35
N GLN D 223 28.41 -26.17 8.72
CA GLN D 223 29.73 -26.11 8.10
C GLN D 223 30.85 -26.06 9.15
N ILE D 224 30.59 -25.34 10.25
CA ILE D 224 31.55 -25.23 11.36
C ILE D 224 31.77 -26.59 12.06
N GLY D 225 30.69 -27.35 12.22
CA GLY D 225 30.76 -28.73 12.74
C GLY D 225 31.53 -29.68 11.82
N GLU D 226 31.42 -29.45 10.51
CA GLU D 226 32.05 -30.32 9.52
C GLU D 226 33.56 -30.06 9.41
N ILE D 227 33.94 -28.78 9.48
CA ILE D 227 35.36 -28.39 9.37
C ILE D 227 36.14 -28.76 10.64
N LEU D 228 35.63 -28.33 11.80
CA LEU D 228 36.37 -28.45 13.05
C LEU D 228 36.22 -29.84 13.67
N GLY D 229 35.17 -30.55 13.26
CA GLY D 229 34.98 -31.95 13.67
C GLY D 229 34.22 -32.06 14.99
N ALA D 230 33.28 -31.15 15.21
CA ALA D 230 32.70 -30.95 16.55
C ALA D 230 31.57 -31.95 16.82
N LYS D 231 31.57 -32.52 18.02
CA LYS D 231 30.48 -33.38 18.47
C LYS D 231 29.23 -32.55 18.80
N VAL D 232 29.42 -31.45 19.54
CA VAL D 232 28.36 -30.44 19.71
C VAL D 232 28.85 -29.07 19.22
N VAL D 233 28.08 -28.46 18.32
CA VAL D 233 28.19 -27.01 18.08
C VAL D 233 27.07 -26.26 18.77
N ILE D 234 27.46 -25.28 19.58
CA ILE D 234 26.50 -24.32 20.14
C ILE D 234 26.74 -22.89 19.59
N LEU D 235 25.71 -22.32 18.98
CA LEU D 235 25.81 -20.98 18.39
C LEU D 235 24.94 -19.98 19.15
N LEU D 236 25.58 -18.97 19.73
CA LEU D 236 24.87 -17.85 20.35
C LEU D 236 24.74 -16.67 19.38
N VAL D 237 23.50 -16.30 19.06
CA VAL D 237 23.23 -15.41 17.93
C VAL D 237 22.06 -14.45 18.22
N GLY D 238 22.15 -13.23 17.67
CA GLY D 238 21.06 -12.27 17.78
C GLY D 238 19.87 -12.62 16.90
N GLU D 239 18.72 -12.79 17.53
CA GLU D 239 17.45 -12.85 16.80
C GLU D 239 16.99 -11.46 16.39
N ARG D 240 16.07 -11.41 15.42
CA ARG D 240 15.62 -10.14 14.85
C ARG D 240 15.04 -9.21 15.93
N PRO D 241 15.33 -7.89 15.84
CA PRO D 241 15.03 -6.95 16.92
C PRO D 241 13.52 -6.76 17.10
N GLY D 242 13.07 -6.73 18.34
CA GLY D 242 11.69 -6.38 18.64
C GLY D 242 11.50 -4.89 18.81
N LEU D 243 10.25 -4.49 19.10
CA LEU D 243 9.88 -3.06 19.16
C LEU D 243 10.58 -2.36 20.32
N GLY D 244 10.46 -2.92 21.52
CA GLY D 244 10.92 -2.26 22.74
C GLY D 244 12.30 -2.72 23.19
N GLN D 245 12.90 -3.60 22.40
CA GLN D 245 13.86 -4.59 22.91
C GLN D 245 14.73 -5.14 21.79
N SER D 246 16.05 -5.12 22.01
CA SER D 246 17.00 -5.52 20.98
C SER D 246 18.09 -6.46 21.50
N GLU D 247 18.00 -6.82 22.78
CA GLU D 247 19.07 -7.60 23.43
C GLU D 247 18.69 -9.08 23.62
N SER D 248 17.68 -9.55 22.89
CA SER D 248 17.23 -10.95 22.98
C SER D 248 18.17 -11.90 22.26
N LEU D 249 18.85 -12.76 23.03
CA LEU D 249 19.78 -13.76 22.46
C LEU D 249 19.09 -15.12 22.26
N SER D 250 19.44 -15.80 21.18
CA SER D 250 19.11 -17.23 21.02
C SER D 250 20.37 -18.09 21.01
N CYS D 251 20.27 -19.27 21.61
CA CYS D 251 21.22 -20.34 21.35
C CYS D 251 20.62 -21.42 20.44
N TYR D 252 21.28 -21.69 19.32
CA TYR D 252 20.99 -22.86 18.49
C TYR D 252 22.12 -23.86 18.56
N ALA D 253 21.78 -25.14 18.73
CA ALA D 253 22.76 -26.16 19.08
C ALA D 253 22.43 -27.50 18.45
N VAL D 254 23.39 -28.08 17.73
CA VAL D 254 23.27 -29.43 17.17
C VAL D 254 24.28 -30.39 17.79
N TYR D 255 23.88 -31.65 17.94
CA TYR D 255 24.82 -32.77 17.91
C TYR D 255 25.27 -33.08 16.48
N SER D 256 26.56 -32.86 16.22
CA SER D 256 27.31 -33.58 15.14
C SER D 256 26.70 -33.35 13.74
N PRO D 257 26.75 -32.07 13.26
CA PRO D 257 25.95 -31.67 12.11
C PRO D 257 26.62 -32.03 10.77
N ARG D 258 25.82 -32.13 9.72
CA ARG D 258 26.32 -32.38 8.37
C ARG D 258 25.46 -31.68 7.32
N MET D 259 26.10 -31.01 6.36
CA MET D 259 25.45 -29.94 5.57
C MET D 259 24.37 -30.50 4.65
N ALA D 260 24.61 -31.72 4.13
CA ALA D 260 23.66 -32.38 3.24
C ALA D 260 22.47 -32.95 4.02
N THR D 261 22.72 -33.39 5.26
CA THR D 261 21.88 -34.41 5.89
C THR D 261 20.92 -33.79 6.93
N THR D 262 21.43 -32.87 7.73
CA THR D 262 20.74 -32.44 8.94
C THR D 262 19.66 -31.38 8.64
N VAL D 263 18.60 -31.39 9.43
CA VAL D 263 17.49 -30.45 9.24
C VAL D 263 17.35 -29.53 10.46
N GLU D 264 16.41 -28.58 10.37
CA GLU D 264 16.24 -27.57 11.41
C GLU D 264 15.66 -28.17 12.70
N ALA D 265 14.89 -29.25 12.54
CA ALA D 265 14.31 -29.97 13.69
C ALA D 265 15.38 -30.65 14.56
N ASP D 266 16.57 -30.86 13.97
CA ASP D 266 17.67 -31.55 14.67
C ASP D 266 18.40 -30.63 15.67
N ARG D 267 18.14 -29.33 15.57
CA ARG D 267 18.68 -28.36 16.55
C ARG D 267 17.76 -28.24 17.76
N THR D 268 18.37 -28.06 18.93
CA THR D 268 17.68 -27.42 20.06
C THR D 268 17.84 -25.91 20.02
N CYS D 269 16.70 -25.21 20.02
CA CYS D 269 16.67 -23.78 20.32
C CYS D 269 16.44 -23.54 21.82
N ILE D 270 17.22 -22.63 22.40
CA ILE D 270 16.78 -21.88 23.57
C ILE D 270 16.84 -20.36 23.32
N SER D 271 15.70 -19.70 23.48
CA SER D 271 15.49 -18.36 22.96
C SER D 271 15.19 -17.38 24.08
N ASN D 272 15.06 -16.10 23.70
CA ASN D 272 14.71 -15.02 24.66
C ASN D 272 15.65 -14.96 25.89
N ILE D 273 16.94 -15.16 25.64
CA ILE D 273 17.95 -14.90 26.66
C ILE D 273 18.29 -13.40 26.71
N HIS D 274 17.68 -12.72 27.70
CA HIS D 274 18.18 -11.43 28.17
C HIS D 274 17.74 -11.20 29.62
N GLN D 275 17.87 -9.97 30.10
CA GLN D 275 17.57 -9.64 31.49
C GLN D 275 16.06 -9.69 31.80
N GLY D 276 15.24 -9.50 30.75
CA GLY D 276 13.77 -9.62 30.88
C GLY D 276 13.23 -10.92 30.30
N GLY D 277 14.12 -11.84 29.98
CA GLY D 277 13.73 -13.24 29.73
C GLY D 277 14.31 -14.20 30.77
N THR D 278 14.99 -15.24 30.29
CA THR D 278 15.94 -15.98 31.12
C THR D 278 17.32 -15.28 31.16
N PRO D 279 17.80 -14.93 32.37
CA PRO D 279 19.07 -14.21 32.57
C PRO D 279 20.26 -14.99 32.00
N PRO D 280 21.24 -14.26 31.40
CA PRO D 280 22.41 -14.86 30.72
C PRO D 280 23.27 -15.76 31.64
N VAL D 281 23.36 -15.39 32.92
CA VAL D 281 24.02 -16.25 33.94
C VAL D 281 23.23 -17.56 34.18
N GLU D 282 21.91 -17.41 34.36
CA GLU D 282 21.01 -18.57 34.48
C GLU D 282 21.05 -19.46 33.22
N ALA D 283 21.09 -18.81 32.05
CA ALA D 283 20.99 -19.52 30.77
C ALA D 283 22.32 -20.16 30.36
N ALA D 284 23.42 -19.67 30.95
CA ALA D 284 24.74 -20.31 30.79
C ALA D 284 24.73 -21.73 31.35
N ALA D 285 24.10 -21.91 32.51
CA ALA D 285 24.03 -23.21 33.17
C ALA D 285 23.12 -24.19 32.43
N VAL D 286 22.09 -23.65 31.78
CA VAL D 286 21.08 -24.49 31.12
C VAL D 286 21.53 -24.96 29.72
N ILE D 287 22.50 -24.26 29.13
CA ILE D 287 23.14 -24.70 27.88
C ILE D 287 24.22 -25.77 28.15
N VAL D 288 25.02 -25.56 29.22
CA VAL D 288 26.00 -26.56 29.69
C VAL D 288 25.30 -27.90 30.05
N ASP D 289 24.18 -27.81 30.77
CA ASP D 289 23.32 -28.98 31.05
C ASP D 289 22.80 -29.63 29.76
N LEU D 290 22.45 -28.80 28.78
CA LEU D 290 21.94 -29.28 27.49
C LEU D 290 23.06 -29.94 26.66
N ALA D 291 24.28 -29.40 26.77
CA ALA D 291 25.42 -29.86 25.96
C ALA D 291 25.88 -31.27 26.36
N LYS D 292 25.85 -31.55 27.66
CA LYS D 292 26.25 -32.87 28.17
C LYS D 292 25.10 -33.88 28.07
N ARG D 293 23.87 -33.37 27.99
CA ARG D 293 22.71 -34.20 27.63
C ARG D 293 22.75 -34.60 26.16
N MET D 294 23.29 -33.72 25.31
CA MET D 294 23.50 -34.03 23.89
C MET D 294 24.60 -35.09 23.70
N LEU D 295 25.67 -34.98 24.49
CA LEU D 295 26.81 -35.90 24.36
C LEU D 295 26.48 -37.29 24.92
N GLU D 296 25.58 -37.33 25.90
CA GLU D 296 25.09 -38.59 26.46
C GLU D 296 24.18 -39.33 25.46
N GLN D 297 23.22 -38.59 24.89
CA GLN D 297 22.14 -39.20 24.12
C GLN D 297 22.55 -39.50 22.67
N LYS D 298 23.68 -38.89 22.26
CA LYS D 298 24.04 -38.77 20.81
C LYS D 298 22.89 -38.18 19.96
N ALA D 299 22.26 -37.13 20.48
CA ALA D 299 20.98 -36.63 19.92
C ALA D 299 20.75 -35.17 20.32
N SER D 300 20.13 -34.42 19.42
CA SER D 300 19.72 -33.05 19.73
C SER D 300 18.34 -32.72 19.14
N GLY D 301 17.63 -31.80 19.80
CA GLY D 301 16.37 -31.28 19.27
C GLY D 301 15.23 -32.27 19.39
N ILE D 302 14.65 -32.63 18.24
CA ILE D 302 13.47 -33.51 18.21
C ILE D 302 13.87 -34.99 18.43
N ASN D 303 15.17 -35.28 18.33
CA ASN D 303 15.69 -36.64 18.57
C ASN D 303 16.00 -36.88 20.05
N MET D 304 15.84 -35.85 20.88
CA MET D 304 16.17 -35.93 22.31
C MET D 304 14.99 -36.48 23.12
N THR D 305 15.30 -37.08 24.27
CA THR D 305 14.26 -37.45 25.25
C THR D 305 13.75 -36.24 26.04
N ARG D 306 13.13 -36.49 27.20
CA ARG D 306 11.68 -36.31 27.36
C ARG D 306 11.17 -34.99 26.78
#